data_6JJ5
# 
_entry.id   6JJ5 
# 
_audit_conform.dict_name       mmcif_pdbx.dic 
_audit_conform.dict_version    5.387 
_audit_conform.dict_location   http://mmcif.pdb.org/dictionaries/ascii/mmcif_pdbx.dic 
# 
loop_
_database_2.database_id 
_database_2.database_code 
_database_2.pdbx_database_accession 
_database_2.pdbx_DOI 
PDB   6JJ5         pdb_00006jj5 10.2210/pdb6jj5/pdb 
WWPDB D_1300011210 ?            ?                   
# 
loop_
_pdbx_audit_revision_history.ordinal 
_pdbx_audit_revision_history.data_content_type 
_pdbx_audit_revision_history.major_revision 
_pdbx_audit_revision_history.minor_revision 
_pdbx_audit_revision_history.revision_date 
1 'Structure model' 1 0 2020-02-26 
2 'Structure model' 1 1 2024-03-27 
# 
_pdbx_audit_revision_details.ordinal             1 
_pdbx_audit_revision_details.revision_ordinal    1 
_pdbx_audit_revision_details.data_content_type   'Structure model' 
_pdbx_audit_revision_details.provider            repository 
_pdbx_audit_revision_details.type                'Initial release' 
_pdbx_audit_revision_details.description         ? 
_pdbx_audit_revision_details.details             ? 
# 
loop_
_pdbx_audit_revision_group.ordinal 
_pdbx_audit_revision_group.revision_ordinal 
_pdbx_audit_revision_group.data_content_type 
_pdbx_audit_revision_group.group 
1 2 'Structure model' 'Data collection'     
2 2 'Structure model' 'Database references' 
# 
loop_
_pdbx_audit_revision_category.ordinal 
_pdbx_audit_revision_category.revision_ordinal 
_pdbx_audit_revision_category.data_content_type 
_pdbx_audit_revision_category.category 
1 2 'Structure model' chem_comp_atom 
2 2 'Structure model' chem_comp_bond 
3 2 'Structure model' database_2     
# 
loop_
_pdbx_audit_revision_item.ordinal 
_pdbx_audit_revision_item.revision_ordinal 
_pdbx_audit_revision_item.data_content_type 
_pdbx_audit_revision_item.item 
1 2 'Structure model' '_database_2.pdbx_DOI'                
2 2 'Structure model' '_database_2.pdbx_database_accession' 
# 
_pdbx_database_status.status_code                     REL 
_pdbx_database_status.status_code_sf                  REL 
_pdbx_database_status.status_code_mr                  ? 
_pdbx_database_status.entry_id                        6JJ5 
_pdbx_database_status.recvd_initial_deposition_date   2019-02-25 
_pdbx_database_status.SG_entry                        N 
_pdbx_database_status.deposit_site                    PDBJ 
_pdbx_database_status.process_site                    PDBJ 
_pdbx_database_status.status_code_cs                  ? 
_pdbx_database_status.methods_development_category    ? 
_pdbx_database_status.pdb_format_compatible           Y 
_pdbx_database_status.status_code_nmr_data            ? 
# 
loop_
_audit_author.name 
_audit_author.pdbx_ordinal 
_audit_author.identifier_ORCID 
'Xu, J.'    1 ? 
'Chen, Y.'  2 ? 
'Jiang, F.' 3 ? 
'Zhu, J.'   4 ? 
# 
_citation.abstract                  ? 
_citation.abstract_id_CAS           ? 
_citation.book_id_ISBN              ? 
_citation.book_publisher            ? 
_citation.book_publisher_city       ? 
_citation.book_title                ? 
_citation.coordinate_linkage        ? 
_citation.country                   ? 
_citation.database_id_Medline       ? 
_citation.details                   ? 
_citation.id                        primary 
_citation.journal_abbrev            'To Be Published' 
_citation.journal_id_ASTM           ? 
_citation.journal_id_CSD            0353 
_citation.journal_id_ISSN           ? 
_citation.journal_full              ? 
_citation.journal_issue             ? 
_citation.journal_volume            ? 
_citation.language                  ? 
_citation.page_first                ? 
_citation.page_last                 ? 
_citation.title                     'BRD4 in complex with ZZM1' 
_citation.year                      ? 
_citation.database_id_CSD           ? 
_citation.pdbx_database_id_DOI      ? 
_citation.pdbx_database_id_PubMed   ? 
_citation.unpublished_flag          ? 
# 
loop_
_citation_author.citation_id 
_citation_author.name 
_citation_author.ordinal 
_citation_author.identifier_ORCID 
primary 'Xu, J.'    1 ? 
primary 'Zhu, J.'   2 ? 
primary 'Chen, Y.'  3 ? 
primary 'Jiang, F.' 4 ? 
# 
loop_
_entity.id 
_entity.type 
_entity.src_method 
_entity.pdbx_description 
_entity.formula_weight 
_entity.pdbx_number_of_molecules 
_entity.pdbx_ec 
_entity.pdbx_mutation 
_entity.pdbx_fragment 
_entity.details 
1 polymer     man 'Bromodomain-containing protein 4'                                                                             
14883.188 1   ? ? ? ? 
2 non-polymer syn "3-((1-methyl-2-oxo-1,2,2a1,5a-tetrahydro-6H-pyrido[3',2':6,7]azepino[4,3,2-cd]isoindol-6-yl)methyl)benzamide" 
382.415   1   ? ? ? ? 
3 water       nat water                                                                                                          
18.015    181 ? ? ? ? 
# 
_entity_name_com.entity_id   1 
_entity_name_com.name        'Protein HUNK1' 
# 
_entity_poly.entity_id                      1 
_entity_poly.type                           'polypeptide(L)' 
_entity_poly.nstd_linkage                   no 
_entity_poly.nstd_monomer                   no 
_entity_poly.pdbx_seq_one_letter_code       
;MNPPPPETSNPNKPKRQTNQLQYLLRVVLKTLWKHQFAWPFQQPVDAVKLNLPDYYKIIKTPMDMGTIKKRLENNYYWNA
QECIQDFNTMFTNCYIYNKPGDDIVLMAEALEKLFLQKINELPTE
;
_entity_poly.pdbx_seq_one_letter_code_can   
;MNPPPPETSNPNKPKRQTNQLQYLLRVVLKTLWKHQFAWPFQQPVDAVKLNLPDYYKIIKTPMDMGTIKKRLENNYYWNA
QECIQDFNTMFTNCYIYNKPGDDIVLMAEALEKLFLQKINELPTE
;
_entity_poly.pdbx_strand_id                 A 
_entity_poly.pdbx_target_identifier         ? 
# 
loop_
_pdbx_entity_nonpoly.entity_id 
_pdbx_entity_nonpoly.name 
_pdbx_entity_nonpoly.comp_id 
2 "3-((1-methyl-2-oxo-1,2,2a1,5a-tetrahydro-6H-pyrido[3',2':6,7]azepino[4,3,2-cd]isoindol-6-yl)methyl)benzamide" C6X 
3 water                                                                                                          HOH 
# 
loop_
_entity_poly_seq.entity_id 
_entity_poly_seq.num 
_entity_poly_seq.mon_id 
_entity_poly_seq.hetero 
1 1   MET n 
1 2   ASN n 
1 3   PRO n 
1 4   PRO n 
1 5   PRO n 
1 6   PRO n 
1 7   GLU n 
1 8   THR n 
1 9   SER n 
1 10  ASN n 
1 11  PRO n 
1 12  ASN n 
1 13  LYS n 
1 14  PRO n 
1 15  LYS n 
1 16  ARG n 
1 17  GLN n 
1 18  THR n 
1 19  ASN n 
1 20  GLN n 
1 21  LEU n 
1 22  GLN n 
1 23  TYR n 
1 24  LEU n 
1 25  LEU n 
1 26  ARG n 
1 27  VAL n 
1 28  VAL n 
1 29  LEU n 
1 30  LYS n 
1 31  THR n 
1 32  LEU n 
1 33  TRP n 
1 34  LYS n 
1 35  HIS n 
1 36  GLN n 
1 37  PHE n 
1 38  ALA n 
1 39  TRP n 
1 40  PRO n 
1 41  PHE n 
1 42  GLN n 
1 43  GLN n 
1 44  PRO n 
1 45  VAL n 
1 46  ASP n 
1 47  ALA n 
1 48  VAL n 
1 49  LYS n 
1 50  LEU n 
1 51  ASN n 
1 52  LEU n 
1 53  PRO n 
1 54  ASP n 
1 55  TYR n 
1 56  TYR n 
1 57  LYS n 
1 58  ILE n 
1 59  ILE n 
1 60  LYS n 
1 61  THR n 
1 62  PRO n 
1 63  MET n 
1 64  ASP n 
1 65  MET n 
1 66  GLY n 
1 67  THR n 
1 68  ILE n 
1 69  LYS n 
1 70  LYS n 
1 71  ARG n 
1 72  LEU n 
1 73  GLU n 
1 74  ASN n 
1 75  ASN n 
1 76  TYR n 
1 77  TYR n 
1 78  TRP n 
1 79  ASN n 
1 80  ALA n 
1 81  GLN n 
1 82  GLU n 
1 83  CYS n 
1 84  ILE n 
1 85  GLN n 
1 86  ASP n 
1 87  PHE n 
1 88  ASN n 
1 89  THR n 
1 90  MET n 
1 91  PHE n 
1 92  THR n 
1 93  ASN n 
1 94  CYS n 
1 95  TYR n 
1 96  ILE n 
1 97  TYR n 
1 98  ASN n 
1 99  LYS n 
1 100 PRO n 
1 101 GLY n 
1 102 ASP n 
1 103 ASP n 
1 104 ILE n 
1 105 VAL n 
1 106 LEU n 
1 107 MET n 
1 108 ALA n 
1 109 GLU n 
1 110 ALA n 
1 111 LEU n 
1 112 GLU n 
1 113 LYS n 
1 114 LEU n 
1 115 PHE n 
1 116 LEU n 
1 117 GLN n 
1 118 LYS n 
1 119 ILE n 
1 120 ASN n 
1 121 GLU n 
1 122 LEU n 
1 123 PRO n 
1 124 THR n 
1 125 GLU n 
# 
_entity_src_gen.entity_id                          1 
_entity_src_gen.pdbx_src_id                        1 
_entity_src_gen.pdbx_alt_source_flag               sample 
_entity_src_gen.pdbx_seq_type                      'Biological sequence' 
_entity_src_gen.pdbx_beg_seq_num                   1 
_entity_src_gen.pdbx_end_seq_num                   125 
_entity_src_gen.gene_src_common_name               Human 
_entity_src_gen.gene_src_genus                     ? 
_entity_src_gen.pdbx_gene_src_gene                 'BRD4, HUNK1' 
_entity_src_gen.gene_src_species                   ? 
_entity_src_gen.gene_src_strain                    ? 
_entity_src_gen.gene_src_tissue                    ? 
_entity_src_gen.gene_src_tissue_fraction           ? 
_entity_src_gen.gene_src_details                   ? 
_entity_src_gen.pdbx_gene_src_fragment             ? 
_entity_src_gen.pdbx_gene_src_scientific_name      'Homo sapiens' 
_entity_src_gen.pdbx_gene_src_ncbi_taxonomy_id     9606 
_entity_src_gen.pdbx_gene_src_variant              ? 
_entity_src_gen.pdbx_gene_src_cell_line            ? 
_entity_src_gen.pdbx_gene_src_atcc                 ? 
_entity_src_gen.pdbx_gene_src_organ                ? 
_entity_src_gen.pdbx_gene_src_organelle            ? 
_entity_src_gen.pdbx_gene_src_cell                 ? 
_entity_src_gen.pdbx_gene_src_cellular_location    ? 
_entity_src_gen.host_org_common_name               ? 
_entity_src_gen.pdbx_host_org_scientific_name      'Escherichia coli BL21(DE3)' 
_entity_src_gen.pdbx_host_org_ncbi_taxonomy_id     469008 
_entity_src_gen.host_org_genus                     ? 
_entity_src_gen.pdbx_host_org_gene                 ? 
_entity_src_gen.pdbx_host_org_organ                ? 
_entity_src_gen.host_org_species                   ? 
_entity_src_gen.pdbx_host_org_tissue               ? 
_entity_src_gen.pdbx_host_org_tissue_fraction      ? 
_entity_src_gen.pdbx_host_org_strain               ? 
_entity_src_gen.pdbx_host_org_variant              ? 
_entity_src_gen.pdbx_host_org_cell_line            ? 
_entity_src_gen.pdbx_host_org_atcc                 ? 
_entity_src_gen.pdbx_host_org_culture_collection   ? 
_entity_src_gen.pdbx_host_org_cell                 ? 
_entity_src_gen.pdbx_host_org_organelle            ? 
_entity_src_gen.pdbx_host_org_cellular_location    ? 
_entity_src_gen.pdbx_host_org_vector_type          ? 
_entity_src_gen.pdbx_host_org_vector               ? 
_entity_src_gen.host_org_details                   ? 
_entity_src_gen.expression_system_id               ? 
_entity_src_gen.plasmid_name                       ? 
_entity_src_gen.plasmid_details                    ? 
_entity_src_gen.pdbx_description                   ? 
# 
loop_
_chem_comp.id 
_chem_comp.type 
_chem_comp.mon_nstd_flag 
_chem_comp.name 
_chem_comp.pdbx_synonyms 
_chem_comp.formula 
_chem_comp.formula_weight 
ALA 'L-peptide linking' y ALANINE ? 'C3 H7 N O2'     89.093  
ARG 'L-peptide linking' y ARGININE ? 'C6 H15 N4 O2 1' 175.209 
ASN 'L-peptide linking' y ASPARAGINE ? 'C4 H8 N2 O3'    132.118 
ASP 'L-peptide linking' y 'ASPARTIC ACID' ? 'C4 H7 N O4'     133.103 
C6X non-polymer         . 
"3-((1-methyl-2-oxo-1,2,2a1,5a-tetrahydro-6H-pyrido[3',2':6,7]azepino[4,3,2-cd]isoindol-6-yl)methyl)benzamide" ? 'C23 H18 N4 O2'  
382.415 
CYS 'L-peptide linking' y CYSTEINE ? 'C3 H7 N O2 S'   121.158 
GLN 'L-peptide linking' y GLUTAMINE ? 'C5 H10 N2 O3'   146.144 
GLU 'L-peptide linking' y 'GLUTAMIC ACID' ? 'C5 H9 N O4'     147.129 
GLY 'peptide linking'   y GLYCINE ? 'C2 H5 N O2'     75.067  
HIS 'L-peptide linking' y HISTIDINE ? 'C6 H10 N3 O2 1' 156.162 
HOH non-polymer         . WATER ? 'H2 O'           18.015  
ILE 'L-peptide linking' y ISOLEUCINE ? 'C6 H13 N O2'    131.173 
LEU 'L-peptide linking' y LEUCINE ? 'C6 H13 N O2'    131.173 
LYS 'L-peptide linking' y LYSINE ? 'C6 H15 N2 O2 1' 147.195 
MET 'L-peptide linking' y METHIONINE ? 'C5 H11 N O2 S'  149.211 
PHE 'L-peptide linking' y PHENYLALANINE ? 'C9 H11 N O2'    165.189 
PRO 'L-peptide linking' y PROLINE ? 'C5 H9 N O2'     115.130 
SER 'L-peptide linking' y SERINE ? 'C3 H7 N O3'     105.093 
THR 'L-peptide linking' y THREONINE ? 'C4 H9 N O3'     119.119 
TRP 'L-peptide linking' y TRYPTOPHAN ? 'C11 H12 N2 O2'  204.225 
TYR 'L-peptide linking' y TYROSINE ? 'C9 H11 N O3'    181.189 
VAL 'L-peptide linking' y VALINE ? 'C5 H11 N O2'    117.146 
# 
loop_
_pdbx_poly_seq_scheme.asym_id 
_pdbx_poly_seq_scheme.entity_id 
_pdbx_poly_seq_scheme.seq_id 
_pdbx_poly_seq_scheme.mon_id 
_pdbx_poly_seq_scheme.ndb_seq_num 
_pdbx_poly_seq_scheme.pdb_seq_num 
_pdbx_poly_seq_scheme.auth_seq_num 
_pdbx_poly_seq_scheme.pdb_mon_id 
_pdbx_poly_seq_scheme.auth_mon_id 
_pdbx_poly_seq_scheme.pdb_strand_id 
_pdbx_poly_seq_scheme.pdb_ins_code 
_pdbx_poly_seq_scheme.hetero 
A 1 1   MET 1   43  43  MET MET A . n 
A 1 2   ASN 2   44  44  ASN ASN A . n 
A 1 3   PRO 3   45  45  PRO PRO A . n 
A 1 4   PRO 4   46  46  PRO PRO A . n 
A 1 5   PRO 5   47  47  PRO PRO A . n 
A 1 6   PRO 6   48  48  PRO PRO A . n 
A 1 7   GLU 7   49  49  GLU GLU A . n 
A 1 8   THR 8   50  50  THR THR A . n 
A 1 9   SER 9   51  51  SER SER A . n 
A 1 10  ASN 10  52  52  ASN ASN A . n 
A 1 11  PRO 11  53  53  PRO PRO A . n 
A 1 12  ASN 12  54  54  ASN ASN A . n 
A 1 13  LYS 13  55  55  LYS LYS A . n 
A 1 14  PRO 14  56  56  PRO PRO A . n 
A 1 15  LYS 15  57  57  LYS LYS A . n 
A 1 16  ARG 16  58  58  ARG ARG A . n 
A 1 17  GLN 17  59  59  GLN GLN A . n 
A 1 18  THR 18  60  60  THR THR A . n 
A 1 19  ASN 19  61  61  ASN ASN A . n 
A 1 20  GLN 20  62  62  GLN GLN A . n 
A 1 21  LEU 21  63  63  LEU LEU A . n 
A 1 22  GLN 22  64  64  GLN GLN A . n 
A 1 23  TYR 23  65  65  TYR TYR A . n 
A 1 24  LEU 24  66  66  LEU LEU A . n 
A 1 25  LEU 25  67  67  LEU LEU A . n 
A 1 26  ARG 26  68  68  ARG ARG A . n 
A 1 27  VAL 27  69  69  VAL VAL A . n 
A 1 28  VAL 28  70  70  VAL VAL A . n 
A 1 29  LEU 29  71  71  LEU LEU A . n 
A 1 30  LYS 30  72  72  LYS LYS A . n 
A 1 31  THR 31  73  73  THR THR A . n 
A 1 32  LEU 32  74  74  LEU LEU A . n 
A 1 33  TRP 33  75  75  TRP TRP A . n 
A 1 34  LYS 34  76  76  LYS LYS A . n 
A 1 35  HIS 35  77  77  HIS HIS A . n 
A 1 36  GLN 36  78  78  GLN GLN A . n 
A 1 37  PHE 37  79  79  PHE PHE A . n 
A 1 38  ALA 38  80  80  ALA ALA A . n 
A 1 39  TRP 39  81  81  TRP TRP A . n 
A 1 40  PRO 40  82  82  PRO PRO A . n 
A 1 41  PHE 41  83  83  PHE PHE A . n 
A 1 42  GLN 42  84  84  GLN GLN A . n 
A 1 43  GLN 43  85  85  GLN GLN A . n 
A 1 44  PRO 44  86  86  PRO PRO A . n 
A 1 45  VAL 45  87  87  VAL VAL A . n 
A 1 46  ASP 46  88  88  ASP ASP A . n 
A 1 47  ALA 47  89  89  ALA ALA A . n 
A 1 48  VAL 48  90  90  VAL VAL A . n 
A 1 49  LYS 49  91  91  LYS LYS A . n 
A 1 50  LEU 50  92  92  LEU LEU A . n 
A 1 51  ASN 51  93  93  ASN ASN A . n 
A 1 52  LEU 52  94  94  LEU LEU A . n 
A 1 53  PRO 53  95  95  PRO PRO A . n 
A 1 54  ASP 54  96  96  ASP ASP A . n 
A 1 55  TYR 55  97  97  TYR TYR A . n 
A 1 56  TYR 56  98  98  TYR TYR A . n 
A 1 57  LYS 57  99  99  LYS LYS A . n 
A 1 58  ILE 58  100 100 ILE ILE A . n 
A 1 59  ILE 59  101 101 ILE ILE A . n 
A 1 60  LYS 60  102 102 LYS LYS A . n 
A 1 61  THR 61  103 103 THR THR A . n 
A 1 62  PRO 62  104 104 PRO PRO A . n 
A 1 63  MET 63  105 105 MET MET A . n 
A 1 64  ASP 64  106 106 ASP ASP A . n 
A 1 65  MET 65  107 107 MET MET A . n 
A 1 66  GLY 66  108 108 GLY GLY A . n 
A 1 67  THR 67  109 109 THR THR A . n 
A 1 68  ILE 68  110 110 ILE ILE A . n 
A 1 69  LYS 69  111 111 LYS LYS A . n 
A 1 70  LYS 70  112 112 LYS LYS A . n 
A 1 71  ARG 71  113 113 ARG ARG A . n 
A 1 72  LEU 72  114 114 LEU LEU A . n 
A 1 73  GLU 73  115 115 GLU GLU A . n 
A 1 74  ASN 74  116 116 ASN ASN A . n 
A 1 75  ASN 75  117 117 ASN ASN A . n 
A 1 76  TYR 76  118 118 TYR TYR A . n 
A 1 77  TYR 77  119 119 TYR TYR A . n 
A 1 78  TRP 78  120 120 TRP TRP A . n 
A 1 79  ASN 79  121 121 ASN ASN A . n 
A 1 80  ALA 80  122 122 ALA ALA A . n 
A 1 81  GLN 81  123 123 GLN GLN A . n 
A 1 82  GLU 82  124 124 GLU GLU A . n 
A 1 83  CYS 83  125 125 CYS CYS A . n 
A 1 84  ILE 84  126 126 ILE ILE A . n 
A 1 85  GLN 85  127 127 GLN GLN A . n 
A 1 86  ASP 86  128 128 ASP ASP A . n 
A 1 87  PHE 87  129 129 PHE PHE A . n 
A 1 88  ASN 88  130 130 ASN ASN A . n 
A 1 89  THR 89  131 131 THR THR A . n 
A 1 90  MET 90  132 132 MET MET A . n 
A 1 91  PHE 91  133 133 PHE PHE A . n 
A 1 92  THR 92  134 134 THR THR A . n 
A 1 93  ASN 93  135 135 ASN ASN A . n 
A 1 94  CYS 94  136 136 CYS CYS A . n 
A 1 95  TYR 95  137 137 TYR TYR A . n 
A 1 96  ILE 96  138 138 ILE ILE A . n 
A 1 97  TYR 97  139 139 TYR TYR A . n 
A 1 98  ASN 98  140 140 ASN ASN A . n 
A 1 99  LYS 99  141 141 LYS LYS A . n 
A 1 100 PRO 100 142 142 PRO PRO A . n 
A 1 101 GLY 101 143 143 GLY GLY A . n 
A 1 102 ASP 102 144 144 ASP ASP A . n 
A 1 103 ASP 103 145 145 ASP ASP A . n 
A 1 104 ILE 104 146 146 ILE ILE A . n 
A 1 105 VAL 105 147 147 VAL VAL A . n 
A 1 106 LEU 106 148 148 LEU LEU A . n 
A 1 107 MET 107 149 149 MET MET A . n 
A 1 108 ALA 108 150 150 ALA ALA A . n 
A 1 109 GLU 109 151 151 GLU GLU A . n 
A 1 110 ALA 110 152 152 ALA ALA A . n 
A 1 111 LEU 111 153 153 LEU LEU A . n 
A 1 112 GLU 112 154 154 GLU GLU A . n 
A 1 113 LYS 113 155 155 LYS LYS A . n 
A 1 114 LEU 114 156 156 LEU LEU A . n 
A 1 115 PHE 115 157 157 PHE PHE A . n 
A 1 116 LEU 116 158 158 LEU LEU A . n 
A 1 117 GLN 117 159 159 GLN GLN A . n 
A 1 118 LYS 118 160 160 LYS LYS A . n 
A 1 119 ILE 119 161 161 ILE ILE A . n 
A 1 120 ASN 120 162 162 ASN ASN A . n 
A 1 121 GLU 121 163 163 GLU GLU A . n 
A 1 122 LEU 122 164 164 LEU LEU A . n 
A 1 123 PRO 123 165 165 PRO PRO A . n 
A 1 124 THR 124 166 166 THR THR A . n 
A 1 125 GLU 125 167 167 GLU GLU A . n 
# 
loop_
_pdbx_nonpoly_scheme.asym_id 
_pdbx_nonpoly_scheme.entity_id 
_pdbx_nonpoly_scheme.mon_id 
_pdbx_nonpoly_scheme.ndb_seq_num 
_pdbx_nonpoly_scheme.pdb_seq_num 
_pdbx_nonpoly_scheme.auth_seq_num 
_pdbx_nonpoly_scheme.pdb_mon_id 
_pdbx_nonpoly_scheme.auth_mon_id 
_pdbx_nonpoly_scheme.pdb_strand_id 
_pdbx_nonpoly_scheme.pdb_ins_code 
B 2 C6X 1   201 201 C6X ewj A . 
C 3 HOH 1   301 98  HOH HOH A . 
C 3 HOH 2   302 38  HOH HOH A . 
C 3 HOH 3   303 2   HOH HOH A . 
C 3 HOH 4   304 32  HOH HOH A . 
C 3 HOH 5   305 45  HOH HOH A . 
C 3 HOH 6   306 1   HOH HOH A . 
C 3 HOH 7   307 3   HOH HOH A . 
C 3 HOH 8   308 74  HOH HOH A . 
C 3 HOH 9   309 115 HOH HOH A . 
C 3 HOH 10  310 138 HOH HOH A . 
C 3 HOH 11  311 170 HOH HOH A . 
C 3 HOH 12  312 106 HOH HOH A . 
C 3 HOH 13  313 55  HOH HOH A . 
C 3 HOH 14  314 31  HOH HOH A . 
C 3 HOH 15  315 110 HOH HOH A . 
C 3 HOH 16  316 28  HOH HOH A . 
C 3 HOH 17  317 92  HOH HOH A . 
C 3 HOH 18  318 134 HOH HOH A . 
C 3 HOH 19  319 70  HOH HOH A . 
C 3 HOH 20  320 121 HOH HOH A . 
C 3 HOH 21  321 5   HOH HOH A . 
C 3 HOH 22  322 79  HOH HOH A . 
C 3 HOH 23  323 57  HOH HOH A . 
C 3 HOH 24  324 73  HOH HOH A . 
C 3 HOH 25  325 117 HOH HOH A . 
C 3 HOH 26  326 168 HOH HOH A . 
C 3 HOH 27  327 76  HOH HOH A . 
C 3 HOH 28  328 18  HOH HOH A . 
C 3 HOH 29  329 97  HOH HOH A . 
C 3 HOH 30  330 160 HOH HOH A . 
C 3 HOH 31  331 58  HOH HOH A . 
C 3 HOH 32  332 13  HOH HOH A . 
C 3 HOH 33  333 120 HOH HOH A . 
C 3 HOH 34  334 90  HOH HOH A . 
C 3 HOH 35  335 94  HOH HOH A . 
C 3 HOH 36  336 67  HOH HOH A . 
C 3 HOH 37  337 64  HOH HOH A . 
C 3 HOH 38  338 23  HOH HOH A . 
C 3 HOH 39  339 43  HOH HOH A . 
C 3 HOH 40  340 20  HOH HOH A . 
C 3 HOH 41  341 12  HOH HOH A . 
C 3 HOH 42  342 8   HOH HOH A . 
C 3 HOH 43  343 101 HOH HOH A . 
C 3 HOH 44  344 71  HOH HOH A . 
C 3 HOH 45  345 46  HOH HOH A . 
C 3 HOH 46  346 113 HOH HOH A . 
C 3 HOH 47  347 29  HOH HOH A . 
C 3 HOH 48  348 11  HOH HOH A . 
C 3 HOH 49  349 21  HOH HOH A . 
C 3 HOH 50  350 158 HOH HOH A . 
C 3 HOH 51  351 39  HOH HOH A . 
C 3 HOH 52  352 50  HOH HOH A . 
C 3 HOH 53  353 122 HOH HOH A . 
C 3 HOH 54  354 48  HOH HOH A . 
C 3 HOH 55  355 164 HOH HOH A . 
C 3 HOH 56  356 34  HOH HOH A . 
C 3 HOH 57  357 56  HOH HOH A . 
C 3 HOH 58  358 172 HOH HOH A . 
C 3 HOH 59  359 124 HOH HOH A . 
C 3 HOH 60  360 177 HOH HOH A . 
C 3 HOH 61  361 63  HOH HOH A . 
C 3 HOH 62  362 103 HOH HOH A . 
C 3 HOH 63  363 7   HOH HOH A . 
C 3 HOH 64  364 9   HOH HOH A . 
C 3 HOH 65  365 107 HOH HOH A . 
C 3 HOH 66  366 4   HOH HOH A . 
C 3 HOH 67  367 44  HOH HOH A . 
C 3 HOH 68  368 100 HOH HOH A . 
C 3 HOH 69  369 42  HOH HOH A . 
C 3 HOH 70  370 144 HOH HOH A . 
C 3 HOH 71  371 33  HOH HOH A . 
C 3 HOH 72  372 36  HOH HOH A . 
C 3 HOH 73  373 80  HOH HOH A . 
C 3 HOH 74  374 22  HOH HOH A . 
C 3 HOH 75  375 19  HOH HOH A . 
C 3 HOH 76  376 62  HOH HOH A . 
C 3 HOH 77  377 27  HOH HOH A . 
C 3 HOH 78  378 108 HOH HOH A . 
C 3 HOH 79  379 81  HOH HOH A . 
C 3 HOH 80  380 95  HOH HOH A . 
C 3 HOH 81  381 84  HOH HOH A . 
C 3 HOH 82  382 53  HOH HOH A . 
C 3 HOH 83  383 88  HOH HOH A . 
C 3 HOH 84  384 104 HOH HOH A . 
C 3 HOH 85  385 6   HOH HOH A . 
C 3 HOH 86  386 52  HOH HOH A . 
C 3 HOH 87  387 26  HOH HOH A . 
C 3 HOH 88  388 137 HOH HOH A . 
C 3 HOH 89  389 166 HOH HOH A . 
C 3 HOH 90  390 83  HOH HOH A . 
C 3 HOH 91  391 75  HOH HOH A . 
C 3 HOH 92  392 105 HOH HOH A . 
C 3 HOH 93  393 111 HOH HOH A . 
C 3 HOH 94  394 171 HOH HOH A . 
C 3 HOH 95  395 86  HOH HOH A . 
C 3 HOH 96  396 47  HOH HOH A . 
C 3 HOH 97  397 17  HOH HOH A . 
C 3 HOH 98  398 37  HOH HOH A . 
C 3 HOH 99  399 30  HOH HOH A . 
C 3 HOH 100 400 102 HOH HOH A . 
C 3 HOH 101 401 148 HOH HOH A . 
C 3 HOH 102 402 69  HOH HOH A . 
C 3 HOH 103 403 119 HOH HOH A . 
C 3 HOH 104 404 66  HOH HOH A . 
C 3 HOH 105 405 78  HOH HOH A . 
C 3 HOH 106 406 40  HOH HOH A . 
C 3 HOH 107 407 51  HOH HOH A . 
C 3 HOH 108 408 167 HOH HOH A . 
C 3 HOH 109 409 16  HOH HOH A . 
C 3 HOH 110 410 61  HOH HOH A . 
C 3 HOH 111 411 59  HOH HOH A . 
C 3 HOH 112 412 10  HOH HOH A . 
C 3 HOH 113 413 87  HOH HOH A . 
C 3 HOH 114 414 147 HOH HOH A . 
C 3 HOH 115 415 25  HOH HOH A . 
C 3 HOH 116 416 15  HOH HOH A . 
C 3 HOH 117 417 24  HOH HOH A . 
C 3 HOH 118 418 91  HOH HOH A . 
C 3 HOH 119 419 118 HOH HOH A . 
C 3 HOH 120 420 14  HOH HOH A . 
C 3 HOH 121 421 41  HOH HOH A . 
C 3 HOH 122 422 49  HOH HOH A . 
C 3 HOH 123 423 139 HOH HOH A . 
C 3 HOH 124 424 136 HOH HOH A . 
C 3 HOH 125 425 72  HOH HOH A . 
C 3 HOH 126 426 85  HOH HOH A . 
C 3 HOH 127 427 116 HOH HOH A . 
C 3 HOH 128 428 60  HOH HOH A . 
C 3 HOH 129 429 114 HOH HOH A . 
C 3 HOH 130 430 82  HOH HOH A . 
C 3 HOH 131 431 149 HOH HOH A . 
C 3 HOH 132 432 179 HOH HOH A . 
C 3 HOH 133 433 141 HOH HOH A . 
C 3 HOH 134 434 157 HOH HOH A . 
C 3 HOH 135 435 77  HOH HOH A . 
C 3 HOH 136 436 145 HOH HOH A . 
C 3 HOH 137 437 126 HOH HOH A . 
C 3 HOH 138 438 65  HOH HOH A . 
C 3 HOH 139 439 131 HOH HOH A . 
C 3 HOH 140 440 132 HOH HOH A . 
C 3 HOH 141 441 127 HOH HOH A . 
C 3 HOH 142 442 128 HOH HOH A . 
C 3 HOH 143 443 163 HOH HOH A . 
C 3 HOH 144 444 135 HOH HOH A . 
C 3 HOH 145 445 35  HOH HOH A . 
C 3 HOH 146 446 89  HOH HOH A . 
C 3 HOH 147 447 174 HOH HOH A . 
C 3 HOH 148 448 68  HOH HOH A . 
C 3 HOH 149 449 173 HOH HOH A . 
C 3 HOH 150 450 146 HOH HOH A . 
C 3 HOH 151 451 130 HOH HOH A . 
C 3 HOH 152 452 175 HOH HOH A . 
C 3 HOH 153 453 154 HOH HOH A . 
C 3 HOH 154 454 162 HOH HOH A . 
C 3 HOH 155 455 109 HOH HOH A . 
C 3 HOH 156 456 112 HOH HOH A . 
C 3 HOH 157 457 129 HOH HOH A . 
C 3 HOH 158 458 169 HOH HOH A . 
C 3 HOH 159 459 54  HOH HOH A . 
C 3 HOH 160 460 125 HOH HOH A . 
C 3 HOH 161 461 133 HOH HOH A . 
C 3 HOH 162 462 176 HOH HOH A . 
C 3 HOH 163 463 96  HOH HOH A . 
C 3 HOH 164 464 93  HOH HOH A . 
C 3 HOH 165 465 150 HOH HOH A . 
C 3 HOH 166 466 153 HOH HOH A . 
C 3 HOH 167 467 155 HOH HOH A . 
C 3 HOH 168 468 159 HOH HOH A . 
C 3 HOH 169 469 143 HOH HOH A . 
C 3 HOH 170 470 142 HOH HOH A . 
C 3 HOH 171 471 178 HOH HOH A . 
C 3 HOH 172 472 156 HOH HOH A . 
C 3 HOH 173 473 161 HOH HOH A . 
C 3 HOH 174 474 152 HOH HOH A . 
C 3 HOH 175 475 99  HOH HOH A . 
C 3 HOH 176 476 123 HOH HOH A . 
C 3 HOH 177 477 181 HOH HOH A . 
C 3 HOH 178 478 165 HOH HOH A . 
C 3 HOH 179 479 180 HOH HOH A . 
C 3 HOH 180 480 151 HOH HOH A . 
C 3 HOH 181 481 140 HOH HOH A . 
# 
loop_
_software.citation_id 
_software.classification 
_software.compiler_name 
_software.compiler_version 
_software.contact_author 
_software.contact_author_email 
_software.date 
_software.description 
_software.dependencies 
_software.hardware 
_software.language 
_software.location 
_software.mods 
_software.name 
_software.os 
_software.os_version 
_software.type 
_software.version 
_software.pdbx_ordinal 
? 'data scaling'    ? ? ? ? ? ? ? ? ? ? ? Aimless     ? ? ? .         1 
? refinement        ? ? ? ? ? ? ? ? ? ? ? PHENIX      ? ? ? 1.14_3235 2 
? 'data extraction' ? ? ? ? ? ? ? ? ? ? ? PDB_EXTRACT ? ? ? 3.24      3 
? 'data reduction'  ? ? ? ? ? ? ? ? ? ? ? TRUNCATE    ? ? ? .         4 
? phasing           ? ? ? ? ? ? ? ? ? ? ? PHASER      ? ? ? .         5 
# 
_cell.angle_alpha                  90.000 
_cell.angle_alpha_esd              ? 
_cell.angle_beta                   90.000 
_cell.angle_beta_esd               ? 
_cell.angle_gamma                  90.000 
_cell.angle_gamma_esd              ? 
_cell.entry_id                     6JJ5 
_cell.details                      ? 
_cell.formula_units_Z              ? 
_cell.length_a                     32.060 
_cell.length_a_esd                 ? 
_cell.length_b                     47.200 
_cell.length_b_esd                 ? 
_cell.length_c                     79.120 
_cell.length_c_esd                 ? 
_cell.volume                       ? 
_cell.volume_esd                   ? 
_cell.Z_PDB                        4 
_cell.reciprocal_angle_alpha       ? 
_cell.reciprocal_angle_beta        ? 
_cell.reciprocal_angle_gamma       ? 
_cell.reciprocal_angle_alpha_esd   ? 
_cell.reciprocal_angle_beta_esd    ? 
_cell.reciprocal_angle_gamma_esd   ? 
_cell.reciprocal_length_a          ? 
_cell.reciprocal_length_b          ? 
_cell.reciprocal_length_c          ? 
_cell.reciprocal_length_a_esd      ? 
_cell.reciprocal_length_b_esd      ? 
_cell.reciprocal_length_c_esd      ? 
_cell.pdbx_unique_axis             ? 
# 
_symmetry.entry_id                         6JJ5 
_symmetry.cell_setting                     ? 
_symmetry.Int_Tables_number                19 
_symmetry.space_group_name_Hall            ? 
_symmetry.space_group_name_H-M             'P 21 21 21' 
_symmetry.pdbx_full_space_group_name_H-M   ? 
# 
_exptl.absorpt_coefficient_mu     ? 
_exptl.absorpt_correction_T_max   ? 
_exptl.absorpt_correction_T_min   ? 
_exptl.absorpt_correction_type    ? 
_exptl.absorpt_process_details    ? 
_exptl.entry_id                   6JJ5 
_exptl.crystals_number            1 
_exptl.details                    ? 
_exptl.method                     'X-RAY DIFFRACTION' 
_exptl.method_details             ? 
# 
_exptl_crystal.colour                      ? 
_exptl_crystal.density_diffrn              ? 
_exptl_crystal.density_Matthews            2.01 
_exptl_crystal.density_method              ? 
_exptl_crystal.density_percent_sol         38.84 
_exptl_crystal.description                 ? 
_exptl_crystal.F_000                       ? 
_exptl_crystal.id                          1 
_exptl_crystal.preparation                 ? 
_exptl_crystal.size_max                    ? 
_exptl_crystal.size_mid                    ? 
_exptl_crystal.size_min                    ? 
_exptl_crystal.size_rad                    ? 
_exptl_crystal.colour_lustre               ? 
_exptl_crystal.colour_modifier             ? 
_exptl_crystal.colour_primary              ? 
_exptl_crystal.density_meas                ? 
_exptl_crystal.density_meas_esd            ? 
_exptl_crystal.density_meas_gt             ? 
_exptl_crystal.density_meas_lt             ? 
_exptl_crystal.density_meas_temp           ? 
_exptl_crystal.density_meas_temp_esd       ? 
_exptl_crystal.density_meas_temp_gt        ? 
_exptl_crystal.density_meas_temp_lt        ? 
_exptl_crystal.pdbx_crystal_image_url      ? 
_exptl_crystal.pdbx_crystal_image_format   ? 
_exptl_crystal.pdbx_mosaicity              ? 
_exptl_crystal.pdbx_mosaicity_esd          ? 
# 
_exptl_crystal_grow.apparatus       ? 
_exptl_crystal_grow.atmosphere      ? 
_exptl_crystal_grow.crystal_id      1 
_exptl_crystal_grow.details         ? 
_exptl_crystal_grow.method          'VAPOR DIFFUSION, SITTING DROP' 
_exptl_crystal_grow.method_ref      ? 
_exptl_crystal_grow.pH              ? 
_exptl_crystal_grow.pressure        ? 
_exptl_crystal_grow.pressure_esd    ? 
_exptl_crystal_grow.seeding         ? 
_exptl_crystal_grow.seeding_ref     ? 
_exptl_crystal_grow.temp            295 
_exptl_crystal_grow.temp_details    ? 
_exptl_crystal_grow.temp_esd        ? 
_exptl_crystal_grow.time            ? 
_exptl_crystal_grow.pdbx_details    '4.0M HCOONa' 
_exptl_crystal_grow.pdbx_pH_range   ? 
# 
_diffrn.ambient_environment              ? 
_diffrn.ambient_temp                     100 
_diffrn.ambient_temp_details             ? 
_diffrn.ambient_temp_esd                 ? 
_diffrn.crystal_id                       1 
_diffrn.crystal_support                  ? 
_diffrn.crystal_treatment                ? 
_diffrn.details                          ? 
_diffrn.id                               1 
_diffrn.ambient_pressure                 ? 
_diffrn.ambient_pressure_esd             ? 
_diffrn.ambient_pressure_gt              ? 
_diffrn.ambient_pressure_lt              ? 
_diffrn.ambient_temp_gt                  ? 
_diffrn.ambient_temp_lt                  ? 
_diffrn.pdbx_serial_crystal_experiment   N 
# 
_diffrn_detector.details                      ? 
_diffrn_detector.detector                     PIXEL 
_diffrn_detector.diffrn_id                    1 
_diffrn_detector.type                         'DECTRIS PILATUS3 S 6M' 
_diffrn_detector.area_resol_mean              ? 
_diffrn_detector.dtime                        ? 
_diffrn_detector.pdbx_frames_total            ? 
_diffrn_detector.pdbx_collection_time_total   ? 
_diffrn_detector.pdbx_collection_date         2018-11-26 
_diffrn_detector.pdbx_frequency               ? 
# 
_diffrn_radiation.collimation                      ? 
_diffrn_radiation.diffrn_id                        1 
_diffrn_radiation.filter_edge                      ? 
_diffrn_radiation.inhomogeneity                    ? 
_diffrn_radiation.monochromator                    ? 
_diffrn_radiation.polarisn_norm                    ? 
_diffrn_radiation.polarisn_ratio                   ? 
_diffrn_radiation.probe                            ? 
_diffrn_radiation.type                             ? 
_diffrn_radiation.xray_symbol                      ? 
_diffrn_radiation.wavelength_id                    1 
_diffrn_radiation.pdbx_monochromatic_or_laue_m_l   M 
_diffrn_radiation.pdbx_wavelength_list             ? 
_diffrn_radiation.pdbx_wavelength                  ? 
_diffrn_radiation.pdbx_diffrn_protocol             'SINGLE WAVELENGTH' 
_diffrn_radiation.pdbx_analyzer                    ? 
_diffrn_radiation.pdbx_scattering_type             x-ray 
# 
_diffrn_radiation_wavelength.id           1 
_diffrn_radiation_wavelength.wavelength   0.9793 
_diffrn_radiation_wavelength.wt           1.0 
# 
_diffrn_source.current                     ? 
_diffrn_source.details                     ? 
_diffrn_source.diffrn_id                   1 
_diffrn_source.power                       ? 
_diffrn_source.size                        ? 
_diffrn_source.source                      SYNCHROTRON 
_diffrn_source.target                      ? 
_diffrn_source.type                        'SSRF BEAMLINE BL17U1' 
_diffrn_source.voltage                     ? 
_diffrn_source.take-off_angle              ? 
_diffrn_source.pdbx_wavelength_list        0.9793 
_diffrn_source.pdbx_wavelength             ? 
_diffrn_source.pdbx_synchrotron_beamline   BL17U1 
_diffrn_source.pdbx_synchrotron_site       SSRF 
# 
_reflns.B_iso_Wilson_estimate            ? 
_reflns.entry_id                         6JJ5 
_reflns.data_reduction_details           ? 
_reflns.data_reduction_method            ? 
_reflns.d_resolution_high                1.2 
_reflns.d_resolution_low                 40.5350 
_reflns.details                          ? 
_reflns.limit_h_max                      ? 
_reflns.limit_h_min                      ? 
_reflns.limit_k_max                      ? 
_reflns.limit_k_min                      ? 
_reflns.limit_l_max                      ? 
_reflns.limit_l_min                      ? 
_reflns.number_all                       ? 
_reflns.number_obs                       38139 
_reflns.observed_criterion               ? 
_reflns.observed_criterion_F_max         ? 
_reflns.observed_criterion_F_min         ? 
_reflns.observed_criterion_I_max         ? 
_reflns.observed_criterion_I_min         ? 
_reflns.observed_criterion_sigma_F       ? 
_reflns.observed_criterion_sigma_I       ? 
_reflns.percent_possible_obs             99.37 
_reflns.R_free_details                   ? 
_reflns.Rmerge_F_all                     ? 
_reflns.Rmerge_F_obs                     ? 
_reflns.Friedel_coverage                 ? 
_reflns.number_gt                        ? 
_reflns.threshold_expression             ? 
_reflns.pdbx_redundancy                  2.0 
_reflns.pdbx_Rmerge_I_obs                ? 
_reflns.pdbx_Rmerge_I_all                ? 
_reflns.pdbx_Rsym_value                  ? 
_reflns.pdbx_netI_over_av_sigmaI         ? 
_reflns.pdbx_netI_over_sigmaI            8.71 
_reflns.pdbx_res_netI_over_av_sigmaI_2   ? 
_reflns.pdbx_res_netI_over_sigmaI_2      ? 
_reflns.pdbx_chi_squared                 ? 
_reflns.pdbx_scaling_rejects             ? 
_reflns.pdbx_d_res_high_opt              ? 
_reflns.pdbx_d_res_low_opt               ? 
_reflns.pdbx_d_res_opt_method            ? 
_reflns.phase_calculation_details        ? 
_reflns.pdbx_Rrim_I_all                  ? 
_reflns.pdbx_Rpim_I_all                  ? 
_reflns.pdbx_d_opt                       ? 
_reflns.pdbx_number_measured_all         ? 
_reflns.pdbx_diffrn_id                   1 
_reflns.pdbx_ordinal                     1 
_reflns.pdbx_CC_half                     ? 
_reflns.pdbx_R_split                     ? 
# 
_reflns_shell.d_res_high                  1.2 
_reflns_shell.d_res_low                   1.243 
_reflns_shell.meanI_over_sigI_all         ? 
_reflns_shell.meanI_over_sigI_obs         ? 
_reflns_shell.number_measured_all         ? 
_reflns_shell.number_measured_obs         ? 
_reflns_shell.number_possible             ? 
_reflns_shell.number_unique_all           ? 
_reflns_shell.number_unique_obs           ? 
_reflns_shell.percent_possible_all        ? 
_reflns_shell.percent_possible_obs        ? 
_reflns_shell.Rmerge_F_all                ? 
_reflns_shell.Rmerge_F_obs                ? 
_reflns_shell.Rmerge_I_all                ? 
_reflns_shell.Rmerge_I_obs                ? 
_reflns_shell.meanI_over_sigI_gt          ? 
_reflns_shell.meanI_over_uI_all           ? 
_reflns_shell.meanI_over_uI_gt            ? 
_reflns_shell.number_measured_gt          ? 
_reflns_shell.number_unique_gt            ? 
_reflns_shell.percent_possible_gt         ? 
_reflns_shell.Rmerge_F_gt                 ? 
_reflns_shell.Rmerge_I_gt                 ? 
_reflns_shell.pdbx_redundancy             ? 
_reflns_shell.pdbx_Rsym_value             ? 
_reflns_shell.pdbx_chi_squared            ? 
_reflns_shell.pdbx_netI_over_sigmaI_all   ? 
_reflns_shell.pdbx_netI_over_sigmaI_obs   ? 
_reflns_shell.pdbx_Rrim_I_all             ? 
_reflns_shell.pdbx_Rpim_I_all             ? 
_reflns_shell.pdbx_rejects                ? 
_reflns_shell.pdbx_ordinal                1 
_reflns_shell.pdbx_diffrn_id              1 
_reflns_shell.pdbx_CC_half                ? 
_reflns_shell.pdbx_R_split                ? 
# 
_refine.aniso_B[1][1]                            ? 
_refine.aniso_B[1][2]                            ? 
_refine.aniso_B[1][3]                            ? 
_refine.aniso_B[2][2]                            ? 
_refine.aniso_B[2][3]                            ? 
_refine.aniso_B[3][3]                            ? 
_refine.B_iso_max                                57.670 
_refine.B_iso_mean                               13.7680 
_refine.B_iso_min                                5.610 
_refine.correlation_coeff_Fo_to_Fc               ? 
_refine.correlation_coeff_Fo_to_Fc_free          ? 
_refine.details                                  ? 
_refine.diff_density_max                         ? 
_refine.diff_density_max_esd                     ? 
_refine.diff_density_min                         ? 
_refine.diff_density_min_esd                     ? 
_refine.diff_density_rms                         ? 
_refine.diff_density_rms_esd                     ? 
_refine.entry_id                                 6JJ5 
_refine.pdbx_refine_id                           'X-RAY DIFFRACTION' 
_refine.ls_abs_structure_details                 ? 
_refine.ls_abs_structure_Flack                   ? 
_refine.ls_abs_structure_Flack_esd               ? 
_refine.ls_abs_structure_Rogers                  ? 
_refine.ls_abs_structure_Rogers_esd              ? 
_refine.ls_d_res_high                            1.2000 
_refine.ls_d_res_low                             40.5350 
_refine.ls_extinction_coef                       ? 
_refine.ls_extinction_coef_esd                   ? 
_refine.ls_extinction_expression                 ? 
_refine.ls_extinction_method                     ? 
_refine.ls_goodness_of_fit_all                   ? 
_refine.ls_goodness_of_fit_all_esd               ? 
_refine.ls_goodness_of_fit_obs                   ? 
_refine.ls_goodness_of_fit_obs_esd               ? 
_refine.ls_hydrogen_treatment                    ? 
_refine.ls_matrix_type                           ? 
_refine.ls_number_constraints                    ? 
_refine.ls_number_parameters                     ? 
_refine.ls_number_reflns_all                     ? 
_refine.ls_number_reflns_obs                     38136 
_refine.ls_number_reflns_R_free                  1889 
_refine.ls_number_reflns_R_work                  ? 
_refine.ls_number_restraints                     ? 
_refine.ls_percent_reflns_obs                    99.3700 
_refine.ls_percent_reflns_R_free                 4.9500 
_refine.ls_R_factor_all                          ? 
_refine.ls_R_factor_obs                          0.1773 
_refine.ls_R_factor_R_free                       0.2026 
_refine.ls_R_factor_R_free_error                 ? 
_refine.ls_R_factor_R_free_error_details         ? 
_refine.ls_R_factor_R_work                       0.1759 
_refine.ls_R_Fsqd_factor_obs                     ? 
_refine.ls_R_I_factor_obs                        ? 
_refine.ls_redundancy_reflns_all                 ? 
_refine.ls_redundancy_reflns_obs                 ? 
_refine.ls_restrained_S_all                      ? 
_refine.ls_restrained_S_obs                      ? 
_refine.ls_shift_over_esd_max                    ? 
_refine.ls_shift_over_esd_mean                   ? 
_refine.ls_structure_factor_coef                 ? 
_refine.ls_weighting_details                     ? 
_refine.ls_weighting_scheme                      ? 
_refine.ls_wR_factor_all                         ? 
_refine.ls_wR_factor_obs                         ? 
_refine.ls_wR_factor_R_free                      ? 
_refine.ls_wR_factor_R_work                      ? 
_refine.occupancy_max                            ? 
_refine.occupancy_min                            ? 
_refine.solvent_model_details                    ? 
_refine.solvent_model_param_bsol                 ? 
_refine.solvent_model_param_ksol                 ? 
_refine.ls_R_factor_gt                           ? 
_refine.ls_goodness_of_fit_gt                    ? 
_refine.ls_goodness_of_fit_ref                   ? 
_refine.ls_shift_over_su_max                     ? 
_refine.ls_shift_over_su_max_lt                  ? 
_refine.ls_shift_over_su_mean                    ? 
_refine.ls_shift_over_su_mean_lt                 ? 
_refine.pdbx_ls_sigma_I                          ? 
_refine.pdbx_ls_sigma_F                          1.340 
_refine.pdbx_ls_sigma_Fsqd                       ? 
_refine.pdbx_data_cutoff_high_absF               ? 
_refine.pdbx_data_cutoff_high_rms_absF           ? 
_refine.pdbx_data_cutoff_low_absF                ? 
_refine.pdbx_isotropic_thermal_model             ? 
_refine.pdbx_ls_cross_valid_method               THROUGHOUT 
_refine.pdbx_method_to_determine_struct          ? 
_refine.pdbx_starting_model                      ? 
_refine.pdbx_stereochemistry_target_values       ? 
_refine.pdbx_R_Free_selection_details            ? 
_refine.pdbx_stereochem_target_val_spec_case     ? 
_refine.pdbx_overall_ESU_R                       ? 
_refine.pdbx_overall_ESU_R_Free                  ? 
_refine.pdbx_solvent_vdw_probe_radii             1.1100 
_refine.pdbx_solvent_ion_probe_radii             ? 
_refine.pdbx_solvent_shrinkage_radii             0.9000 
_refine.pdbx_real_space_R                        ? 
_refine.pdbx_density_correlation                 ? 
_refine.pdbx_pd_number_of_powder_patterns        ? 
_refine.pdbx_pd_number_of_points                 ? 
_refine.pdbx_pd_meas_number_of_points            ? 
_refine.pdbx_pd_proc_ls_prof_R_factor            ? 
_refine.pdbx_pd_proc_ls_prof_wR_factor           ? 
_refine.pdbx_pd_Marquardt_correlation_coeff      ? 
_refine.pdbx_pd_Fsqrd_R_factor                   ? 
_refine.pdbx_pd_ls_matrix_band_width             ? 
_refine.pdbx_overall_phase_error                 17.2800 
_refine.pdbx_overall_SU_R_free_Cruickshank_DPI   ? 
_refine.pdbx_overall_SU_R_free_Blow_DPI          ? 
_refine.pdbx_overall_SU_R_Blow_DPI               ? 
_refine.pdbx_TLS_residual_ADP_flag               ? 
_refine.pdbx_diffrn_id                           1 
_refine.overall_SU_B                             ? 
_refine.overall_SU_ML                            0.0900 
_refine.overall_SU_R_Cruickshank_DPI             ? 
_refine.overall_SU_R_free                        ? 
_refine.overall_FOM_free_R_set                   ? 
_refine.overall_FOM_work_R_set                   ? 
_refine.pdbx_average_fsc_overall                 ? 
_refine.pdbx_average_fsc_work                    ? 
_refine.pdbx_average_fsc_free                    ? 
# 
_refine_hist.cycle_id                         final 
_refine_hist.pdbx_refine_id                   'X-RAY DIFFRACTION' 
_refine_hist.d_res_high                       1.2000 
_refine_hist.d_res_low                        40.5350 
_refine_hist.pdbx_number_atoms_ligand         29 
_refine_hist.number_atoms_solvent             181 
_refine_hist.number_atoms_total               1256 
_refine_hist.pdbx_number_residues_total       125 
_refine_hist.pdbx_B_iso_mean_ligand           9.08 
_refine_hist.pdbx_B_iso_mean_solvent          24.10 
_refine_hist.pdbx_number_atoms_protein        1046 
_refine_hist.pdbx_number_atoms_nucleic_acid   0 
# 
loop_
_refine_ls_shell.pdbx_refine_id 
_refine_ls_shell.d_res_high 
_refine_ls_shell.d_res_low 
_refine_ls_shell.number_reflns_all 
_refine_ls_shell.number_reflns_obs 
_refine_ls_shell.number_reflns_R_free 
_refine_ls_shell.number_reflns_R_work 
_refine_ls_shell.percent_reflns_obs 
_refine_ls_shell.percent_reflns_R_free 
_refine_ls_shell.R_factor_all 
_refine_ls_shell.R_factor_obs 
_refine_ls_shell.R_factor_R_free 
_refine_ls_shell.R_factor_R_free_error 
_refine_ls_shell.R_factor_R_work 
_refine_ls_shell.redundancy_reflns_all 
_refine_ls_shell.redundancy_reflns_obs 
_refine_ls_shell.wR_factor_all 
_refine_ls_shell.wR_factor_obs 
_refine_ls_shell.wR_factor_R_free 
_refine_ls_shell.wR_factor_R_work 
_refine_ls_shell.pdbx_total_number_of_bins_used 
_refine_ls_shell.pdbx_phase_error 
_refine_ls_shell.pdbx_fsc_work 
_refine_ls_shell.pdbx_fsc_free 
'X-RAY DIFFRACTION' 1.2000 1.2324  2924 . 144 2780 100.0000 . . . 0.2031 0.0000 0.1924 . . . . . . 13 . . . 
'X-RAY DIFFRACTION' 1.2324 1.2687  2861 . 166 2695 100.0000 . . . 0.2007 0.0000 0.1847 . . . . . . 13 . . . 
'X-RAY DIFFRACTION' 1.2687 1.3097  2859 . 157 2702 98.0000  . . . 0.1914 0.0000 0.1864 . . . . . . 13 . . . 
'X-RAY DIFFRACTION' 1.3097 1.3565  2915 . 157 2758 99.0000  . . . 0.2212 0.0000 0.1789 . . . . . . 13 . . . 
'X-RAY DIFFRACTION' 1.3565 1.4108  2878 . 123 2755 100.0000 . . . 0.2187 0.0000 0.1775 . . . . . . 13 . . . 
'X-RAY DIFFRACTION' 1.4108 1.4750  2925 . 123 2802 100.0000 . . . 0.1793 0.0000 0.1729 . . . . . . 13 . . . 
'X-RAY DIFFRACTION' 1.4750 1.5528  2859 . 148 2711 98.0000  . . . 0.1994 0.0000 0.1617 . . . . . . 13 . . . 
'X-RAY DIFFRACTION' 1.5528 1.6501  2938 . 146 2792 100.0000 . . . 0.1813 0.0000 0.1590 . . . . . . 13 . . . 
'X-RAY DIFFRACTION' 1.6501 1.7775  2944 . 131 2813 100.0000 . . . 0.1727 0.0000 0.1676 . . . . . . 13 . . . 
'X-RAY DIFFRACTION' 1.7775 1.9563  2916 . 122 2794 99.0000  . . . 0.1996 0.0000 0.1720 . . . . . . 13 . . . 
'X-RAY DIFFRACTION' 1.9563 2.2394  2974 . 153 2821 100.0000 . . . 0.1969 0.0000 0.1695 . . . . . . 13 . . . 
'X-RAY DIFFRACTION' 2.2394 2.8213  2994 . 149 2845 100.0000 . . . 0.2119 0.0000 0.1866 . . . . . . 13 . . . 
'X-RAY DIFFRACTION' 2.8213 40.5580 3149 . 170 2979 99.0000  . . . 0.2142 0.0000 0.1786 . . . . . . 13 . . . 
# 
_struct.entry_id                     6JJ5 
_struct.title                        'BRD4 in complex with 259' 
_struct.pdbx_model_details           ? 
_struct.pdbx_formula_weight          ? 
_struct.pdbx_formula_weight_method   ? 
_struct.pdbx_model_type_details      ? 
_struct.pdbx_CASP_flag               N 
# 
_struct_keywords.entry_id        6JJ5 
_struct_keywords.text            'BRD4, Inhibitor, SIGNALING PROTEIN-INHIBITOR complex' 
_struct_keywords.pdbx_keywords   'SIGNALING PROTEIN/INHIBITOR' 
# 
loop_
_struct_asym.id 
_struct_asym.pdbx_blank_PDB_chainid_flag 
_struct_asym.pdbx_modified 
_struct_asym.entity_id 
_struct_asym.details 
A N N 1 ? 
B N N 2 ? 
C N N 3 ? 
# 
_struct_ref.id                         1 
_struct_ref.db_name                    UNP 
_struct_ref.db_code                    BRD4_HUMAN 
_struct_ref.pdbx_db_accession          O60885 
_struct_ref.pdbx_db_isoform            ? 
_struct_ref.entity_id                  1 
_struct_ref.pdbx_seq_one_letter_code   
;NPPPPETSNPNKPKRQTNQLQYLLRVVLKTLWKHQFAWPFQQPVDAVKLNLPDYYKIIKTPMDMGTIKKRLENNYYWNAQ
ECIQDFNTMFTNCYIYNKPGDDIVLMAEALEKLFLQKINELPTE
;
_struct_ref.pdbx_align_begin           44 
# 
_struct_ref_seq.align_id                      1 
_struct_ref_seq.ref_id                        1 
_struct_ref_seq.pdbx_PDB_id_code              6JJ5 
_struct_ref_seq.pdbx_strand_id                A 
_struct_ref_seq.seq_align_beg                 2 
_struct_ref_seq.pdbx_seq_align_beg_ins_code   ? 
_struct_ref_seq.seq_align_end                 125 
_struct_ref_seq.pdbx_seq_align_end_ins_code   ? 
_struct_ref_seq.pdbx_db_accession             O60885 
_struct_ref_seq.db_align_beg                  44 
_struct_ref_seq.pdbx_db_align_beg_ins_code    ? 
_struct_ref_seq.db_align_end                  167 
_struct_ref_seq.pdbx_db_align_end_ins_code    ? 
_struct_ref_seq.pdbx_auth_seq_align_beg       44 
_struct_ref_seq.pdbx_auth_seq_align_end       167 
# 
_struct_ref_seq_dif.align_id                     1 
_struct_ref_seq_dif.pdbx_pdb_id_code             6JJ5 
_struct_ref_seq_dif.mon_id                       MET 
_struct_ref_seq_dif.pdbx_pdb_strand_id           A 
_struct_ref_seq_dif.seq_num                      1 
_struct_ref_seq_dif.pdbx_pdb_ins_code            ? 
_struct_ref_seq_dif.pdbx_seq_db_name             UNP 
_struct_ref_seq_dif.pdbx_seq_db_accession_code   O60885 
_struct_ref_seq_dif.db_mon_id                    ? 
_struct_ref_seq_dif.pdbx_seq_db_seq_num          ? 
_struct_ref_seq_dif.details                      'initiating methionine' 
_struct_ref_seq_dif.pdbx_auth_seq_num            43 
_struct_ref_seq_dif.pdbx_ordinal                 1 
# 
_pdbx_struct_assembly.id                   1 
_pdbx_struct_assembly.details              author_defined_assembly 
_pdbx_struct_assembly.method_details       ? 
_pdbx_struct_assembly.oligomeric_details   monomeric 
_pdbx_struct_assembly.oligomeric_count     1 
# 
loop_
_pdbx_struct_assembly_prop.biol_id 
_pdbx_struct_assembly_prop.type 
_pdbx_struct_assembly_prop.value 
_pdbx_struct_assembly_prop.details 
1 'ABSA (A^2)' 0    ? 
1 MORE         0    ? 
1 'SSA (A^2)'  7460 ? 
# 
_pdbx_struct_assembly_gen.assembly_id       1 
_pdbx_struct_assembly_gen.oper_expression   1 
_pdbx_struct_assembly_gen.asym_id_list      A,B,C 
# 
_pdbx_struct_assembly_auth_evidence.id                     1 
_pdbx_struct_assembly_auth_evidence.assembly_id            1 
_pdbx_struct_assembly_auth_evidence.experimental_support   none 
_pdbx_struct_assembly_auth_evidence.details                ? 
# 
_pdbx_struct_oper_list.id                   1 
_pdbx_struct_oper_list.type                 'identity operation' 
_pdbx_struct_oper_list.name                 1_555 
_pdbx_struct_oper_list.symmetry_operation   x,y,z 
_pdbx_struct_oper_list.matrix[1][1]         1.0000000000 
_pdbx_struct_oper_list.matrix[1][2]         0.0000000000 
_pdbx_struct_oper_list.matrix[1][3]         0.0000000000 
_pdbx_struct_oper_list.vector[1]            0.0000000000 
_pdbx_struct_oper_list.matrix[2][1]         0.0000000000 
_pdbx_struct_oper_list.matrix[2][2]         1.0000000000 
_pdbx_struct_oper_list.matrix[2][3]         0.0000000000 
_pdbx_struct_oper_list.vector[2]            0.0000000000 
_pdbx_struct_oper_list.matrix[3][1]         0.0000000000 
_pdbx_struct_oper_list.matrix[3][2]         0.0000000000 
_pdbx_struct_oper_list.matrix[3][3]         1.0000000000 
_pdbx_struct_oper_list.vector[3]            0.0000000000 
# 
loop_
_struct_conf.conf_type_id 
_struct_conf.id 
_struct_conf.pdbx_PDB_helix_id 
_struct_conf.beg_label_comp_id 
_struct_conf.beg_label_asym_id 
_struct_conf.beg_label_seq_id 
_struct_conf.pdbx_beg_PDB_ins_code 
_struct_conf.end_label_comp_id 
_struct_conf.end_label_asym_id 
_struct_conf.end_label_seq_id 
_struct_conf.pdbx_end_PDB_ins_code 
_struct_conf.beg_auth_comp_id 
_struct_conf.beg_auth_asym_id 
_struct_conf.beg_auth_seq_id 
_struct_conf.end_auth_comp_id 
_struct_conf.end_auth_asym_id 
_struct_conf.end_auth_seq_id 
_struct_conf.pdbx_PDB_helix_class 
_struct_conf.details 
_struct_conf.pdbx_PDB_helix_length 
HELX_P HELX_P1 AA1 THR A 18  ? VAL A 27  ? THR A 60  VAL A 69  1 ? 10 
HELX_P HELX_P2 AA2 VAL A 27  ? TRP A 33  ? VAL A 69  TRP A 75  1 ? 7  
HELX_P HELX_P3 AA3 ALA A 38  ? GLN A 42  ? ALA A 80  GLN A 84  5 ? 5  
HELX_P HELX_P4 AA4 ASP A 54  ? ILE A 59  ? ASP A 96  ILE A 101 1 ? 6  
HELX_P HELX_P5 AA5 ASP A 64  ? ASN A 75  ? ASP A 106 ASN A 117 1 ? 12 
HELX_P HELX_P6 AA6 ASN A 79  ? ASN A 98  ? ASN A 121 ASN A 140 1 ? 20 
HELX_P HELX_P7 AA7 ASP A 102 ? ASN A 120 ? ASP A 144 ASN A 162 1 ? 19 
# 
_struct_conf_type.id          HELX_P 
_struct_conf_type.criteria    ? 
_struct_conf_type.reference   ? 
# 
_struct_site.id                   AC1 
_struct_site.pdbx_evidence_code   Software 
_struct_site.pdbx_auth_asym_id    A 
_struct_site.pdbx_auth_comp_id    C6X 
_struct_site.pdbx_auth_seq_id     201 
_struct_site.pdbx_auth_ins_code   ? 
_struct_site.pdbx_num_residues    10 
_struct_site.details              'binding site for residue C6X A 201' 
# 
loop_
_struct_site_gen.id 
_struct_site_gen.site_id 
_struct_site_gen.pdbx_num_res 
_struct_site_gen.label_comp_id 
_struct_site_gen.label_asym_id 
_struct_site_gen.label_seq_id 
_struct_site_gen.pdbx_auth_ins_code 
_struct_site_gen.auth_comp_id 
_struct_site_gen.auth_asym_id 
_struct_site_gen.auth_seq_id 
_struct_site_gen.label_atom_id 
_struct_site_gen.label_alt_id 
_struct_site_gen.symmetry 
_struct_site_gen.details 
1  AC1 10 TRP A 39  ? TRP A 81  . ? 1_555 ? 
2  AC1 10 PRO A 40  ? PRO A 82  . ? 1_555 ? 
3  AC1 10 LEU A 50  ? LEU A 92  . ? 1_555 ? 
4  AC1 10 ASP A 54  ? ASP A 96  . ? 4_566 ? 
5  AC1 10 LYS A 57  ? LYS A 99  . ? 4_566 ? 
6  AC1 10 ASN A 98  ? ASN A 140 . ? 1_555 ? 
7  AC1 10 ILE A 104 ? ILE A 146 . ? 1_555 ? 
8  AC1 10 HOH C .   ? HOH A 308 . ? 1_555 ? 
9  AC1 10 HOH C .   ? HOH A 321 . ? 1_555 ? 
10 AC1 10 HOH C .   ? HOH A 328 . ? 1_555 ? 
# 
loop_
_pdbx_validate_close_contact.id 
_pdbx_validate_close_contact.PDB_model_num 
_pdbx_validate_close_contact.auth_atom_id_1 
_pdbx_validate_close_contact.auth_asym_id_1 
_pdbx_validate_close_contact.auth_comp_id_1 
_pdbx_validate_close_contact.auth_seq_id_1 
_pdbx_validate_close_contact.PDB_ins_code_1 
_pdbx_validate_close_contact.label_alt_id_1 
_pdbx_validate_close_contact.auth_atom_id_2 
_pdbx_validate_close_contact.auth_asym_id_2 
_pdbx_validate_close_contact.auth_comp_id_2 
_pdbx_validate_close_contact.auth_seq_id_2 
_pdbx_validate_close_contact.PDB_ins_code_2 
_pdbx_validate_close_contact.label_alt_id_2 
_pdbx_validate_close_contact.dist 
1 1 O   A HOH 403 ? ? O A HOH 447 ? ? 1.88 
2 1 O   A HOH 341 ? ? O A HOH 445 ? ? 2.00 
3 1 O   A HOH 441 ? ? O A HOH 468 ? ? 2.08 
4 1 O   A HOH 414 ? ? O A HOH 447 ? ? 2.11 
5 1 OD1 A ASN 116 ? ? O A HOH 301 ? ? 2.15 
# 
loop_
_pdbx_validate_symm_contact.id 
_pdbx_validate_symm_contact.PDB_model_num 
_pdbx_validate_symm_contact.auth_atom_id_1 
_pdbx_validate_symm_contact.auth_asym_id_1 
_pdbx_validate_symm_contact.auth_comp_id_1 
_pdbx_validate_symm_contact.auth_seq_id_1 
_pdbx_validate_symm_contact.PDB_ins_code_1 
_pdbx_validate_symm_contact.label_alt_id_1 
_pdbx_validate_symm_contact.site_symmetry_1 
_pdbx_validate_symm_contact.auth_atom_id_2 
_pdbx_validate_symm_contact.auth_asym_id_2 
_pdbx_validate_symm_contact.auth_comp_id_2 
_pdbx_validate_symm_contact.auth_seq_id_2 
_pdbx_validate_symm_contact.PDB_ins_code_2 
_pdbx_validate_symm_contact.label_alt_id_2 
_pdbx_validate_symm_contact.site_symmetry_2 
_pdbx_validate_symm_contact.dist 
1 1 O A HOH 456 ? ? 1_555 O A HOH 476 ? ? 4_466 1.94 
2 1 O A HOH 403 ? ? 1_555 O A HOH 475 ? ? 4_556 2.03 
3 1 O A HOH 447 ? ? 1_555 O A HOH 475 ? ? 4_556 2.05 
4 1 O A HOH 371 ? ? 1_555 O A HOH 405 ? ? 2_664 2.07 
5 1 O A HOH 370 ? ? 1_555 O A HOH 466 ? ? 4_466 2.15 
# 
_pdbx_validate_rmsd_bond.id                        1 
_pdbx_validate_rmsd_bond.PDB_model_num             1 
_pdbx_validate_rmsd_bond.auth_atom_id_1            CB 
_pdbx_validate_rmsd_bond.auth_asym_id_1            A 
_pdbx_validate_rmsd_bond.auth_comp_id_1            VAL 
_pdbx_validate_rmsd_bond.auth_seq_id_1             69 
_pdbx_validate_rmsd_bond.PDB_ins_code_1            ? 
_pdbx_validate_rmsd_bond.label_alt_id_1            ? 
_pdbx_validate_rmsd_bond.auth_atom_id_2            CG1 
_pdbx_validate_rmsd_bond.auth_asym_id_2            A 
_pdbx_validate_rmsd_bond.auth_comp_id_2            VAL 
_pdbx_validate_rmsd_bond.auth_seq_id_2             69 
_pdbx_validate_rmsd_bond.PDB_ins_code_2            ? 
_pdbx_validate_rmsd_bond.label_alt_id_2            ? 
_pdbx_validate_rmsd_bond.bond_value                1.358 
_pdbx_validate_rmsd_bond.bond_target_value         1.524 
_pdbx_validate_rmsd_bond.bond_deviation            -0.166 
_pdbx_validate_rmsd_bond.bond_standard_deviation   0.021 
_pdbx_validate_rmsd_bond.linker_flag               N 
# 
loop_
_pdbx_validate_rmsd_angle.id 
_pdbx_validate_rmsd_angle.PDB_model_num 
_pdbx_validate_rmsd_angle.auth_atom_id_1 
_pdbx_validate_rmsd_angle.auth_asym_id_1 
_pdbx_validate_rmsd_angle.auth_comp_id_1 
_pdbx_validate_rmsd_angle.auth_seq_id_1 
_pdbx_validate_rmsd_angle.PDB_ins_code_1 
_pdbx_validate_rmsd_angle.label_alt_id_1 
_pdbx_validate_rmsd_angle.auth_atom_id_2 
_pdbx_validate_rmsd_angle.auth_asym_id_2 
_pdbx_validate_rmsd_angle.auth_comp_id_2 
_pdbx_validate_rmsd_angle.auth_seq_id_2 
_pdbx_validate_rmsd_angle.PDB_ins_code_2 
_pdbx_validate_rmsd_angle.label_alt_id_2 
_pdbx_validate_rmsd_angle.auth_atom_id_3 
_pdbx_validate_rmsd_angle.auth_asym_id_3 
_pdbx_validate_rmsd_angle.auth_comp_id_3 
_pdbx_validate_rmsd_angle.auth_seq_id_3 
_pdbx_validate_rmsd_angle.PDB_ins_code_3 
_pdbx_validate_rmsd_angle.label_alt_id_3 
_pdbx_validate_rmsd_angle.angle_value 
_pdbx_validate_rmsd_angle.angle_target_value 
_pdbx_validate_rmsd_angle.angle_deviation 
_pdbx_validate_rmsd_angle.angle_standard_deviation 
_pdbx_validate_rmsd_angle.linker_flag 
1 1 NE A ARG 58 ? ? CZ A ARG 58 ? ? NH1 A ARG 58 ? ? 126.87 120.30 6.57  0.50 N 
2 1 NE A ARG 58 ? ? CZ A ARG 58 ? ? NH2 A ARG 58 ? ? 113.04 120.30 -7.26 0.50 N 
# 
loop_
_pdbx_validate_torsion.id 
_pdbx_validate_torsion.PDB_model_num 
_pdbx_validate_torsion.auth_comp_id 
_pdbx_validate_torsion.auth_asym_id 
_pdbx_validate_torsion.auth_seq_id 
_pdbx_validate_torsion.PDB_ins_code 
_pdbx_validate_torsion.label_alt_id 
_pdbx_validate_torsion.phi 
_pdbx_validate_torsion.psi 
1 1 ASN A 52  ? ? -166.81 100.67  
2 1 LEU A 94  ? ? -118.48 62.95   
3 1 ASN A 140 ? ? -116.08 -150.01 
# 
loop_
_chem_comp_atom.comp_id 
_chem_comp_atom.atom_id 
_chem_comp_atom.type_symbol 
_chem_comp_atom.pdbx_aromatic_flag 
_chem_comp_atom.pdbx_stereo_config 
_chem_comp_atom.pdbx_ordinal 
ALA N    N N N 1   
ALA CA   C N S 2   
ALA C    C N N 3   
ALA O    O N N 4   
ALA CB   C N N 5   
ALA OXT  O N N 6   
ALA H    H N N 7   
ALA H2   H N N 8   
ALA HA   H N N 9   
ALA HB1  H N N 10  
ALA HB2  H N N 11  
ALA HB3  H N N 12  
ALA HXT  H N N 13  
ARG N    N N N 14  
ARG CA   C N S 15  
ARG C    C N N 16  
ARG O    O N N 17  
ARG CB   C N N 18  
ARG CG   C N N 19  
ARG CD   C N N 20  
ARG NE   N N N 21  
ARG CZ   C N N 22  
ARG NH1  N N N 23  
ARG NH2  N N N 24  
ARG OXT  O N N 25  
ARG H    H N N 26  
ARG H2   H N N 27  
ARG HA   H N N 28  
ARG HB2  H N N 29  
ARG HB3  H N N 30  
ARG HG2  H N N 31  
ARG HG3  H N N 32  
ARG HD2  H N N 33  
ARG HD3  H N N 34  
ARG HE   H N N 35  
ARG HH11 H N N 36  
ARG HH12 H N N 37  
ARG HH21 H N N 38  
ARG HH22 H N N 39  
ARG HXT  H N N 40  
ASN N    N N N 41  
ASN CA   C N S 42  
ASN C    C N N 43  
ASN O    O N N 44  
ASN CB   C N N 45  
ASN CG   C N N 46  
ASN OD1  O N N 47  
ASN ND2  N N N 48  
ASN OXT  O N N 49  
ASN H    H N N 50  
ASN H2   H N N 51  
ASN HA   H N N 52  
ASN HB2  H N N 53  
ASN HB3  H N N 54  
ASN HD21 H N N 55  
ASN HD22 H N N 56  
ASN HXT  H N N 57  
ASP N    N N N 58  
ASP CA   C N S 59  
ASP C    C N N 60  
ASP O    O N N 61  
ASP CB   C N N 62  
ASP CG   C N N 63  
ASP OD1  O N N 64  
ASP OD2  O N N 65  
ASP OXT  O N N 66  
ASP H    H N N 67  
ASP H2   H N N 68  
ASP HA   H N N 69  
ASP HB2  H N N 70  
ASP HB3  H N N 71  
ASP HD2  H N N 72  
ASP HXT  H N N 73  
C6X C1   C Y N 74  
C6X C10  C N N 75  
C6X C12  C Y N 76  
C6X C13  C Y N 77  
C6X C14  C Y N 78  
C6X C15  C Y N 79  
C6X C16  C Y N 80  
C6X C17  C Y N 81  
C6X C18  C Y N 82  
C6X C2   C Y N 83  
C6X C20  C Y N 84  
C6X C21  C Y N 85  
C6X C22  C Y N 86  
C6X C23  C Y N 87  
C6X C24  C N N 88  
C6X C26  C N N 89  
C6X C28  C N N 90  
C6X C29  C N N 91  
C6X C3   C Y N 92  
C6X C4   C Y N 93  
C6X C5   C Y N 94  
C6X C6   C Y N 95  
C6X C7   C N N 96  
C6X N11  N N N 97  
C6X N19  N Y N 98  
C6X N25  N N N 99  
C6X N9   N N N 100 
C6X O27  O N N 101 
C6X O8   O N N 102 
C6X H1   H N N 103 
C6X H2   H N N 104 
C6X H3   H N N 105 
C6X H4   H N N 106 
C6X H5   H N N 107 
C6X H6   H N N 108 
C6X H7   H N N 109 
C6X H8   H N N 110 
C6X H9   H N N 111 
C6X H10  H N N 112 
C6X H11  H N N 113 
C6X H12  H N N 114 
C6X H13  H N N 115 
C6X H14  H N N 116 
C6X H15  H N N 117 
C6X H16  H N N 118 
C6X H17  H N N 119 
C6X H18  H N N 120 
CYS N    N N N 121 
CYS CA   C N R 122 
CYS C    C N N 123 
CYS O    O N N 124 
CYS CB   C N N 125 
CYS SG   S N N 126 
CYS OXT  O N N 127 
CYS H    H N N 128 
CYS H2   H N N 129 
CYS HA   H N N 130 
CYS HB2  H N N 131 
CYS HB3  H N N 132 
CYS HG   H N N 133 
CYS HXT  H N N 134 
GLN N    N N N 135 
GLN CA   C N S 136 
GLN C    C N N 137 
GLN O    O N N 138 
GLN CB   C N N 139 
GLN CG   C N N 140 
GLN CD   C N N 141 
GLN OE1  O N N 142 
GLN NE2  N N N 143 
GLN OXT  O N N 144 
GLN H    H N N 145 
GLN H2   H N N 146 
GLN HA   H N N 147 
GLN HB2  H N N 148 
GLN HB3  H N N 149 
GLN HG2  H N N 150 
GLN HG3  H N N 151 
GLN HE21 H N N 152 
GLN HE22 H N N 153 
GLN HXT  H N N 154 
GLU N    N N N 155 
GLU CA   C N S 156 
GLU C    C N N 157 
GLU O    O N N 158 
GLU CB   C N N 159 
GLU CG   C N N 160 
GLU CD   C N N 161 
GLU OE1  O N N 162 
GLU OE2  O N N 163 
GLU OXT  O N N 164 
GLU H    H N N 165 
GLU H2   H N N 166 
GLU HA   H N N 167 
GLU HB2  H N N 168 
GLU HB3  H N N 169 
GLU HG2  H N N 170 
GLU HG3  H N N 171 
GLU HE2  H N N 172 
GLU HXT  H N N 173 
GLY N    N N N 174 
GLY CA   C N N 175 
GLY C    C N N 176 
GLY O    O N N 177 
GLY OXT  O N N 178 
GLY H    H N N 179 
GLY H2   H N N 180 
GLY HA2  H N N 181 
GLY HA3  H N N 182 
GLY HXT  H N N 183 
HIS N    N N N 184 
HIS CA   C N S 185 
HIS C    C N N 186 
HIS O    O N N 187 
HIS CB   C N N 188 
HIS CG   C Y N 189 
HIS ND1  N Y N 190 
HIS CD2  C Y N 191 
HIS CE1  C Y N 192 
HIS NE2  N Y N 193 
HIS OXT  O N N 194 
HIS H    H N N 195 
HIS H2   H N N 196 
HIS HA   H N N 197 
HIS HB2  H N N 198 
HIS HB3  H N N 199 
HIS HD1  H N N 200 
HIS HD2  H N N 201 
HIS HE1  H N N 202 
HIS HE2  H N N 203 
HIS HXT  H N N 204 
HOH O    O N N 205 
HOH H1   H N N 206 
HOH H2   H N N 207 
ILE N    N N N 208 
ILE CA   C N S 209 
ILE C    C N N 210 
ILE O    O N N 211 
ILE CB   C N S 212 
ILE CG1  C N N 213 
ILE CG2  C N N 214 
ILE CD1  C N N 215 
ILE OXT  O N N 216 
ILE H    H N N 217 
ILE H2   H N N 218 
ILE HA   H N N 219 
ILE HB   H N N 220 
ILE HG12 H N N 221 
ILE HG13 H N N 222 
ILE HG21 H N N 223 
ILE HG22 H N N 224 
ILE HG23 H N N 225 
ILE HD11 H N N 226 
ILE HD12 H N N 227 
ILE HD13 H N N 228 
ILE HXT  H N N 229 
LEU N    N N N 230 
LEU CA   C N S 231 
LEU C    C N N 232 
LEU O    O N N 233 
LEU CB   C N N 234 
LEU CG   C N N 235 
LEU CD1  C N N 236 
LEU CD2  C N N 237 
LEU OXT  O N N 238 
LEU H    H N N 239 
LEU H2   H N N 240 
LEU HA   H N N 241 
LEU HB2  H N N 242 
LEU HB3  H N N 243 
LEU HG   H N N 244 
LEU HD11 H N N 245 
LEU HD12 H N N 246 
LEU HD13 H N N 247 
LEU HD21 H N N 248 
LEU HD22 H N N 249 
LEU HD23 H N N 250 
LEU HXT  H N N 251 
LYS N    N N N 252 
LYS CA   C N S 253 
LYS C    C N N 254 
LYS O    O N N 255 
LYS CB   C N N 256 
LYS CG   C N N 257 
LYS CD   C N N 258 
LYS CE   C N N 259 
LYS NZ   N N N 260 
LYS OXT  O N N 261 
LYS H    H N N 262 
LYS H2   H N N 263 
LYS HA   H N N 264 
LYS HB2  H N N 265 
LYS HB3  H N N 266 
LYS HG2  H N N 267 
LYS HG3  H N N 268 
LYS HD2  H N N 269 
LYS HD3  H N N 270 
LYS HE2  H N N 271 
LYS HE3  H N N 272 
LYS HZ1  H N N 273 
LYS HZ2  H N N 274 
LYS HZ3  H N N 275 
LYS HXT  H N N 276 
MET N    N N N 277 
MET CA   C N S 278 
MET C    C N N 279 
MET O    O N N 280 
MET CB   C N N 281 
MET CG   C N N 282 
MET SD   S N N 283 
MET CE   C N N 284 
MET OXT  O N N 285 
MET H    H N N 286 
MET H2   H N N 287 
MET HA   H N N 288 
MET HB2  H N N 289 
MET HB3  H N N 290 
MET HG2  H N N 291 
MET HG3  H N N 292 
MET HE1  H N N 293 
MET HE2  H N N 294 
MET HE3  H N N 295 
MET HXT  H N N 296 
PHE N    N N N 297 
PHE CA   C N S 298 
PHE C    C N N 299 
PHE O    O N N 300 
PHE CB   C N N 301 
PHE CG   C Y N 302 
PHE CD1  C Y N 303 
PHE CD2  C Y N 304 
PHE CE1  C Y N 305 
PHE CE2  C Y N 306 
PHE CZ   C Y N 307 
PHE OXT  O N N 308 
PHE H    H N N 309 
PHE H2   H N N 310 
PHE HA   H N N 311 
PHE HB2  H N N 312 
PHE HB3  H N N 313 
PHE HD1  H N N 314 
PHE HD2  H N N 315 
PHE HE1  H N N 316 
PHE HE2  H N N 317 
PHE HZ   H N N 318 
PHE HXT  H N N 319 
PRO N    N N N 320 
PRO CA   C N S 321 
PRO C    C N N 322 
PRO O    O N N 323 
PRO CB   C N N 324 
PRO CG   C N N 325 
PRO CD   C N N 326 
PRO OXT  O N N 327 
PRO H    H N N 328 
PRO HA   H N N 329 
PRO HB2  H N N 330 
PRO HB3  H N N 331 
PRO HG2  H N N 332 
PRO HG3  H N N 333 
PRO HD2  H N N 334 
PRO HD3  H N N 335 
PRO HXT  H N N 336 
SER N    N N N 337 
SER CA   C N S 338 
SER C    C N N 339 
SER O    O N N 340 
SER CB   C N N 341 
SER OG   O N N 342 
SER OXT  O N N 343 
SER H    H N N 344 
SER H2   H N N 345 
SER HA   H N N 346 
SER HB2  H N N 347 
SER HB3  H N N 348 
SER HG   H N N 349 
SER HXT  H N N 350 
THR N    N N N 351 
THR CA   C N S 352 
THR C    C N N 353 
THR O    O N N 354 
THR CB   C N R 355 
THR OG1  O N N 356 
THR CG2  C N N 357 
THR OXT  O N N 358 
THR H    H N N 359 
THR H2   H N N 360 
THR HA   H N N 361 
THR HB   H N N 362 
THR HG1  H N N 363 
THR HG21 H N N 364 
THR HG22 H N N 365 
THR HG23 H N N 366 
THR HXT  H N N 367 
TRP N    N N N 368 
TRP CA   C N S 369 
TRP C    C N N 370 
TRP O    O N N 371 
TRP CB   C N N 372 
TRP CG   C Y N 373 
TRP CD1  C Y N 374 
TRP CD2  C Y N 375 
TRP NE1  N Y N 376 
TRP CE2  C Y N 377 
TRP CE3  C Y N 378 
TRP CZ2  C Y N 379 
TRP CZ3  C Y N 380 
TRP CH2  C Y N 381 
TRP OXT  O N N 382 
TRP H    H N N 383 
TRP H2   H N N 384 
TRP HA   H N N 385 
TRP HB2  H N N 386 
TRP HB3  H N N 387 
TRP HD1  H N N 388 
TRP HE1  H N N 389 
TRP HE3  H N N 390 
TRP HZ2  H N N 391 
TRP HZ3  H N N 392 
TRP HH2  H N N 393 
TRP HXT  H N N 394 
TYR N    N N N 395 
TYR CA   C N S 396 
TYR C    C N N 397 
TYR O    O N N 398 
TYR CB   C N N 399 
TYR CG   C Y N 400 
TYR CD1  C Y N 401 
TYR CD2  C Y N 402 
TYR CE1  C Y N 403 
TYR CE2  C Y N 404 
TYR CZ   C Y N 405 
TYR OH   O N N 406 
TYR OXT  O N N 407 
TYR H    H N N 408 
TYR H2   H N N 409 
TYR HA   H N N 410 
TYR HB2  H N N 411 
TYR HB3  H N N 412 
TYR HD1  H N N 413 
TYR HD2  H N N 414 
TYR HE1  H N N 415 
TYR HE2  H N N 416 
TYR HH   H N N 417 
TYR HXT  H N N 418 
VAL N    N N N 419 
VAL CA   C N S 420 
VAL C    C N N 421 
VAL O    O N N 422 
VAL CB   C N N 423 
VAL CG1  C N N 424 
VAL CG2  C N N 425 
VAL OXT  O N N 426 
VAL H    H N N 427 
VAL H2   H N N 428 
VAL HA   H N N 429 
VAL HB   H N N 430 
VAL HG11 H N N 431 
VAL HG12 H N N 432 
VAL HG13 H N N 433 
VAL HG21 H N N 434 
VAL HG22 H N N 435 
VAL HG23 H N N 436 
VAL HXT  H N N 437 
# 
loop_
_chem_comp_bond.comp_id 
_chem_comp_bond.atom_id_1 
_chem_comp_bond.atom_id_2 
_chem_comp_bond.value_order 
_chem_comp_bond.pdbx_aromatic_flag 
_chem_comp_bond.pdbx_stereo_config 
_chem_comp_bond.pdbx_ordinal 
ALA N   CA   sing N N 1   
ALA N   H    sing N N 2   
ALA N   H2   sing N N 3   
ALA CA  C    sing N N 4   
ALA CA  CB   sing N N 5   
ALA CA  HA   sing N N 6   
ALA C   O    doub N N 7   
ALA C   OXT  sing N N 8   
ALA CB  HB1  sing N N 9   
ALA CB  HB2  sing N N 10  
ALA CB  HB3  sing N N 11  
ALA OXT HXT  sing N N 12  
ARG N   CA   sing N N 13  
ARG N   H    sing N N 14  
ARG N   H2   sing N N 15  
ARG CA  C    sing N N 16  
ARG CA  CB   sing N N 17  
ARG CA  HA   sing N N 18  
ARG C   O    doub N N 19  
ARG C   OXT  sing N N 20  
ARG CB  CG   sing N N 21  
ARG CB  HB2  sing N N 22  
ARG CB  HB3  sing N N 23  
ARG CG  CD   sing N N 24  
ARG CG  HG2  sing N N 25  
ARG CG  HG3  sing N N 26  
ARG CD  NE   sing N N 27  
ARG CD  HD2  sing N N 28  
ARG CD  HD3  sing N N 29  
ARG NE  CZ   sing N N 30  
ARG NE  HE   sing N N 31  
ARG CZ  NH1  sing N N 32  
ARG CZ  NH2  doub N N 33  
ARG NH1 HH11 sing N N 34  
ARG NH1 HH12 sing N N 35  
ARG NH2 HH21 sing N N 36  
ARG NH2 HH22 sing N N 37  
ARG OXT HXT  sing N N 38  
ASN N   CA   sing N N 39  
ASN N   H    sing N N 40  
ASN N   H2   sing N N 41  
ASN CA  C    sing N N 42  
ASN CA  CB   sing N N 43  
ASN CA  HA   sing N N 44  
ASN C   O    doub N N 45  
ASN C   OXT  sing N N 46  
ASN CB  CG   sing N N 47  
ASN CB  HB2  sing N N 48  
ASN CB  HB3  sing N N 49  
ASN CG  OD1  doub N N 50  
ASN CG  ND2  sing N N 51  
ASN ND2 HD21 sing N N 52  
ASN ND2 HD22 sing N N 53  
ASN OXT HXT  sing N N 54  
ASP N   CA   sing N N 55  
ASP N   H    sing N N 56  
ASP N   H2   sing N N 57  
ASP CA  C    sing N N 58  
ASP CA  CB   sing N N 59  
ASP CA  HA   sing N N 60  
ASP C   O    doub N N 61  
ASP C   OXT  sing N N 62  
ASP CB  CG   sing N N 63  
ASP CB  HB2  sing N N 64  
ASP CB  HB3  sing N N 65  
ASP CG  OD1  doub N N 66  
ASP CG  OD2  sing N N 67  
ASP OD2 HD2  sing N N 68  
ASP OXT HXT  sing N N 69  
C6X O8  C7   doub N N 70  
C6X C7  N9   sing N N 71  
C6X C7  C4   sing N N 72  
C6X C5  C4   doub Y N 73  
C6X C5  C6   sing Y N 74  
C6X C4  C3   sing Y N 75  
C6X C6  C1   doub Y N 76  
C6X C3  C2   doub Y N 77  
C6X C1  C2   sing Y N 78  
C6X C2  C10  sing N N 79  
C6X C10 N11  sing N N 80  
C6X C16 C17  sing Y N 81  
C6X C16 C15  doub Y N 82  
C6X C17 C12  doub Y N 83  
C6X C15 C14  sing Y N 84  
C6X C12 N11  sing N N 85  
C6X C12 C13  sing Y N 86  
C6X N11 C18  sing N N 87  
C6X C14 C13  doub Y N 88  
C6X C14 C26  sing N N 89  
C6X C13 C24  sing N N 90  
C6X N19 C18  sing Y N 91  
C6X N19 C20  doub Y N 92  
C6X C18 C23  doub Y N 93  
C6X C26 O27  doub N N 94  
C6X C26 N25  sing N N 95  
C6X C24 N25  sing N N 96  
C6X C24 C29  doub N N 97  
C6X C20 C21  sing Y N 98  
C6X N25 C28  sing N N 99  
C6X C23 C29  sing N N 100 
C6X C23 C22  sing Y N 101 
C6X C21 C22  doub Y N 102 
C6X C1  H1   sing N N 103 
C6X C10 H2   sing N N 104 
C6X C10 H3   sing N N 105 
C6X C15 H4   sing N N 106 
C6X C16 H5   sing N N 107 
C6X C17 H6   sing N N 108 
C6X C20 H7   sing N N 109 
C6X C21 H8   sing N N 110 
C6X C22 H9   sing N N 111 
C6X C28 H10  sing N N 112 
C6X C28 H11  sing N N 113 
C6X C28 H12  sing N N 114 
C6X C29 H13  sing N N 115 
C6X C3  H14  sing N N 116 
C6X C5  H15  sing N N 117 
C6X C6  H16  sing N N 118 
C6X N9  H17  sing N N 119 
C6X N9  H18  sing N N 120 
CYS N   CA   sing N N 121 
CYS N   H    sing N N 122 
CYS N   H2   sing N N 123 
CYS CA  C    sing N N 124 
CYS CA  CB   sing N N 125 
CYS CA  HA   sing N N 126 
CYS C   O    doub N N 127 
CYS C   OXT  sing N N 128 
CYS CB  SG   sing N N 129 
CYS CB  HB2  sing N N 130 
CYS CB  HB3  sing N N 131 
CYS SG  HG   sing N N 132 
CYS OXT HXT  sing N N 133 
GLN N   CA   sing N N 134 
GLN N   H    sing N N 135 
GLN N   H2   sing N N 136 
GLN CA  C    sing N N 137 
GLN CA  CB   sing N N 138 
GLN CA  HA   sing N N 139 
GLN C   O    doub N N 140 
GLN C   OXT  sing N N 141 
GLN CB  CG   sing N N 142 
GLN CB  HB2  sing N N 143 
GLN CB  HB3  sing N N 144 
GLN CG  CD   sing N N 145 
GLN CG  HG2  sing N N 146 
GLN CG  HG3  sing N N 147 
GLN CD  OE1  doub N N 148 
GLN CD  NE2  sing N N 149 
GLN NE2 HE21 sing N N 150 
GLN NE2 HE22 sing N N 151 
GLN OXT HXT  sing N N 152 
GLU N   CA   sing N N 153 
GLU N   H    sing N N 154 
GLU N   H2   sing N N 155 
GLU CA  C    sing N N 156 
GLU CA  CB   sing N N 157 
GLU CA  HA   sing N N 158 
GLU C   O    doub N N 159 
GLU C   OXT  sing N N 160 
GLU CB  CG   sing N N 161 
GLU CB  HB2  sing N N 162 
GLU CB  HB3  sing N N 163 
GLU CG  CD   sing N N 164 
GLU CG  HG2  sing N N 165 
GLU CG  HG3  sing N N 166 
GLU CD  OE1  doub N N 167 
GLU CD  OE2  sing N N 168 
GLU OE2 HE2  sing N N 169 
GLU OXT HXT  sing N N 170 
GLY N   CA   sing N N 171 
GLY N   H    sing N N 172 
GLY N   H2   sing N N 173 
GLY CA  C    sing N N 174 
GLY CA  HA2  sing N N 175 
GLY CA  HA3  sing N N 176 
GLY C   O    doub N N 177 
GLY C   OXT  sing N N 178 
GLY OXT HXT  sing N N 179 
HIS N   CA   sing N N 180 
HIS N   H    sing N N 181 
HIS N   H2   sing N N 182 
HIS CA  C    sing N N 183 
HIS CA  CB   sing N N 184 
HIS CA  HA   sing N N 185 
HIS C   O    doub N N 186 
HIS C   OXT  sing N N 187 
HIS CB  CG   sing N N 188 
HIS CB  HB2  sing N N 189 
HIS CB  HB3  sing N N 190 
HIS CG  ND1  sing Y N 191 
HIS CG  CD2  doub Y N 192 
HIS ND1 CE1  doub Y N 193 
HIS ND1 HD1  sing N N 194 
HIS CD2 NE2  sing Y N 195 
HIS CD2 HD2  sing N N 196 
HIS CE1 NE2  sing Y N 197 
HIS CE1 HE1  sing N N 198 
HIS NE2 HE2  sing N N 199 
HIS OXT HXT  sing N N 200 
HOH O   H1   sing N N 201 
HOH O   H2   sing N N 202 
ILE N   CA   sing N N 203 
ILE N   H    sing N N 204 
ILE N   H2   sing N N 205 
ILE CA  C    sing N N 206 
ILE CA  CB   sing N N 207 
ILE CA  HA   sing N N 208 
ILE C   O    doub N N 209 
ILE C   OXT  sing N N 210 
ILE CB  CG1  sing N N 211 
ILE CB  CG2  sing N N 212 
ILE CB  HB   sing N N 213 
ILE CG1 CD1  sing N N 214 
ILE CG1 HG12 sing N N 215 
ILE CG1 HG13 sing N N 216 
ILE CG2 HG21 sing N N 217 
ILE CG2 HG22 sing N N 218 
ILE CG2 HG23 sing N N 219 
ILE CD1 HD11 sing N N 220 
ILE CD1 HD12 sing N N 221 
ILE CD1 HD13 sing N N 222 
ILE OXT HXT  sing N N 223 
LEU N   CA   sing N N 224 
LEU N   H    sing N N 225 
LEU N   H2   sing N N 226 
LEU CA  C    sing N N 227 
LEU CA  CB   sing N N 228 
LEU CA  HA   sing N N 229 
LEU C   O    doub N N 230 
LEU C   OXT  sing N N 231 
LEU CB  CG   sing N N 232 
LEU CB  HB2  sing N N 233 
LEU CB  HB3  sing N N 234 
LEU CG  CD1  sing N N 235 
LEU CG  CD2  sing N N 236 
LEU CG  HG   sing N N 237 
LEU CD1 HD11 sing N N 238 
LEU CD1 HD12 sing N N 239 
LEU CD1 HD13 sing N N 240 
LEU CD2 HD21 sing N N 241 
LEU CD2 HD22 sing N N 242 
LEU CD2 HD23 sing N N 243 
LEU OXT HXT  sing N N 244 
LYS N   CA   sing N N 245 
LYS N   H    sing N N 246 
LYS N   H2   sing N N 247 
LYS CA  C    sing N N 248 
LYS CA  CB   sing N N 249 
LYS CA  HA   sing N N 250 
LYS C   O    doub N N 251 
LYS C   OXT  sing N N 252 
LYS CB  CG   sing N N 253 
LYS CB  HB2  sing N N 254 
LYS CB  HB3  sing N N 255 
LYS CG  CD   sing N N 256 
LYS CG  HG2  sing N N 257 
LYS CG  HG3  sing N N 258 
LYS CD  CE   sing N N 259 
LYS CD  HD2  sing N N 260 
LYS CD  HD3  sing N N 261 
LYS CE  NZ   sing N N 262 
LYS CE  HE2  sing N N 263 
LYS CE  HE3  sing N N 264 
LYS NZ  HZ1  sing N N 265 
LYS NZ  HZ2  sing N N 266 
LYS NZ  HZ3  sing N N 267 
LYS OXT HXT  sing N N 268 
MET N   CA   sing N N 269 
MET N   H    sing N N 270 
MET N   H2   sing N N 271 
MET CA  C    sing N N 272 
MET CA  CB   sing N N 273 
MET CA  HA   sing N N 274 
MET C   O    doub N N 275 
MET C   OXT  sing N N 276 
MET CB  CG   sing N N 277 
MET CB  HB2  sing N N 278 
MET CB  HB3  sing N N 279 
MET CG  SD   sing N N 280 
MET CG  HG2  sing N N 281 
MET CG  HG3  sing N N 282 
MET SD  CE   sing N N 283 
MET CE  HE1  sing N N 284 
MET CE  HE2  sing N N 285 
MET CE  HE3  sing N N 286 
MET OXT HXT  sing N N 287 
PHE N   CA   sing N N 288 
PHE N   H    sing N N 289 
PHE N   H2   sing N N 290 
PHE CA  C    sing N N 291 
PHE CA  CB   sing N N 292 
PHE CA  HA   sing N N 293 
PHE C   O    doub N N 294 
PHE C   OXT  sing N N 295 
PHE CB  CG   sing N N 296 
PHE CB  HB2  sing N N 297 
PHE CB  HB3  sing N N 298 
PHE CG  CD1  doub Y N 299 
PHE CG  CD2  sing Y N 300 
PHE CD1 CE1  sing Y N 301 
PHE CD1 HD1  sing N N 302 
PHE CD2 CE2  doub Y N 303 
PHE CD2 HD2  sing N N 304 
PHE CE1 CZ   doub Y N 305 
PHE CE1 HE1  sing N N 306 
PHE CE2 CZ   sing Y N 307 
PHE CE2 HE2  sing N N 308 
PHE CZ  HZ   sing N N 309 
PHE OXT HXT  sing N N 310 
PRO N   CA   sing N N 311 
PRO N   CD   sing N N 312 
PRO N   H    sing N N 313 
PRO CA  C    sing N N 314 
PRO CA  CB   sing N N 315 
PRO CA  HA   sing N N 316 
PRO C   O    doub N N 317 
PRO C   OXT  sing N N 318 
PRO CB  CG   sing N N 319 
PRO CB  HB2  sing N N 320 
PRO CB  HB3  sing N N 321 
PRO CG  CD   sing N N 322 
PRO CG  HG2  sing N N 323 
PRO CG  HG3  sing N N 324 
PRO CD  HD2  sing N N 325 
PRO CD  HD3  sing N N 326 
PRO OXT HXT  sing N N 327 
SER N   CA   sing N N 328 
SER N   H    sing N N 329 
SER N   H2   sing N N 330 
SER CA  C    sing N N 331 
SER CA  CB   sing N N 332 
SER CA  HA   sing N N 333 
SER C   O    doub N N 334 
SER C   OXT  sing N N 335 
SER CB  OG   sing N N 336 
SER CB  HB2  sing N N 337 
SER CB  HB3  sing N N 338 
SER OG  HG   sing N N 339 
SER OXT HXT  sing N N 340 
THR N   CA   sing N N 341 
THR N   H    sing N N 342 
THR N   H2   sing N N 343 
THR CA  C    sing N N 344 
THR CA  CB   sing N N 345 
THR CA  HA   sing N N 346 
THR C   O    doub N N 347 
THR C   OXT  sing N N 348 
THR CB  OG1  sing N N 349 
THR CB  CG2  sing N N 350 
THR CB  HB   sing N N 351 
THR OG1 HG1  sing N N 352 
THR CG2 HG21 sing N N 353 
THR CG2 HG22 sing N N 354 
THR CG2 HG23 sing N N 355 
THR OXT HXT  sing N N 356 
TRP N   CA   sing N N 357 
TRP N   H    sing N N 358 
TRP N   H2   sing N N 359 
TRP CA  C    sing N N 360 
TRP CA  CB   sing N N 361 
TRP CA  HA   sing N N 362 
TRP C   O    doub N N 363 
TRP C   OXT  sing N N 364 
TRP CB  CG   sing N N 365 
TRP CB  HB2  sing N N 366 
TRP CB  HB3  sing N N 367 
TRP CG  CD1  doub Y N 368 
TRP CG  CD2  sing Y N 369 
TRP CD1 NE1  sing Y N 370 
TRP CD1 HD1  sing N N 371 
TRP CD2 CE2  doub Y N 372 
TRP CD2 CE3  sing Y N 373 
TRP NE1 CE2  sing Y N 374 
TRP NE1 HE1  sing N N 375 
TRP CE2 CZ2  sing Y N 376 
TRP CE3 CZ3  doub Y N 377 
TRP CE3 HE3  sing N N 378 
TRP CZ2 CH2  doub Y N 379 
TRP CZ2 HZ2  sing N N 380 
TRP CZ3 CH2  sing Y N 381 
TRP CZ3 HZ3  sing N N 382 
TRP CH2 HH2  sing N N 383 
TRP OXT HXT  sing N N 384 
TYR N   CA   sing N N 385 
TYR N   H    sing N N 386 
TYR N   H2   sing N N 387 
TYR CA  C    sing N N 388 
TYR CA  CB   sing N N 389 
TYR CA  HA   sing N N 390 
TYR C   O    doub N N 391 
TYR C   OXT  sing N N 392 
TYR CB  CG   sing N N 393 
TYR CB  HB2  sing N N 394 
TYR CB  HB3  sing N N 395 
TYR CG  CD1  doub Y N 396 
TYR CG  CD2  sing Y N 397 
TYR CD1 CE1  sing Y N 398 
TYR CD1 HD1  sing N N 399 
TYR CD2 CE2  doub Y N 400 
TYR CD2 HD2  sing N N 401 
TYR CE1 CZ   doub Y N 402 
TYR CE1 HE1  sing N N 403 
TYR CE2 CZ   sing Y N 404 
TYR CE2 HE2  sing N N 405 
TYR CZ  OH   sing N N 406 
TYR OH  HH   sing N N 407 
TYR OXT HXT  sing N N 408 
VAL N   CA   sing N N 409 
VAL N   H    sing N N 410 
VAL N   H2   sing N N 411 
VAL CA  C    sing N N 412 
VAL CA  CB   sing N N 413 
VAL CA  HA   sing N N 414 
VAL C   O    doub N N 415 
VAL C   OXT  sing N N 416 
VAL CB  CG1  sing N N 417 
VAL CB  CG2  sing N N 418 
VAL CB  HB   sing N N 419 
VAL CG1 HG11 sing N N 420 
VAL CG1 HG12 sing N N 421 
VAL CG1 HG13 sing N N 422 
VAL CG2 HG21 sing N N 423 
VAL CG2 HG22 sing N N 424 
VAL CG2 HG23 sing N N 425 
VAL OXT HXT  sing N N 426 
# 
_pdbx_entity_instance_feature.ordinal        1 
_pdbx_entity_instance_feature.comp_id        C6X 
_pdbx_entity_instance_feature.asym_id        ? 
_pdbx_entity_instance_feature.seq_num        ? 
_pdbx_entity_instance_feature.auth_comp_id   C6X 
_pdbx_entity_instance_feature.auth_asym_id   ? 
_pdbx_entity_instance_feature.auth_seq_num   ? 
_pdbx_entity_instance_feature.feature_type   'SUBJECT OF INVESTIGATION' 
_pdbx_entity_instance_feature.details        ? 
# 
_atom_sites.entry_id                    6JJ5 
_atom_sites.fract_transf_matrix[1][1]   0.00322221 
_atom_sites.fract_transf_matrix[1][2]   0.00781302 
_atom_sites.fract_transf_matrix[1][3]   0.03002524 
_atom_sites.fract_transf_matrix[2][1]   0.01347109 
_atom_sites.fract_transf_matrix[2][2]   0.01541556 
_atom_sites.fract_transf_matrix[2][3]   -0.00545703 
_atom_sites.fract_transf_matrix[3][1]   -0.00966750 
_atom_sites.fract_transf_matrix[3][2]   0.00807180 
_atom_sites.fract_transf_matrix[3][3]   -0.00106292 
_atom_sites.fract_transf_vector[1]      0.695387 
_atom_sites.fract_transf_vector[2]      0.430121 
_atom_sites.fract_transf_vector[3]      0.610258 
# 
loop_
_atom_type.symbol 
C 
N 
O 
S 
# 
loop_
_atom_site.group_PDB 
_atom_site.id 
_atom_site.type_symbol 
_atom_site.label_atom_id 
_atom_site.label_alt_id 
_atom_site.label_comp_id 
_atom_site.label_asym_id 
_atom_site.label_entity_id 
_atom_site.label_seq_id 
_atom_site.pdbx_PDB_ins_code 
_atom_site.Cartn_x 
_atom_site.Cartn_y 
_atom_site.Cartn_z 
_atom_site.occupancy 
_atom_site.B_iso_or_equiv 
_atom_site.pdbx_formal_charge 
_atom_site.auth_seq_id 
_atom_site.auth_comp_id 
_atom_site.auth_asym_id 
_atom_site.auth_atom_id 
_atom_site.pdbx_PDB_model_num 
ATOM   1    N N   . MET A 1 1   ? 12.903  13.785  -9.077  1.00 33.52 ? 43  MET A N   1 
ATOM   2    C CA  . MET A 1 1   ? 11.954  14.835  -8.647  1.00 33.64 ? 43  MET A CA  1 
ATOM   3    C C   . MET A 1 1   ? 10.572  14.232  -8.362  1.00 31.45 ? 43  MET A C   1 
ATOM   4    O O   . MET A 1 1   ? 10.244  13.184  -8.951  1.00 31.98 ? 43  MET A O   1 
ATOM   5    C CB  . MET A 1 1   ? 11.876  15.969  -9.666  1.00 35.07 ? 43  MET A CB  1 
ATOM   6    C CG  . MET A 1 1   ? 10.921  17.102  -9.295  1.00 38.37 ? 43  MET A CG  1 
ATOM   7    S SD  . MET A 1 1   ? 10.963  18.480  -10.501 1.00 41.94 ? 43  MET A SD  1 
ATOM   8    C CE  . MET A 1 1   ? 10.212  19.786  -9.529  1.00 41.26 ? 43  MET A CE  1 
ATOM   9    N N   . ASN A 1 2   ? 9.727   14.892  -7.365  1.00 30.57 ? 44  ASN A N   1 
ATOM   10   C CA  . ASN A 1 2   ? 8.578   14.123  -6.818  1.00 12.38 ? 44  ASN A CA  1 
ATOM   11   C C   . ASN A 1 2   ? 7.255   14.610  -7.369  1.00 12.81 ? 44  ASN A C   1 
ATOM   12   O O   . ASN A 1 2   ? 6.929   15.821  -7.281  1.00 16.49 ? 44  ASN A O   1 
ATOM   13   C CB  . ASN A 1 2   ? 8.475   14.145  -5.302  1.00 15.04 ? 44  ASN A CB  1 
ATOM   14   C CG  . ASN A 1 2   ? 9.621   13.469  -4.621  1.00 12.22 ? 44  ASN A CG  1 
ATOM   15   O OD1 . ASN A 1 2   ? 10.073  12.411  -5.056  1.00 13.92 ? 44  ASN A OD1 1 
ATOM   16   N ND2 . ASN A 1 2   ? 10.104  14.076  -3.560  1.00 14.08 ? 44  ASN A ND2 1 
ATOM   17   N N   . PRO A 1 3   ? 6.447   13.681  -7.851  1.00 10.91 ? 45  PRO A N   1 
ATOM   18   C CA  . PRO A 1 3   ? 5.076   14.017  -8.178  1.00 10.04 ? 45  PRO A CA  1 
ATOM   19   C C   . PRO A 1 3   ? 4.299   14.243  -6.902  1.00 11.55 ? 45  PRO A C   1 
ATOM   20   O O   . PRO A 1 3   ? 4.743   13.855  -5.810  1.00 12.54 ? 45  PRO A O   1 
ATOM   21   C CB  . PRO A 1 3   ? 4.589   12.749  -8.897  1.00 12.33 ? 45  PRO A CB  1 
ATOM   22   C CG  . PRO A 1 3   ? 5.380   11.647  -8.215  1.00 13.64 ? 45  PRO A CG  1 
ATOM   23   C CD  . PRO A 1 3   ? 6.723   12.236  -7.942  1.00 12.09 ? 45  PRO A CD  1 
ATOM   24   N N   . PRO A 1 4   ? 3.105   14.822  -6.978  1.00 12.74 ? 46  PRO A N   1 
ATOM   25   C CA  . PRO A 1 4   ? 2.256   14.855  -5.793  1.00 13.39 ? 46  PRO A CA  1 
ATOM   26   C C   . PRO A 1 4   ? 1.950   13.438  -5.356  1.00 11.82 ? 46  PRO A C   1 
ATOM   27   O O   . PRO A 1 4   ? 1.881   12.515  -6.189  1.00 13.35 ? 46  PRO A O   1 
ATOM   28   C CB  . PRO A 1 4   ? 0.988   15.563  -6.286  1.00 15.23 ? 46  PRO A CB  1 
ATOM   29   C CG  . PRO A 1 4   ? 0.962   15.282  -7.747  1.00 17.27 ? 46  PRO A CG  1 
ATOM   30   C CD  . PRO A 1 4   ? 2.413   15.271  -8.196  1.00 13.75 ? 46  PRO A CD  1 
ATOM   31   N N   . PRO A 1 5   ? 1.788   13.209  -4.072  1.00 12.83 ? 47  PRO A N   1 
ATOM   32   C CA  . PRO A 1 5   ? 1.454   11.845  -3.598  1.00 14.04 ? 47  PRO A CA  1 
ATOM   33   C C   . PRO A 1 5   ? 0.033   11.475  -3.989  1.00 10.41 ? 47  PRO A C   1 
ATOM   34   O O   . PRO A 1 5   ? -0.781  12.344  -4.337  1.00 11.71 ? 47  PRO A O   1 
ATOM   35   C CB  . PRO A 1 5   ? 1.626   11.962  -2.075  1.00 13.73 ? 47  PRO A CB  1 
ATOM   36   C CG  . PRO A 1 5   ? 1.248   13.402  -1.816  1.00 18.16 ? 47  PRO A CG  1 
ATOM   37   C CD  . PRO A 1 5   ? 1.739   14.213  -3.010  1.00 14.73 ? 47  PRO A CD  1 
ATOM   38   N N   . PRO A 1 6   ? -0.306  10.198  -3.996  1.00 10.70 ? 48  PRO A N   1 
ATOM   39   C CA  . PRO A 1 6   ? -1.690  9.822   -4.328  1.00 10.80 ? 48  PRO A CA  1 
ATOM   40   C C   . PRO A 1 6   ? -2.700  10.479  -3.386  1.00 8.54  ? 48  PRO A C   1 
ATOM   41   O O   . PRO A 1 6   ? -2.429  10.699  -2.209  1.00 10.89 ? 48  PRO A O   1 
ATOM   42   C CB  . PRO A 1 6   ? -1.674  8.289   -4.183  1.00 10.30 ? 48  PRO A CB  1 
ATOM   43   C CG  . PRO A 1 6   ? -0.214  7.921   -4.214  1.00 10.94 ? 48  PRO A CG  1 
ATOM   44   C CD  . PRO A 1 6   ? 0.500   9.040   -3.559  1.00 11.32 ? 48  PRO A CD  1 
ATOM   45   N N   . GLU A 1 7   ? -3.875  10.788  -3.929  1.00 9.07  ? 49  GLU A N   1 
ATOM   46   C CA  . GLU A 1 7   ? -4.920  11.425  -3.127  1.00 9.63  ? 49  GLU A CA  1 
ATOM   47   C C   . GLU A 1 7   ? -5.372  10.511  -2.004  1.00 8.32  ? 49  GLU A C   1 
ATOM   48   O O   . GLU A 1 7   ? -5.362  9.278   -2.136  1.00 8.87  ? 49  GLU A O   1 
ATOM   49   C CB  . GLU A 1 7   ? -6.117  11.775  -4.010  1.00 11.01 ? 49  GLU A CB  1 
ATOM   50   C CG  . GLU A 1 7   ? -6.905  10.600  -4.515  1.00 12.65 ? 49  GLU A CG  1 
ATOM   51   C CD  . GLU A 1 7   ? -8.059  10.996  -5.468  1.00 10.77 ? 49  GLU A CD  1 
ATOM   52   O OE1 . GLU A 1 7   ? -8.097  12.156  -5.937  1.00 13.39 ? 49  GLU A OE1 1 
ATOM   53   O OE2 . GLU A 1 7   ? -8.902  10.149  -5.749  1.00 12.05 ? 49  GLU A OE2 1 
ATOM   54   N N   . THR A 1 8   ? -5.748  11.122  -0.878  1.00 9.30  ? 50  THR A N   1 
ATOM   55   C CA  . THR A 1 8   ? -6.340  10.423  0.248   1.00 10.21 ? 50  THR A CA  1 
ATOM   56   C C   . THR A 1 8   ? -7.761  10.899  0.523   1.00 10.15 ? 50  THR A C   1 
ATOM   57   O O   . THR A 1 8   ? -8.369  10.421  1.469   1.00 13.36 ? 50  THR A O   1 
ATOM   58   C CB  . THR A 1 8   ? -5.440  10.503  1.481   1.00 10.09 ? 50  THR A CB  1 
ATOM   59   O OG1 . THR A 1 8   ? -5.255  11.877  1.813   1.00 14.21 ? 50  THR A OG1 1 
ATOM   60   C CG2 . THR A 1 8   ? -4.085  9.892   1.212   1.00 11.78 ? 50  THR A CG2 1 
ATOM   61   N N   . SER A 1 9   ? -8.242  11.865  -0.237  1.00 12.00 ? 51  SER A N   1 
ATOM   62   C CA  . SER A 1 9   ? -9.650  12.245  -0.209  1.00 11.48 ? 51  SER A CA  1 
ATOM   63   C C   . SER A 1 9   ? -10.029 12.632  -1.621  1.00 11.35 ? 51  SER A C   1 
ATOM   64   O O   . SER A 1 9   ? -9.176  12.992  -2.426  1.00 12.01 ? 51  SER A O   1 
ATOM   65   C CB  . SER A 1 9   ? -9.936  13.379  0.774   1.00 22.01 ? 51  SER A CB  1 
ATOM   66   O OG  . SER A 1 9   ? -9.111  14.454  0.450   1.00 19.72 ? 51  SER A OG  1 
ATOM   67   N N   . ASN A 1 10  ? -11.328 12.590  -1.901  1.00 10.06 ? 52  ASN A N   1 
ATOM   68   C CA  . ASN A 1 10  ? -11.820 12.963  -3.218  1.00 9.06  ? 52  ASN A CA  1 
ATOM   69   C C   . ASN A 1 10  ? -13.315 13.105  -3.031  1.00 8.12  ? 52  ASN A C   1 
ATOM   70   O O   . ASN A 1 10  ? -14.048 12.102  -2.973  1.00 9.08  ? 52  ASN A O   1 
ATOM   71   C CB  . ASN A 1 10  ? -11.527 11.834  -4.211  1.00 10.92 ? 52  ASN A CB  1 
ATOM   72   C CG  . ASN A 1 10  ? -11.981 12.122  -5.594  1.00 12.35 ? 52  ASN A CG  1 
ATOM   73   O OD1 . ASN A 1 10  ? -12.982 12.830  -5.792  1.00 17.04 ? 52  ASN A OD1 1 
ATOM   74   N ND2 . ASN A 1 10  ? -11.298 11.579  -6.584  1.00 17.35 ? 52  ASN A ND2 1 
ATOM   75   N N   . PRO A 1 11  ? -13.821 14.334  -2.900  1.00 8.55  ? 53  PRO A N   1 
ATOM   76   C CA  . PRO A 1 11  ? -15.240 14.503  -2.564  1.00 10.34 ? 53  PRO A CA  1 
ATOM   77   C C   . PRO A 1 11  ? -16.194 14.038  -3.623  1.00 8.45  ? 53  PRO A C   1 
ATOM   78   O O   . PRO A 1 11  ? -17.362 13.772  -3.258  1.00 16.25 ? 53  PRO A O   1 
ATOM   79   C CB  . PRO A 1 11  ? -15.370 16.018  -2.365  1.00 11.02 ? 53  PRO A CB  1 
ATOM   80   C CG  . PRO A 1 11  ? -14.046 16.509  -2.081  1.00 12.63 ? 53  PRO A CG  1 
ATOM   81   C CD  . PRO A 1 11  ? -13.088 15.617  -2.829  1.00 9.30  ? 53  PRO A CD  1 
ATOM   82   N N   . ASN A 1 12  ? -15.842 13.902  -4.866  1.00 10.88 ? 54  ASN A N   1 
ATOM   83   C CA  . ASN A 1 12  ? -16.805 13.349  -5.831  1.00 17.23 ? 54  ASN A CA  1 
ATOM   84   C C   . ASN A 1 12  ? -16.829 11.821  -5.869  1.00 12.59 ? 54  ASN A C   1 
ATOM   85   O O   . ASN A 1 12  ? -17.673 11.257  -6.592  1.00 18.93 ? 54  ASN A O   1 
ATOM   86   C CB  . ASN A 1 12  ? -16.529 13.882  -7.232  1.00 38.99 ? 54  ASN A CB  1 
ATOM   87   C CG  . ASN A 1 12  ? -16.877 15.343  -7.374  1.00 38.55 ? 54  ASN A CG  1 
ATOM   88   O OD1 . ASN A 1 12  ? -17.921 15.786  -6.889  1.00 38.08 ? 54  ASN A OD1 1 
ATOM   89   N ND2 . ASN A 1 12  ? -16.004 16.101  -8.028  1.00 50.49 ? 54  ASN A ND2 1 
ATOM   90   N N   . LYS A 1 13  ? -15.969 11.151  -5.106  1.00 10.67 ? 55  LYS A N   1 
ATOM   91   C CA  . LYS A 1 13  ? -15.983 9.699   -5.009  1.00 9.79  ? 55  LYS A CA  1 
ATOM   92   C C   . LYS A 1 13  ? -16.829 9.291   -3.784  1.00 9.03  ? 55  LYS A C   1 
ATOM   93   O O   . LYS A 1 13  ? -16.690 9.866   -2.725  1.00 11.37 ? 55  LYS A O   1 
ATOM   94   C CB  . LYS A 1 13  ? -14.538 9.255   -4.846  1.00 11.06 ? 55  LYS A CB  1 
ATOM   95   C CG  . LYS A 1 13  ? -14.262 7.777   -4.879  1.00 11.70 ? 55  LYS A CG  1 
ATOM   96   C CD  . LYS A 1 13  ? -12.804 7.508   -4.572  1.00 12.26 ? 55  LYS A CD  1 
ATOM   97   C CE  . LYS A 1 13  ? -12.479 6.060   -4.921  1.00 13.28 ? 55  LYS A CE  1 
ATOM   98   N NZ  . LYS A 1 13  ? -13.085 5.144   -3.921  1.00 11.63 ? 55  LYS A NZ  1 
ATOM   99   N N   . PRO A 1 14  ? -17.762 8.372   -3.936  1.00 10.34 ? 56  PRO A N   1 
ATOM   100  C CA  . PRO A 1 14  ? -18.581 7.957   -2.791  1.00 11.63 ? 56  PRO A CA  1 
ATOM   101  C C   . PRO A 1 14  ? -17.739 7.175   -1.788  1.00 14.77 ? 56  PRO A C   1 
ATOM   102  O O   . PRO A 1 14  ? -16.789 6.490   -2.174  1.00 17.80 ? 56  PRO A O   1 
ATOM   103  C CB  . PRO A 1 14  ? -19.664 7.072   -3.431  1.00 14.35 ? 56  PRO A CB  1 
ATOM   104  C CG  . PRO A 1 14  ? -19.058 6.533   -4.709  1.00 14.32 ? 56  PRO A CG  1 
ATOM   105  C CD  . PRO A 1 14  ? -18.025 7.598   -5.155  1.00 10.90 ? 56  PRO A CD  1 
ATOM   106  N N   . LYS A 1 15  ? -18.054 7.342   -0.499  1.00 13.74 ? 57  LYS A N   1 
ATOM   107  C CA  . LYS A 1 15  ? -17.324 6.696   0.595   1.00 12.62 ? 57  LYS A CA  1 
ATOM   108  C C   . LYS A 1 15  ? -18.130 5.472   1.032   1.00 11.20 ? 57  LYS A C   1 
ATOM   109  O O   . LYS A 1 15  ? -19.338 5.406   0.818   1.00 11.00 ? 57  LYS A O   1 
ATOM   110  C CB  . LYS A 1 15  ? -17.214 7.632   1.793   1.00 15.36 ? 57  LYS A CB  1 
ATOM   111  C CG  . LYS A 1 15  ? -16.368 8.915   1.638   1.00 13.93 ? 57  LYS A CG  1 
ATOM   112  C CD  . LYS A 1 15  ? -16.203 9.594   3.028   1.00 15.32 ? 57  LYS A CD  1 
ATOM   113  C CE  . LYS A 1 15  ? -15.135 10.690  3.055   1.00 15.99 ? 57  LYS A CE  1 
ATOM   114  N NZ  . LYS A 1 15  ? -14.752 11.122  4.446   1.00 16.18 ? 57  LYS A NZ  1 
ATOM   115  N N   . ARG A 1 16  ? -17.488 4.541   1.751   1.00 11.94 ? 58  ARG A N   1 
ATOM   116  C CA  . ARG A 1 16  ? -18.253 3.497   2.397   1.00 9.60  ? 58  ARG A CA  1 
ATOM   117  C C   . ARG A 1 16  ? -17.437 2.979   3.548   1.00 11.56 ? 58  ARG A C   1 
ATOM   118  O O   . ARG A 1 16  ? -16.189 3.015   3.534   1.00 13.24 ? 58  ARG A O   1 
ATOM   119  C CB  . ARG A 1 16  ? -18.469 2.404   1.372   1.00 16.34 ? 58  ARG A CB  1 
ATOM   120  C CG  . ARG A 1 16  ? -19.548 1.483   1.591   1.00 19.19 ? 58  ARG A CG  1 
ATOM   121  C CD  . ARG A 1 16  ? -19.567 0.849   0.269   1.00 31.87 ? 58  ARG A CD  1 
ATOM   122  N NE  . ARG A 1 16  ? -20.560 -0.148  0.121   1.00 34.90 ? 58  ARG A NE  1 
ATOM   123  C CZ  . ARG A 1 16  ? -20.369 -1.424  -0.178  1.00 12.03 ? 58  ARG A CZ  1 
ATOM   124  N NH1 . ARG A 1 16  ? -19.191 -2.032  -0.402  1.00 13.61 ? 58  ARG A NH1 1 
ATOM   125  N NH2 . ARG A 1 16  ? -21.478 -2.089  -0.300  1.00 14.76 ? 58  ARG A NH2 1 
ATOM   126  N N   . GLN A 1 17  ? -18.163 2.465   4.518   1.00 12.17 ? 59  GLN A N   1 
ATOM   127  C CA  . GLN A 1 17  ? -17.574 1.741   5.610   1.00 14.49 ? 59  GLN A CA  1 
ATOM   128  C C   . GLN A 1 17  ? -18.162 0.340   5.610   1.00 12.98 ? 59  GLN A C   1 
ATOM   129  O O   . GLN A 1 17  ? -19.387 0.149   5.469   1.00 15.53 ? 59  GLN A O   1 
ATOM   130  C CB  . GLN A 1 17  ? -17.792 2.442   6.945   1.00 18.77 ? 59  GLN A CB  1 
ATOM   131  C CG  . GLN A 1 17  ? -17.045 1.716   8.081   1.00 27.62 ? 59  GLN A CG  1 
ATOM   132  C CD  . GLN A 1 17  ? -15.520 1.724   7.930   1.00 40.49 ? 59  GLN A CD  1 
ATOM   133  O OE1 . GLN A 1 17  ? -14.941 1.053   7.042   1.00 19.49 ? 59  GLN A OE1 1 
ATOM   134  N NE2 . GLN A 1 17  ? -14.853 2.458   8.830   1.00 37.15 ? 59  GLN A NE2 1 
ATOM   135  N N   . THR A 1 18  ? -17.290 -0.651  5.684   1.00 12.13 ? 60  THR A N   1 
ATOM   136  C CA  . THR A 1 18  ? -17.725 -2.029  5.739   1.00 11.51 ? 60  THR A CA  1 
ATOM   137  C C   . THR A 1 18  ? -16.933 -2.729  6.838   1.00 11.86 ? 60  THR A C   1 
ATOM   138  O O   . THR A 1 18  ? -15.865 -2.274  7.277   1.00 11.73 ? 60  THR A O   1 
ATOM   139  C CB  . THR A 1 18  ? -17.537 -2.780  4.417   1.00 11.17 ? 60  THR A CB  1 
ATOM   140  O OG1 . THR A 1 18  ? -16.108 -2.910  4.193   1.00 10.34 ? 60  THR A OG1 1 
ATOM   141  C CG2 . THR A 1 18  ? -18.203 -2.094  3.213   1.00 13.42 ? 60  THR A CG2 1 
ATOM   142  N N   . ASN A 1 19  ? -17.455 -3.862  7.285   1.00 11.97 ? 61  ASN A N   1 
ATOM   143  C CA  . ASN A 1 19  ? -16.699 -4.640  8.265   1.00 11.59 ? 61  ASN A CA  1 
ATOM   144  C C   . ASN A 1 19  ? -15.340 -5.034  7.713   1.00 11.38 ? 61  ASN A C   1 
ATOM   145  O O   . ASN A 1 19  ? -14.336 -5.044  8.449   1.00 11.19 ? 61  ASN A O   1 
ATOM   146  C CB  . ASN A 1 19  ? -17.471 -5.893  8.677   1.00 13.26 ? 61  ASN A CB  1 
ATOM   147  C CG  . ASN A 1 19  ? -18.752 -5.571  9.444   1.00 19.76 ? 61  ASN A CG  1 
ATOM   148  O OD1 . ASN A 1 19  ? -18.901 -4.486  9.990   1.00 29.00 ? 61  ASN A OD1 1 
ATOM   149  N ND2 . ASN A 1 19  ? -19.672 -6.537  9.500   1.00 22.51 ? 61  ASN A ND2 1 
ATOM   150  N N   . GLN A 1 20  ? -15.305 -5.408  6.444   1.00 10.59 ? 62  GLN A N   1 
ATOM   151  C CA  . GLN A 1 20  ? -14.036 -5.805  5.833   1.00 9.37  ? 62  GLN A CA  1 
ATOM   152  C C   . GLN A 1 20  ? -13.029 -4.650  5.770   1.00 8.71  ? 62  GLN A C   1 
ATOM   153  O O   . GLN A 1 20  ? -11.825 -4.848  6.033   1.00 9.36  ? 62  GLN A O   1 
ATOM   154  C CB  . GLN A 1 20  ? -14.296 -6.420  4.469   1.00 9.23  ? 62  GLN A CB  1 
ATOM   155  C CG  . GLN A 1 20  ? -15.026 -7.783  4.581   1.00 11.31 ? 62  GLN A CG  1 
ATOM   156  C CD  . GLN A 1 20  ? -15.150 -8.504  3.268   1.00 16.89 ? 62  GLN A CD  1 
ATOM   157  O OE1 . GLN A 1 20  ? -14.817 -7.960  2.215   1.00 24.54 ? 62  GLN A OE1 1 
ATOM   158  N NE2 . GLN A 1 20  ? -15.620 -9.745  3.310   1.00 18.71 ? 62  GLN A NE2 1 
ATOM   159  N N   . LEU A 1 21  ? -13.494 -3.430  5.436   1.00 8.87  ? 63  LEU A N   1 
ATOM   160  C CA  . LEU A 1 21  ? -12.577 -2.295  5.416   1.00 8.04  ? 63  LEU A CA  1 
ATOM   161  C C   . LEU A 1 21  ? -12.098 -1.962  6.824   1.00 8.39  ? 63  LEU A C   1 
ATOM   162  O O   . LEU A 1 21  ? -10.935 -1.592  7.021   1.00 9.47  ? 63  LEU A O   1 
ATOM   163  C CB  . LEU A 1 21  ? -13.240 -1.092  4.742   1.00 9.73  ? 63  LEU A CB  1 
ATOM   164  C CG  . LEU A 1 21  ? -13.300 -1.156  3.210   1.00 8.94  ? 63  LEU A CG  1 
ATOM   165  C CD1 . LEU A 1 21  ? -14.337 -0.163  2.690   1.00 9.70  ? 63  LEU A CD1 1 
ATOM   166  C CD2 . LEU A 1 21  ? -11.947 -0.893  2.590   1.00 9.36  ? 63  LEU A CD2 1 
ATOM   167  N N   . GLN A 1 22  ? -12.966 -2.091  7.839   1.00 9.93  ? 64  GLN A N   1 
ATOM   168  C CA  . GLN A 1 22  ? -12.504 -1.818  9.198   1.00 10.23 ? 64  GLN A CA  1 
ATOM   169  C C   . GLN A 1 22  ? -11.393 -2.794  9.593   1.00 8.60  ? 64  GLN A C   1 
ATOM   170  O O   . GLN A 1 22  ? -10.402 -2.407  10.208  1.00 10.43 ? 64  GLN A O   1 
ATOM   171  C CB  . GLN A 1 22  ? -13.672 -1.936  10.164  1.00 11.92 ? 64  GLN A CB  1 
ATOM   172  C CG  . GLN A 1 22  ? -14.781 -0.953  9.905   1.00 19.62 ? 64  GLN A CG  1 
ATOM   173  C CD  . GLN A 1 22  ? -15.923 -1.118  10.893  1.00 38.27 ? 64  GLN A CD  1 
ATOM   174  O OE1 . GLN A 1 22  ? -16.707 -2.063  10.801  1.00 47.02 ? 64  GLN A OE1 1 
ATOM   175  N NE2 . GLN A 1 22  ? -16.014 -0.203  11.847  1.00 40.33 ? 64  GLN A NE2 1 
ATOM   176  N N   . TYR A 1 23  ? -11.556 -4.055  9.219   1.00 9.22  ? 65  TYR A N   1 
ATOM   177  C CA  . TYR A 1 23  ? -10.562 -5.101  9.465   1.00 9.62  ? 65  TYR A CA  1 
ATOM   178  C C   . TYR A 1 23  ? -9.259  -4.821  8.733   1.00 8.70  ? 65  TYR A C   1 
ATOM   179  O O   . TYR A 1 23  ? -8.155  -5.041  9.260   1.00 8.49  ? 65  TYR A O   1 
ATOM   180  C CB  . TYR A 1 23  ? -11.173 -6.415  8.998   1.00 9.66  ? 65  TYR A CB  1 
ATOM   181  C CG  . TYR A 1 23  ? -10.322 -7.628  9.205   1.00 8.96  ? 65  TYR A CG  1 
ATOM   182  C CD1 . TYR A 1 23  ? -10.379 -8.358  10.417  1.00 11.27 ? 65  TYR A CD1 1 
ATOM   183  C CD2 . TYR A 1 23  ? -9.546  -8.115  8.162   1.00 9.53  ? 65  TYR A CD2 1 
ATOM   184  C CE1 . TYR A 1 23  ? -9.645  -9.499  10.585  1.00 11.38 ? 65  TYR A CE1 1 
ATOM   185  C CE2 . TYR A 1 23  ? -8.780  -9.244  8.325   1.00 9.90  ? 65  TYR A CE2 1 
ATOM   186  C CZ  . TYR A 1 23  ? -8.843  -9.931  9.542   1.00 10.90 ? 65  TYR A CZ  1 
ATOM   187  O OH  . TYR A 1 23  ? -8.110  -11.099 9.684   1.00 12.90 ? 65  TYR A OH  1 
ATOM   188  N N   . LEU A 1 24  ? -9.360  -4.361  7.484   1.00 7.86  ? 66  LEU A N   1 
ATOM   189  C CA  . LEU A 1 24  ? -8.163  -4.041  6.725   1.00 7.78  ? 66  LEU A CA  1 
ATOM   190  C C   . LEU A 1 24  ? -7.357  -2.987  7.415   1.00 7.93  ? 66  LEU A C   1 
ATOM   191  O O   . LEU A 1 24  ? -6.132  -3.007  7.322   1.00 8.92  ? 66  LEU A O   1 
ATOM   192  C CB  . LEU A 1 24  ? -8.502  -3.610  5.303   1.00 8.44  ? 66  LEU A CB  1 
ATOM   193  C CG  . LEU A 1 24  ? -8.813  -4.741  4.359   1.00 8.68  ? 66  LEU A CG  1 
ATOM   194  C CD1 . LEU A 1 24  ? -9.380  -4.260  3.041   1.00 12.46 ? 66  LEU A CD1 1 
ATOM   195  C CD2 . LEU A 1 24  ? -7.590  -5.574  4.079   1.00 17.38 ? 66  LEU A CD2 1 
ATOM   196  N N   . LEU A 1 25  ? -8.001  -2.053  8.102   1.00 8.37  ? 67  LEU A N   1 
ATOM   197  C CA  . LEU A 1 25  ? -7.240  -1.068  8.860   1.00 8.62  ? 67  LEU A CA  1 
ATOM   198  C C   . LEU A 1 25  ? -6.749  -1.619  10.191  1.00 8.49  ? 67  LEU A C   1 
ATOM   199  O O   . LEU A 1 25  ? -5.537  -1.595  10.487  1.00 10.04 ? 67  LEU A O   1 
ATOM   200  C CB  . LEU A 1 25  ? -8.095  0.164   9.102   1.00 10.01 ? 67  LEU A CB  1 
ATOM   201  C CG  . LEU A 1 25  ? -7.435  1.281   9.935   1.00 10.25 ? 67  LEU A CG  1 
ATOM   202  C CD1 . LEU A 1 25  ? -6.122  1.777   9.263   1.00 10.78 ? 67  LEU A CD1 1 
ATOM   203  C CD2 . LEU A 1 25  ? -8.395  2.438   10.074  1.00 14.26 ? 67  LEU A CD2 1 
ATOM   204  N N   . ARG A 1 26  ? -7.677  -2.119  11.008  1.00 9.64  ? 68  ARG A N   1 
ATOM   205  C CA  . ARG A 1 26  ? -7.329  -2.470  12.379  1.00 10.70 ? 68  ARG A CA  1 
ATOM   206  C C   . ARG A 1 26  ? -6.377  -3.644  12.436  1.00 11.32 ? 68  ARG A C   1 
ATOM   207  O O   . ARG A 1 26  ? -5.466  -3.684  13.284  1.00 12.37 ? 68  ARG A O   1 
ATOM   208  C CB  . ARG A 1 26  ? -8.608  -2.818  13.143  1.00 10.84 ? 68  ARG A CB  1 
ATOM   209  C CG  . ARG A 1 26  ? -8.326  -3.211  14.605  1.00 16.00 ? 68  ARG A CG  1 
ATOM   210  C CD  . ARG A 1 26  ? -9.555  -3.663  15.372  1.00 14.85 ? 68  ARG A CD  1 
ATOM   211  N NE  . ARG A 1 26  ? -10.124 -4.904  14.851  1.00 19.39 ? 68  ARG A NE  1 
ATOM   212  C CZ  . ARG A 1 26  ? -9.760  -6.126  15.203  1.00 30.15 ? 68  ARG A CZ  1 
ATOM   213  N NH1 . ARG A 1 26  ? -8.788  -6.325  16.094  1.00 31.73 ? 68  ARG A NH1 1 
ATOM   214  N NH2 . ARG A 1 26  ? -10.380 -7.143  14.637  1.00 16.61 ? 68  ARG A NH2 1 
ATOM   215  N N   . VAL A 1 27  ? -6.586  -4.637  11.584  1.00 9.31  ? 69  VAL A N   1 
ATOM   216  C CA  . VAL A 1 27  ? -5.807  -5.861  11.650  1.00 9.74  ? 69  VAL A CA  1 
ATOM   217  C C   . VAL A 1 27  ? -4.743  -5.883  10.573  1.00 9.12  ? 69  VAL A C   1 
ATOM   218  O O   . VAL A 1 27  ? -3.541  -6.010  10.854  1.00 10.64 ? 69  VAL A O   1 
ATOM   219  C CB  . VAL A 1 27  ? -6.672  -7.134  11.607  1.00 9.33  ? 69  VAL A CB  1 
ATOM   220  C CG1 . VAL A 1 27  ? -7.327  -7.260  10.425  1.00 32.75 ? 69  VAL A CG1 1 
ATOM   221  C CG2 . VAL A 1 27  ? -5.811  -8.350  11.666  1.00 12.57 ? 69  VAL A CG2 1 
ATOM   222  N N   . VAL A 1 28  ? -5.123  -5.776  9.295   1.00 8.91  ? 70  VAL A N   1 
ATOM   223  C CA  . VAL A 1 28  ? -4.149  -6.038  8.239   1.00 8.87  ? 70  VAL A CA  1 
ATOM   224  C C   . VAL A 1 28  ? -3.084  -4.944  8.188   1.00 8.08  ? 70  VAL A C   1 
ATOM   225  O O   . VAL A 1 28  ? -1.885  -5.210  8.355   1.00 9.73  ? 70  VAL A O   1 
ATOM   226  C CB  . VAL A 1 28  ? -4.839  -6.254  6.887   1.00 8.42  ? 70  VAL A CB  1 
ATOM   227  C CG1 . VAL A 1 28  ? -3.828  -6.575  5.823   1.00 10.25 ? 70  VAL A CG1 1 
ATOM   228  C CG2 . VAL A 1 28  ? -5.885  -7.370  7.012   1.00 9.95  ? 70  VAL A CG2 1 
ATOM   229  N N   . LEU A 1 29  ? -3.500  -3.711  7.966   1.00 8.22  ? 71  LEU A N   1 
ATOM   230  C CA  . LEU A 1 29  ? -2.532  -2.641  7.821   1.00 8.34  ? 71  LEU A CA  1 
ATOM   231  C C   . LEU A 1 29  ? -1.751  -2.433  9.107   1.00 7.40  ? 71  LEU A C   1 
ATOM   232  O O   . LEU A 1 29  ? -0.511  -2.358  9.081   1.00 7.68  ? 71  LEU A O   1 
ATOM   233  C CB  . LEU A 1 29  ? -3.286  -1.359  7.426   1.00 8.96  ? 71  LEU A CB  1 
ATOM   234  C CG  . LEU A 1 29  ? -2.497  -0.059  7.173   1.00 14.84 ? 71  LEU A CG  1 
ATOM   235  C CD1 . LEU A 1 29  ? -1.945  0.629   8.373   1.00 11.57 ? 71  LEU A CD1 1 
ATOM   236  C CD2 . LEU A 1 29  ? -1.457  -0.214  6.133   1.00 21.66 ? 71  LEU A CD2 1 
ATOM   237  N N   . LYS A 1 30  ? -2.457  -2.382  10.241  1.00 8.60  ? 72  LYS A N   1 
ATOM   238  C CA  . LYS A 1 30  ? -1.756  -2.030  11.475  1.00 10.04 ? 72  LYS A CA  1 
ATOM   239  C C   . LYS A 1 30  ? -0.834  -3.136  11.949  1.00 8.13  ? 72  LYS A C   1 
ATOM   240  O O   . LYS A 1 30  ? 0.127   -2.861  12.670  1.00 11.90 ? 72  LYS A O   1 
ATOM   241  C CB  . LYS A 1 30  ? -2.712  -1.562  12.557  1.00 10.65 ? 72  LYS A CB  1 
ATOM   242  C CG  . LYS A 1 30  ? -3.227  -0.180  12.255  1.00 11.73 ? 72  LYS A CG  1 
ATOM   243  C CD  . LYS A 1 30  ? -4.147  0.330   13.349  1.00 15.11 ? 72  LYS A CD  1 
ATOM   244  C CE  . LYS A 1 30  ? -4.353  1.814   13.267  1.00 26.42 ? 72  LYS A CE  1 
ATOM   245  N NZ  . LYS A 1 30  ? -5.402  2.162   12.324  1.00 42.88 ? 72  LYS A NZ  1 
ATOM   246  N N   . THR A 1 31  ? -1.081  -4.381  11.568  1.00 8.38  ? 73  THR A N   1 
ATOM   247  C CA  . THR A 1 31  ? -0.128  -5.445  11.871  1.00 8.86  ? 73  THR A CA  1 
ATOM   248  C C   . THR A 1 31  ? 1.064   -5.410  10.927  1.00 7.34  ? 73  THR A C   1 
ATOM   249  O O   . THR A 1 31  ? 2.209   -5.509  11.381  1.00 8.76  ? 73  THR A O   1 
ATOM   250  C CB  . THR A 1 31  ? -0.823  -6.803  11.928  1.00 9.56  ? 73  THR A CB  1 
ATOM   251  O OG1 . THR A 1 31  ? -1.958  -6.707  12.795  1.00 11.67 ? 73  THR A OG1 1 
ATOM   252  C CG2 . THR A 1 31  ? 0.118   -7.817  12.536  1.00 11.44 ? 73  THR A CG2 1 
ATOM   253  N N   . LEU A 1 32  ? 0.828   -5.349  9.610   1.00 8.23  ? 74  LEU A N   1 
ATOM   254  C CA  . LEU A 1 32  ? 1.946   -5.262  8.673   1.00 8.03  ? 74  LEU A CA  1 
ATOM   255  C C   . LEU A 1 32  ? 2.847   -4.088  8.981   1.00 8.03  ? 74  LEU A C   1 
ATOM   256  O O   . LEU A 1 32  ? 4.073   -4.176  8.827   1.00 8.22  ? 74  LEU A O   1 
ATOM   257  C CB  . LEU A 1 32  ? 1.403   -5.082  7.262   1.00 9.27  ? 74  LEU A CB  1 
ATOM   258  C CG  . LEU A 1 32  ? 0.736   -6.294  6.648   1.00 13.68 ? 74  LEU A CG  1 
ATOM   259  C CD1 . LEU A 1 32  ? 0.060   -5.856  5.368   1.00 17.71 ? 74  LEU A CD1 1 
ATOM   260  C CD2 . LEU A 1 32  ? 1.702   -7.391  6.395   1.00 19.49 ? 74  LEU A CD2 1 
ATOM   261  N N   . TRP A 1 33  ? 2.259   -3.002  9.462   1.00 6.68  ? 75  TRP A N   1 
ATOM   262  C CA  . TRP A 1 33  ? 3.030   -1.786  9.749   1.00 8.10  ? 75  TRP A CA  1 
ATOM   263  C C   . TRP A 1 33  ? 4.168   -2.059  10.713  1.00 7.73  ? 75  TRP A C   1 
ATOM   264  O O   . TRP A 1 33  ? 5.205   -1.378  10.668  1.00 8.91  ? 75  TRP A O   1 
ATOM   265  C CB  . TRP A 1 33  ? 2.087   -0.756  10.362  1.00 8.54  ? 75  TRP A CB  1 
ATOM   266  C CG  . TRP A 1 33  ? 2.636   0.647   10.423  1.00 9.43  ? 75  TRP A CG  1 
ATOM   267  C CD1 . TRP A 1 33  ? 3.319   1.230   11.446  1.00 10.99 ? 75  TRP A CD1 1 
ATOM   268  C CD2 . TRP A 1 33  ? 2.465   1.670   9.437   1.00 7.88  ? 75  TRP A CD2 1 
ATOM   269  N NE1 . TRP A 1 33  ? 3.602   2.552   11.143  1.00 10.18 ? 75  TRP A NE1 1 
ATOM   270  C CE2 . TRP A 1 33  ? 3.073   2.837   9.912   1.00 9.47  ? 75  TRP A CE2 1 
ATOM   271  C CE3 . TRP A 1 33  ? 1.836   1.695   8.191   1.00 8.61  ? 75  TRP A CE3 1 
ATOM   272  C CZ2 . TRP A 1 33  ? 3.059   4.044   9.180   1.00 9.24  ? 75  TRP A CZ2 1 
ATOM   273  C CZ3 . TRP A 1 33  ? 1.836   2.878   7.449   1.00 9.54  ? 75  TRP A CZ3 1 
ATOM   274  C CH2 . TRP A 1 33  ? 2.446   4.026   7.946   1.00 10.21 ? 75  TRP A CH2 1 
ATOM   275  N N   . LYS A 1 34  ? 3.976   -3.034  11.601  1.00 7.70  ? 76  LYS A N   1 
ATOM   276  C CA  . LYS A 1 34  ? 4.906   -3.317  12.693  1.00 9.27  ? 76  LYS A CA  1 
ATOM   277  C C   . LYS A 1 34  ? 5.984   -4.298  12.316  1.00 8.83  ? 76  LYS A C   1 
ATOM   278  O O   . LYS A 1 34  ? 6.949   -4.478  13.087  1.00 10.73 ? 76  LYS A O   1 
ATOM   279  C CB  . LYS A 1 34  ? 4.153   -3.776  13.943  1.00 9.56  ? 76  LYS A CB  1 
ATOM   280  C CG  . LYS A 1 34  ? 3.195   -2.711  14.511  1.00 11.28 ? 76  LYS A CG  1 
ATOM   281  C CD  . LYS A 1 34  ? 2.268   -3.264  15.586  1.00 13.55 ? 76  LYS A CD  1 
ATOM   282  C CE  . LYS A 1 34  ? 1.281   -2.269  16.124  1.00 17.03 ? 76  LYS A CE  1 
ATOM   283  N NZ  . LYS A 1 34  ? 1.926   -1.049  16.674  1.00 25.54 ? 76  LYS A NZ  1 
ATOM   284  N N   . HIS A 1 35  ? 5.906   -4.882  11.139  1.00 9.04  ? 77  HIS A N   1 
ATOM   285  C CA  . HIS A 1 35  ? 6.879   -5.865  10.720  1.00 8.62  ? 77  HIS A CA  1 
ATOM   286  C C   . HIS A 1 35  ? 8.235   -5.205  10.473  1.00 9.14  ? 77  HIS A C   1 
ATOM   287  O O   . HIS A 1 35  ? 8.301   -4.034  10.098  1.00 9.43  ? 77  HIS A O   1 
ATOM   288  C CB  . HIS A 1 35  ? 6.373   -6.520  9.424   1.00 8.94  ? 77  HIS A CB  1 
ATOM   289  C CG  . HIS A 1 35  ? 7.138   -7.722  8.998   1.00 8.87  ? 77  HIS A CG  1 
ATOM   290  N ND1 . HIS A 1 35  ? 8.321   -7.635  8.298   1.00 9.49  ? 77  HIS A ND1 1 
ATOM   291  C CD2 . HIS A 1 35  ? 6.859   -9.032  9.134   1.00 11.17 ? 77  HIS A CD2 1 
ATOM   292  C CE1 . HIS A 1 35  ? 8.765   -8.856  8.067   1.00 9.77  ? 77  HIS A CE1 1 
ATOM   293  N NE2 . HIS A 1 35  ? 7.879   -9.721  8.544   1.00 9.92  ? 77  HIS A NE2 1 
ATOM   294  N N   . GLN A 1 36  ? 9.324   -5.961  10.714  1.00 9.62  ? 78  GLN A N   1 
ATOM   295  C CA  . GLN A 1 36  ? 10.658  -5.396  10.529  1.00 9.75  ? 78  GLN A CA  1 
ATOM   296  C C   . GLN A 1 36  ? 10.939  -4.927  9.100   1.00 9.84  ? 78  GLN A C   1 
ATOM   297  O O   . GLN A 1 36  ? 11.853  -4.109  8.889   1.00 11.43 ? 78  GLN A O   1 
ATOM   298  C CB  . GLN A 1 36  ? 11.709  -6.414  10.996  1.00 14.65 ? 78  GLN A CB  1 
ATOM   299  C CG  . GLN A 1 36  ? 11.865  -7.525  10.084  1.00 18.08 ? 78  GLN A CG  1 
ATOM   300  C CD  . GLN A 1 36  ? 12.912  -8.514  10.559  1.00 36.02 ? 78  GLN A CD  1 
ATOM   301  O OE1 . GLN A 1 36  ? 14.097  -8.218  10.559  1.00 36.05 ? 78  GLN A OE1 1 
ATOM   302  N NE2 . GLN A 1 36  ? 12.467  -9.693  10.983  1.00 54.38 ? 78  GLN A NE2 1 
ATOM   303  N N   . PHE A 1 37  ? 10.210  -5.410  8.119   1.00 8.42  ? 79  PHE A N   1 
ATOM   304  C CA  . PHE A 1 37  ? 10.426  -4.983  6.754   1.00 8.92  ? 79  PHE A CA  1 
ATOM   305  C C   . PHE A 1 37  ? 9.411   -3.932  6.275   1.00 8.43  ? 79  PHE A C   1 
ATOM   306  O O   . PHE A 1 37  ? 9.356   -3.658  5.061   1.00 8.43  ? 79  PHE A O   1 
ATOM   307  C CB  . PHE A 1 37  ? 10.389  -6.185  5.816   1.00 8.61  ? 79  PHE A CB  1 
ATOM   308  C CG  . PHE A 1 37  ? 11.484  -7.188  6.027   1.00 10.42 ? 79  PHE A CG  1 
ATOM   309  C CD1 . PHE A 1 37  ? 12.697  -6.878  6.670   1.00 9.97  ? 79  PHE A CD1 1 
ATOM   310  C CD2 . PHE A 1 37  ? 11.310  -8.468  5.543   1.00 11.10 ? 79  PHE A CD2 1 
ATOM   311  C CE1 . PHE A 1 37  ? 13.721  -7.865  6.823   1.00 13.63 ? 79  PHE A CE1 1 
ATOM   312  C CE2 . PHE A 1 37  ? 12.330  -9.415  5.672   1.00 13.79 ? 79  PHE A CE2 1 
ATOM   313  C CZ  . PHE A 1 37  ? 13.523  -9.108  6.329   1.00 12.55 ? 79  PHE A CZ  1 
ATOM   314  N N   . ALA A 1 38  ? 8.577   -3.401  7.147   1.00 7.51  ? 80  ALA A N   1 
ATOM   315  C CA  . ALA A 1 38  ? 7.549   -2.475  6.707   1.00 7.45  ? 80  ALA A CA  1 
ATOM   316  C C   . ALA A 1 38  ? 8.097   -1.092  6.339   1.00 7.31  ? 80  ALA A C   1 
ATOM   317  O O   . ALA A 1 38  ? 7.445   -0.381  5.552   1.00 7.19  ? 80  ALA A O   1 
ATOM   318  C CB  . ALA A 1 38  ? 6.536   -2.293  7.818   1.00 9.19  ? 80  ALA A CB  1 
ATOM   319  N N   . TRP A 1 39  ? 9.199   -0.662  6.951   1.00 7.02  ? 81  TRP A N   1 
ATOM   320  C CA  . TRP A 1 39  ? 9.593   0.754   6.845   1.00 7.63  ? 81  TRP A CA  1 
ATOM   321  C C   . TRP A 1 39  ? 9.734   1.302   5.429   1.00 6.73  ? 81  TRP A C   1 
ATOM   322  O O   . TRP A 1 39  ? 9.352   2.465   5.227   1.00 7.60  ? 81  TRP A O   1 
ATOM   323  C CB  . TRP A 1 39  ? 10.861  1.046   7.679   1.00 8.90  ? 81  TRP A CB  1 
ATOM   324  C CG  . TRP A 1 39  ? 12.093  0.285   7.238   1.00 8.46  ? 81  TRP A CG  1 
ATOM   325  C CD1 . TRP A 1 39  ? 12.565  -0.903  7.742   1.00 7.85  ? 81  TRP A CD1 1 
ATOM   326  C CD2 . TRP A 1 39  ? 13.006  0.661   6.199   1.00 6.98  ? 81  TRP A CD2 1 
ATOM   327  N NE1 . TRP A 1 39  ? 13.690  -1.289  7.091   1.00 8.20  ? 81  TRP A NE1 1 
ATOM   328  C CE2 . TRP A 1 39  ? 13.991  -0.356  6.133   1.00 7.95  ? 81  TRP A CE2 1 
ATOM   329  C CE3 . TRP A 1 39  ? 13.075  1.734   5.300   1.00 8.00  ? 81  TRP A CE3 1 
ATOM   330  C CZ2 . TRP A 1 39  ? 14.999  -0.333  5.232   1.00 8.64  ? 81  TRP A CZ2 1 
ATOM   331  C CZ3 . TRP A 1 39  ? 14.138  1.773   4.411   1.00 8.21  ? 81  TRP A CZ3 1 
ATOM   332  C CH2 . TRP A 1 39  ? 15.073  0.748   4.395   1.00 8.58  ? 81  TRP A CH2 1 
ATOM   333  N N   . PRO A 1 40  ? 10.201  0.570   4.429   1.00 6.33  ? 82  PRO A N   1 
ATOM   334  C CA  . PRO A 1 40  ? 10.256  1.167   3.086   1.00 6.88  ? 82  PRO A CA  1 
ATOM   335  C C   . PRO A 1 40  ? 8.891   1.498   2.530   1.00 6.61  ? 82  PRO A C   1 
ATOM   336  O O   . PRO A 1 40  ? 8.818   2.247   1.540   1.00 7.59  ? 82  PRO A O   1 
ATOM   337  C CB  . PRO A 1 40  ? 10.945  0.101   2.231   1.00 5.89  ? 82  PRO A CB  1 
ATOM   338  C CG  . PRO A 1 40  ? 11.643  -0.834  3.249   1.00 7.50  ? 82  PRO A CG  1 
ATOM   339  C CD  . PRO A 1 40  ? 10.710  -0.815  4.433   1.00 6.83  ? 82  PRO A CD  1 
ATOM   340  N N   . PHE A 1 41  ? 7.836   0.894   3.058   1.00 6.09  ? 83  PHE A N   1 
ATOM   341  C CA  . PHE A 1 41  ? 6.506   0.954   2.490   1.00 6.65  ? 83  PHE A CA  1 
ATOM   342  C C   . PHE A 1 41  ? 5.573   1.808   3.325   1.00 6.10  ? 83  PHE A C   1 
ATOM   343  O O   . PHE A 1 41  ? 4.362   1.843   3.034   1.00 7.29  ? 83  PHE A O   1 
ATOM   344  C CB  . PHE A 1 41  ? 5.987   -0.497  2.374   1.00 8.20  ? 83  PHE A CB  1 
ATOM   345  C CG  . PHE A 1 41  ? 6.907   -1.370  1.587   1.00 6.74  ? 83  PHE A CG  1 
ATOM   346  C CD1 . PHE A 1 41  ? 6.991   -1.271  0.214   1.00 7.87  ? 83  PHE A CD1 1 
ATOM   347  C CD2 . PHE A 1 41  ? 7.761   -2.250  2.254   1.00 7.34  ? 83  PHE A CD2 1 
ATOM   348  C CE1 . PHE A 1 41  ? 7.883   -2.065  -0.487  1.00 8.78  ? 83  PHE A CE1 1 
ATOM   349  C CE2 . PHE A 1 41  ? 8.662   -3.046  1.555   1.00 7.65  ? 83  PHE A CE2 1 
ATOM   350  C CZ  . PHE A 1 41  ? 8.701   -2.947  0.176   1.00 8.48  ? 83  PHE A CZ  1 
ATOM   351  N N   . GLN A 1 42  ? 6.077   2.521   4.325   1.00 7.13  ? 84  GLN A N   1 
ATOM   352  C CA  . GLN A 1 42  ? 5.206   3.318   5.196   1.00 7.35  ? 84  GLN A CA  1 
ATOM   353  C C   . GLN A 1 42  ? 4.906   4.727   4.677   1.00 8.17  ? 84  GLN A C   1 
ATOM   354  O O   . GLN A 1 42  ? 4.106   5.450   5.309   1.00 8.96  ? 84  GLN A O   1 
ATOM   355  C CB  . GLN A 1 42  ? 5.818   3.396   6.593   1.00 7.26  ? 84  GLN A CB  1 
ATOM   356  C CG  . GLN A 1 42  ? 5.721   2.088   7.345   1.00 7.48  ? 84  GLN A CG  1 
ATOM   357  C CD  . GLN A 1 42  ? 6.531   2.065   8.633   1.00 9.15  ? 84  GLN A CD  1 
ATOM   358  O OE1 . GLN A 1 42  ? 7.434   2.882   8.838   1.00 11.08 ? 84  GLN A OE1 1 
ATOM   359  N NE2 . GLN A 1 42  ? 6.226   1.138   9.518   1.00 10.03 ? 84  GLN A NE2 1 
ATOM   360  N N   . GLN A 1 43  ? 5.495   5.147   3.569   1.00 7.19  ? 85  GLN A N   1 
ATOM   361  C CA  . GLN A 1 43  ? 5.272   6.489   3.047   1.00 6.74  ? 85  GLN A CA  1 
ATOM   362  C C   . GLN A 1 43  ? 5.572   6.466   1.552   1.00 7.42  ? 85  GLN A C   1 
ATOM   363  O O   . GLN A 1 43  ? 6.284   5.579   1.062   1.00 7.32  ? 85  GLN A O   1 
ATOM   364  C CB  . GLN A 1 43  ? 6.170   7.532   3.744   1.00 10.00 ? 85  GLN A CB  1 
ATOM   365  C CG  . GLN A 1 43  ? 7.667   7.238   3.578   1.00 11.93 ? 85  GLN A CG  1 
ATOM   366  C CD  . GLN A 1 43  ? 8.148   6.057   4.438   1.00 9.74  ? 85  GLN A CD  1 
ATOM   367  O OE1 . GLN A 1 43  ? 7.929   6.058   5.651   1.00 12.51 ? 85  GLN A OE1 1 
ATOM   368  N NE2 . GLN A 1 43  ? 8.763   5.038   3.814   1.00 9.93  ? 85  GLN A NE2 1 
ATOM   369  N N   . PRO A 1 44  ? 5.073   7.447   0.799   1.00 6.84  ? 86  PRO A N   1 
ATOM   370  C CA  . PRO A 1 44  ? 5.453   7.544   -0.616  1.00 7.53  ? 86  PRO A CA  1 
ATOM   371  C C   . PRO A 1 44  ? 6.960   7.587   -0.785  1.00 7.55  ? 86  PRO A C   1 
ATOM   372  O O   . PRO A 1 44  ? 7.690   8.167   0.022   1.00 8.03  ? 86  PRO A O   1 
ATOM   373  C CB  . PRO A 1 44  ? 4.814   8.865   -1.051  1.00 8.60  ? 86  PRO A CB  1 
ATOM   374  C CG  . PRO A 1 44  ? 3.637   9.029   -0.158  1.00 9.31  ? 86  PRO A CG  1 
ATOM   375  C CD  . PRO A 1 44  ? 4.131   8.498   1.195   1.00 9.01  ? 86  PRO A CD  1 
ATOM   376  N N   . VAL A 1 45  ? 7.446   6.967   -1.847  1.00 6.86  ? 87  VAL A N   1 
ATOM   377  C CA  . VAL A 1 45  ? 8.879   7.034   -2.150  1.00 7.98  ? 87  VAL A CA  1 
ATOM   378  C C   . VAL A 1 45  ? 9.261   8.474   -2.442  1.00 7.43  ? 87  VAL A C   1 
ATOM   379  O O   . VAL A 1 45  ? 8.689   9.146   -3.308  1.00 7.51  ? 87  VAL A O   1 
ATOM   380  C CB  . VAL A 1 45  ? 9.210   6.135   -3.348  1.00 8.08  ? 87  VAL A CB  1 
ATOM   381  C CG1 . VAL A 1 45  ? 10.622  6.347   -3.895  1.00 10.37 ? 87  VAL A CG1 1 
ATOM   382  C CG2 . VAL A 1 45  ? 9.040   4.658   -2.994  1.00 9.88  ? 87  VAL A CG2 1 
ATOM   383  N N   . ASP A 1 46  ? 10.250  8.987   -1.696  1.00 9.24  ? 88  ASP A N   1 
ATOM   384  C CA  . ASP A 1 46  ? 10.765  10.340  -1.923  1.00 8.33  ? 88  ASP A CA  1 
ATOM   385  C C   . ASP A 1 46  ? 11.985  10.182  -2.807  1.00 8.39  ? 88  ASP A C   1 
ATOM   386  O O   . ASP A 1 46  ? 13.083  9.853   -2.343  1.00 7.69  ? 88  ASP A O   1 
ATOM   387  C CB  . ASP A 1 46  ? 11.063  11.022  -0.594  1.00 10.28 ? 88  ASP A CB  1 
ATOM   388  C CG  . ASP A 1 46  ? 11.546  12.456  -0.759  1.00 9.20  ? 88  ASP A CG  1 
ATOM   389  O OD1 . ASP A 1 46  ? 12.040  12.798  -1.828  1.00 8.77  ? 88  ASP A OD1 1 
ATOM   390  O OD2 . ASP A 1 46  ? 11.402  13.194  0.259   1.00 11.71 ? 88  ASP A OD2 1 
ATOM   391  N N   . ALA A 1 47  ? 11.750  10.350  -4.109  1.00 8.98  ? 89  ALA A N   1 
ATOM   392  C CA  . ALA A 1 47  ? 12.790  10.099  -5.100  1.00 8.60  ? 89  ALA A CA  1 
ATOM   393  C C   . ALA A 1 47  ? 13.918  11.109  -4.989  1.00 9.54  ? 89  ALA A C   1 
ATOM   394  O O   . ALA A 1 47  ? 15.058  10.795  -5.388  1.00 9.87  ? 89  ALA A O   1 
ATOM   395  C CB  . ALA A 1 47  ? 12.209  10.156  -6.523  1.00 11.96 ? 89  ALA A CB  1 
ATOM   396  N N   . VAL A 1 48  ? 13.624  12.331  -4.537  1.00 9.14  ? 90  VAL A N   1 
ATOM   397  C CA  . VAL A 1 48  ? 14.664  13.340  -4.350  1.00 9.21  ? 90  VAL A CA  1 
ATOM   398  C C   . VAL A 1 48  ? 15.560  12.953  -3.182  1.00 8.80  ? 90  VAL A C   1 
ATOM   399  O O   . VAL A 1 48  ? 16.799  12.967  -3.277  1.00 10.31 ? 90  VAL A O   1 
ATOM   400  C CB  . VAL A 1 48  ? 14.018  14.730  -4.159  1.00 9.90  ? 90  VAL A CB  1 
ATOM   401  C CG1 . VAL A 1 48  ? 15.051  15.807  -3.860  1.00 11.65 ? 90  VAL A CG1 1 
ATOM   402  C CG2 . VAL A 1 48  ? 13.194  15.136  -5.407  1.00 13.59 ? 90  VAL A CG2 1 
ATOM   403  N N   . LYS A 1 49  ? 14.943  12.588  -2.043  1.00 8.68  ? 91  LYS A N   1 
ATOM   404  C CA  . LYS A 1 49  ? 15.733  12.221  -0.880  1.00 9.35  ? 91  LYS A CA  1 
ATOM   405  C C   . LYS A 1 49  ? 16.595  11.014  -1.195  1.00 7.97  ? 91  LYS A C   1 
ATOM   406  O O   . LYS A 1 49  ? 17.804  10.978  -0.893  1.00 8.89  ? 91  LYS A O   1 
ATOM   407  C CB  . LYS A 1 49  ? 14.815  11.916  0.302   1.00 7.68  ? 91  LYS A CB  1 
ATOM   408  C CG  . LYS A 1 49  ? 15.629  11.579  1.544   1.00 16.38 ? 91  LYS A CG  1 
ATOM   409  C CD  . LYS A 1 49  ? 14.775  11.208  2.740   1.00 21.87 ? 91  LYS A CD  1 
ATOM   410  C CE  . LYS A 1 49  ? 15.636  10.756  3.948   1.00 19.56 ? 91  LYS A CE  1 
ATOM   411  N NZ  . LYS A 1 49  ? 16.599  11.780  4.467   1.00 13.62 ? 91  LYS A NZ  1 
ATOM   412  N N   . LEU A 1 50  ? 15.982  9.982   -1.803  1.00 8.25  ? 92  LEU A N   1 
ATOM   413  C CA  . LEU A 1 50  ? 16.652  8.712   -2.009  1.00 9.43  ? 92  LEU A CA  1 
ATOM   414  C C   . LEU A 1 50  ? 17.515  8.708   -3.251  1.00 9.06  ? 92  LEU A C   1 
ATOM   415  O O   . LEU A 1 50  ? 18.137  7.674   -3.523  1.00 10.66 ? 92  LEU A O   1 
ATOM   416  C CB  . LEU A 1 50  ? 15.608  7.603   -2.174  1.00 9.75  ? 92  LEU A CB  1 
ATOM   417  C CG  . LEU A 1 50  ? 14.949  7.234   -0.878  1.00 11.10 ? 92  LEU A CG  1 
ATOM   418  C CD1 . LEU A 1 50  ? 13.666  6.403   -1.121  1.00 12.02 ? 92  LEU A CD1 1 
ATOM   419  C CD2 . LEU A 1 50  ? 15.950  6.437   -0.004  1.00 19.68 ? 92  LEU A CD2 1 
ATOM   420  N N   . ASN A 1 51  ? 17.557  9.766   -4.018  1.00 8.14  ? 93  ASN A N   1 
ATOM   421  C CA  . ASN A 1 51  ? 18.403  9.827   -5.209  1.00 10.20 ? 93  ASN A CA  1 
ATOM   422  C C   . ASN A 1 51  ? 18.008  8.741   -6.206  1.00 10.98 ? 93  ASN A C   1 
ATOM   423  O O   . ASN A 1 51  ? 18.852  8.037   -6.793  1.00 13.50 ? 93  ASN A O   1 
ATOM   424  C CB  . ASN A 1 51  ? 19.896  9.761   -4.837  1.00 11.23 ? 93  ASN A CB  1 
ATOM   425  C CG  . ASN A 1 51  ? 20.207  10.598  -3.609  1.00 9.78  ? 93  ASN A CG  1 
ATOM   426  O OD1 . ASN A 1 51  ? 19.775  11.707  -3.512  1.00 11.36 ? 93  ASN A OD1 1 
ATOM   427  N ND2 . ASN A 1 51  ? 20.791  9.977   -2.625  1.00 10.88 ? 93  ASN A ND2 1 
ATOM   428  N N   . LEU A 1 52  ? 16.695  8.650   -6.426  1.00 9.47  ? 94  LEU A N   1 
ATOM   429  C CA  . LEU A 1 52  ? 16.098  7.724   -7.392  1.00 8.63  ? 94  LEU A CA  1 
ATOM   430  C C   . LEU A 1 52  ? 15.366  8.516   -8.451  1.00 9.41  ? 94  LEU A C   1 
ATOM   431  O O   . LEU A 1 52  ? 14.147  8.442   -8.516  1.00 8.21  ? 94  LEU A O   1 
ATOM   432  C CB  . LEU A 1 52  ? 15.153  6.734   -6.727  1.00 9.76  ? 94  LEU A CB  1 
ATOM   433  C CG  . LEU A 1 52  ? 15.741  5.935   -5.575  1.00 11.79 ? 94  LEU A CG  1 
ATOM   434  C CD1 . LEU A 1 52  ? 14.633  5.101   -4.938  1.00 13.02 ? 94  LEU A CD1 1 
ATOM   435  C CD2 . LEU A 1 52  ? 16.842  5.072   -6.068  1.00 16.11 ? 94  LEU A CD2 1 
ATOM   436  N N   . PRO A 1 53  ? 16.056  9.354   -9.246  1.00 10.00 ? 95  PRO A N   1 
ATOM   437  C CA  . PRO A 1 53  ? 15.349  10.176  -10.235 1.00 9.89  ? 95  PRO A CA  1 
ATOM   438  C C   . PRO A 1 53  ? 14.642  9.373   -11.309 1.00 8.03  ? 95  PRO A C   1 
ATOM   439  O O   . PRO A 1 53  ? 13.808  9.935   -11.995 1.00 11.79 ? 95  PRO A O   1 
ATOM   440  C CB  . PRO A 1 53  ? 16.478  11.033  -10.835 1.00 12.65 ? 95  PRO A CB  1 
ATOM   441  C CG  . PRO A 1 53  ? 17.649  10.289  -10.678 1.00 11.33 ? 95  PRO A CG  1 
ATOM   442  C CD  . PRO A 1 53  ? 17.512  9.612   -9.324  1.00 10.30 ? 95  PRO A CD  1 
ATOM   443  N N   . ASP A 1 54  ? 14.961  8.101   -11.449 1.00 8.32  ? 96  ASP A N   1 
ATOM   444  C CA  . ASP A 1 54  ? 14.239  7.227   -12.350 1.00 7.33  ? 96  ASP A CA  1 
ATOM   445  C C   . ASP A 1 54  ? 12.979  6.657   -11.751 1.00 6.47  ? 96  ASP A C   1 
ATOM   446  O O   . ASP A 1 54  ? 12.196  6.069   -12.486 1.00 7.99  ? 96  ASP A O   1 
ATOM   447  C CB  . ASP A 1 54  ? 15.139  6.079   -12.782 1.00 9.15  ? 96  ASP A CB  1 
ATOM   448  C CG  . ASP A 1 54  ? 15.723  5.260   -11.595 1.00 11.18 ? 96  ASP A CG  1 
ATOM   449  O OD1 . ASP A 1 54  ? 15.857  5.772   -10.471 1.00 19.01 ? 96  ASP A OD1 1 
ATOM   450  O OD2 . ASP A 1 54  ? 16.126  4.105   -11.806 1.00 14.47 ? 96  ASP A OD2 1 
ATOM   451  N N   . TYR A 1 55  ? 12.762  6.738   -10.435 1.00 7.47  ? 97  TYR A N   1 
ATOM   452  C CA  . TYR A 1 55  ? 11.668  5.962   -9.818  1.00 6.76  ? 97  TYR A CA  1 
ATOM   453  C C   . TYR A 1 55  ? 10.338  6.255   -10.481 1.00 7.21  ? 97  TYR A C   1 
ATOM   454  O O   . TYR A 1 55  ? 9.638   5.333   -10.911 1.00 7.48  ? 97  TYR A O   1 
ATOM   455  C CB  . TYR A 1 55  ? 11.572  6.223   -8.299  1.00 7.52  ? 97  TYR A CB  1 
ATOM   456  C CG  . TYR A 1 55  ? 10.549  5.340   -7.664  1.00 6.69  ? 97  TYR A CG  1 
ATOM   457  C CD1 . TYR A 1 55  ? 10.900  4.036   -7.356  1.00 7.24  ? 97  TYR A CD1 1 
ATOM   458  C CD2 . TYR A 1 55  ? 9.235   5.767   -7.477  1.00 6.69  ? 97  TYR A CD2 1 
ATOM   459  C CE1 . TYR A 1 55  ? 9.958   3.180   -6.791  1.00 7.17  ? 97  TYR A CE1 1 
ATOM   460  C CE2 . TYR A 1 55  ? 8.286   4.904   -6.927  1.00 7.37  ? 97  TYR A CE2 1 
ATOM   461  C CZ  . TYR A 1 55  ? 8.657   3.619   -6.621  1.00 6.43  ? 97  TYR A CZ  1 
ATOM   462  O OH  . TYR A 1 55  ? 7.672   2.772   -6.106  1.00 7.57  ? 97  TYR A OH  1 
ATOM   463  N N   . TYR A 1 56  ? 9.965   7.542   -10.553 1.00 6.97  ? 98  TYR A N   1 
ATOM   464  C CA  . TYR A 1 56  ? 8.674   7.910   -11.129 1.00 7.97  ? 98  TYR A CA  1 
ATOM   465  C C   . TYR A 1 56  ? 8.700   7.982   -12.640 1.00 7.17  ? 98  TYR A C   1 
ATOM   466  O O   . TYR A 1 56  ? 7.638   8.196   -13.249 1.00 9.13  ? 98  TYR A O   1 
ATOM   467  C CB  . TYR A 1 56  ? 8.128   9.173   -10.470 1.00 9.03  ? 98  TYR A CB  1 
ATOM   468  C CG  . TYR A 1 56  ? 7.829   8.973   -8.998  1.00 6.38  ? 98  TYR A CG  1 
ATOM   469  C CD1 . TYR A 1 56  ? 6.695   8.276   -8.616  1.00 7.97  ? 98  TYR A CD1 1 
ATOM   470  C CD2 . TYR A 1 56  ? 8.635   9.531   -8.000  1.00 6.67  ? 98  TYR A CD2 1 
ATOM   471  C CE1 . TYR A 1 56  ? 6.400   8.076   -7.310  1.00 6.76  ? 98  TYR A CE1 1 
ATOM   472  C CE2 . TYR A 1 56  ? 8.325   9.375   -6.667  1.00 6.91  ? 98  TYR A CE2 1 
ATOM   473  C CZ  . TYR A 1 56  ? 7.191   8.615   -6.329  1.00 6.99  ? 98  TYR A CZ  1 
ATOM   474  O OH  . TYR A 1 56  ? 6.799   8.420   -5.019  1.00 7.80  ? 98  TYR A OH  1 
ATOM   475  N N   . LYS A 1 57  ? 9.845   7.767   -13.259 1.00 7.84  ? 99  LYS A N   1 
ATOM   476  C CA  . LYS A 1 57  ? 9.872   7.520   -14.695 1.00 9.29  ? 99  LYS A CA  1 
ATOM   477  C C   . LYS A 1 57  ? 9.477   6.094   -15.012 1.00 9.82  ? 99  LYS A C   1 
ATOM   478  O O   . LYS A 1 57  ? 8.999   5.841   -16.133 1.00 12.89 ? 99  LYS A O   1 
ATOM   479  C CB  . LYS A 1 57  ? 11.269  7.776   -15.235 1.00 9.64  ? 99  LYS A CB  1 
ATOM   480  C CG  . LYS A 1 57  ? 11.725  9.208   -14.945 1.00 9.55  ? 99  LYS A CG  1 
ATOM   481  C CD  . LYS A 1 57  ? 12.984  9.530   -15.738 1.00 9.92  ? 99  LYS A CD  1 
ATOM   482  C CE  . LYS A 1 57  ? 13.641  10.885  -15.402 1.00 10.93 ? 99  LYS A CE  1 
ATOM   483  N NZ  . LYS A 1 57  ? 13.642  11.210  -13.957 1.00 48.90 ? 99  LYS A NZ  1 
ATOM   484  N N   . ILE A 1 58  ? 9.551   5.190   -14.039 1.00 7.88  ? 100 ILE A N   1 
ATOM   485  C CA  . ILE A 1 58  ? 9.195   3.792   -14.195 1.00 10.56 ? 100 ILE A CA  1 
ATOM   486  C C   . ILE A 1 58  ? 7.835   3.493   -13.569 1.00 8.69  ? 100 ILE A C   1 
ATOM   487  O O   . ILE A 1 58  ? 7.010   2.762   -14.149 1.00 11.01 ? 100 ILE A O   1 
ATOM   488  C CB  . ILE A 1 58  ? 10.325  2.918   -13.599 1.00 9.75  ? 100 ILE A CB  1 
ATOM   489  C CG1 . ILE A 1 58  ? 11.665  3.198   -14.305 1.00 12.98 ? 100 ILE A CG1 1 
ATOM   490  C CG2 . ILE A 1 58  ? 9.950   1.429   -13.612 1.00 13.29 ? 100 ILE A CG2 1 
ATOM   491  C CD1 . ILE A 1 58  ? 11.726  2.737   -15.766 1.00 18.29 ? 100 ILE A CD1 1 
ATOM   492  N N   . ILE A 1 59  ? 7.596   3.984   -12.352 1.00 7.97  ? 101 ILE A N   1 
ATOM   493  C CA  . ILE A 1 59  ? 6.412   3.655   -11.585 1.00 7.63  ? 101 ILE A CA  1 
ATOM   494  C C   . ILE A 1 59  ? 5.377   4.755   -11.798 1.00 8.89  ? 101 ILE A C   1 
ATOM   495  O O   . ILE A 1 59  ? 5.545   5.902   -11.358 1.00 9.40  ? 101 ILE A O   1 
ATOM   496  C CB  . ILE A 1 59  ? 6.775   3.484   -10.098 1.00 9.64  ? 101 ILE A CB  1 
ATOM   497  C CG1 . ILE A 1 59  ? 7.709   2.294   -9.909  1.00 8.71  ? 101 ILE A CG1 1 
ATOM   498  C CG2 . ILE A 1 59  ? 5.539   3.345   -9.245  1.00 8.32  ? 101 ILE A CG2 1 
ATOM   499  C CD1 . ILE A 1 59  ? 7.241   0.995   -10.566 1.00 10.33 ? 101 ILE A CD1 1 
ATOM   500  N N   . LYS A 1 60  ? 4.313   4.417   -12.511 1.00 8.00  ? 102 LYS A N   1 
ATOM   501  C CA  . LYS A 1 60  ? 3.315   5.383   -12.902 1.00 10.40 ? 102 LYS A CA  1 
ATOM   502  C C   . LYS A 1 60  ? 2.093   5.334   -12.030 1.00 8.33  ? 102 LYS A C   1 
ATOM   503  O O   . LYS A 1 60  ? 1.257   6.232   -12.149 1.00 10.56 ? 102 LYS A O   1 
ATOM   504  C CB  . LYS A 1 60  ? 2.906   5.189   -14.358 1.00 9.88  ? 102 LYS A CB  1 
ATOM   505  C CG  . LYS A 1 60  ? 4.019   5.305   -15.339 1.00 14.28 ? 102 LYS A CG  1 
ATOM   506  C CD  . LYS A 1 60  ? 4.748   6.661   -15.205 1.00 14.62 ? 102 LYS A CD  1 
ATOM   507  C CE  . LYS A 1 60  ? 5.872   6.744   -16.187 1.00 14.18 ? 102 LYS A CE  1 
ATOM   508  N NZ  . LYS A 1 60  ? 6.557   8.013   -15.898 1.00 12.73 ? 102 LYS A NZ  1 
ATOM   509  N N   . THR A 1 61  ? 1.923   4.313   -11.193 1.00 8.32  ? 103 THR A N   1 
ATOM   510  C CA  . THR A 1 61  ? 0.810   4.258   -10.253 1.00 9.92  ? 103 THR A CA  1 
ATOM   511  C C   . THR A 1 61  ? 1.383   3.981   -8.872  1.00 7.49  ? 103 THR A C   1 
ATOM   512  O O   . THR A 1 61  ? 1.326   2.859   -8.349  1.00 8.55  ? 103 THR A O   1 
ATOM   513  C CB  . THR A 1 61  ? -0.259  3.215   -10.593 1.00 11.71 ? 103 THR A CB  1 
ATOM   514  O OG1 . THR A 1 61  ? -0.734  3.358   -11.953 1.00 19.96 ? 103 THR A OG1 1 
ATOM   515  C CG2 . THR A 1 61  ? -1.410  3.292   -9.621  1.00 22.32 ? 103 THR A CG2 1 
ATOM   516  N N   . PRO A 1 62  ? 2.017   4.971   -8.265  1.00 7.60  ? 104 PRO A N   1 
ATOM   517  C CA  . PRO A 1 62  ? 2.706   4.719   -6.992  1.00 8.29  ? 104 PRO A CA  1 
ATOM   518  C C   . PRO A 1 62  ? 1.694   4.423   -5.912  1.00 7.08  ? 104 PRO A C   1 
ATOM   519  O O   . PRO A 1 62  ? 0.546   4.891   -5.946  1.00 7.84  ? 104 PRO A O   1 
ATOM   520  C CB  . PRO A 1 62  ? 3.435   6.042   -6.711  1.00 11.45 ? 104 PRO A CB  1 
ATOM   521  C CG  . PRO A 1 62  ? 3.049   6.973   -7.792  1.00 10.43 ? 104 PRO A CG  1 
ATOM   522  C CD  . PRO A 1 62  ? 2.265   6.311   -8.815  1.00 9.92  ? 104 PRO A CD  1 
ATOM   523  N N   . MET A 1 63  ? 2.122   3.647   -4.931  1.00 7.37  ? 105 MET A N   1 
ATOM   524  C CA  . MET A 1 63  ? 1.246   3.351   -3.796  1.00 6.96  ? 105 MET A CA  1 
ATOM   525  C C   . MET A 1 63  ? 2.101   2.905   -2.626  1.00 6.26  ? 105 MET A C   1 
ATOM   526  O O   . MET A 1 63  ? 3.151   2.295   -2.822  1.00 6.84  ? 105 MET A O   1 
ATOM   527  C CB  . MET A 1 63  ? 0.206   2.290   -4.141  1.00 6.77  ? 105 MET A CB  1 
ATOM   528  C CG  . MET A 1 63  ? -0.900  2.057   -3.108  1.00 7.49  ? 105 MET A CG  1 
ATOM   529  S SD  . MET A 1 63  ? -1.706  3.571   -2.479  1.00 7.51  ? 105 MET A SD  1 
ATOM   530  C CE  . MET A 1 63  ? -2.315  4.288   -4.011  1.00 8.17  ? 105 MET A CE  1 
ATOM   531  N N   . ASP A 1 64  ? 1.634   3.170   -1.419  1.00 6.21  ? 106 ASP A N   1 
ATOM   532  C CA  . ASP A 1 64  ? 2.377   2.888   -0.201  1.00 6.41  ? 106 ASP A CA  1 
ATOM   533  C C   . ASP A 1 64  ? 1.374   2.751   0.938   1.00 6.13  ? 106 ASP A C   1 
ATOM   534  O O   . ASP A 1 64  ? 0.225   3.171   0.837   1.00 6.90  ? 106 ASP A O   1 
ATOM   535  C CB  . ASP A 1 64  ? 3.379   4.007   0.099   1.00 7.95  ? 106 ASP A CB  1 
ATOM   536  C CG  . ASP A 1 64  ? 2.653   5.295   0.432   1.00 7.91  ? 106 ASP A CG  1 
ATOM   537  O OD1 . ASP A 1 64  ? 2.203   6.016   -0.496  1.00 7.93  ? 106 ASP A OD1 1 
ATOM   538  O OD2 . ASP A 1 64  ? 2.403   5.546   1.635   1.00 7.95  ? 106 ASP A OD2 1 
ATOM   539  N N   . MET A 1 65  ? 1.823   2.135   2.036   1.00 6.77  ? 107 MET A N   1 
ATOM   540  C CA  . MET A 1 65  ? 0.917   1.909   3.167   1.00 6.96  ? 107 MET A CA  1 
ATOM   541  C C   . MET A 1 65  ? 0.549   3.182   3.921   1.00 6.86  ? 107 MET A C   1 
ATOM   542  O O   . MET A 1 65  ? -0.460  3.187   4.592   1.00 7.93  ? 107 MET A O   1 
ATOM   543  C CB  . MET A 1 65  ? 1.478   0.926   4.177   1.00 7.42  ? 107 MET A CB  1 
ATOM   544  C CG  . MET A 1 65  ? 1.691   -0.487  3.605   1.00 8.22  ? 107 MET A CG  1 
ATOM   545  S SD  . MET A 1 65  ? 1.843   -1.799  4.816   1.00 8.36  ? 107 MET A SD  1 
ATOM   546  C CE  . MET A 1 65  ? 3.313   -1.307  5.646   1.00 9.11  ? 107 MET A CE  1 
ATOM   547  N N   . GLY A 1 66  ? 1.365   4.230   3.888   1.00 7.81  ? 108 GLY A N   1 
ATOM   548  C CA  . GLY A 1 66  ? 0.923   5.494   4.482   1.00 8.78  ? 108 GLY A CA  1 
ATOM   549  C C   . GLY A 1 66  ? -0.316  6.040   3.805   1.00 7.02  ? 108 GLY A C   1 
ATOM   550  O O   . GLY A 1 66  ? -1.298  6.422   4.457   1.00 9.74  ? 108 GLY A O   1 
ATOM   551  N N   . THR A 1 67  ? -0.288  6.065   2.467   1.00 7.70  ? 109 THR A N   1 
ATOM   552  C CA  . THR A 1 67  ? -1.461  6.425   1.673   1.00 8.48  ? 109 THR A CA  1 
ATOM   553  C C   . THR A 1 67  ? -2.639  5.516   1.962   1.00 7.46  ? 109 THR A C   1 
ATOM   554  O O   . THR A 1 67  ? -3.744  5.990   2.181   1.00 8.14  ? 109 THR A O   1 
ATOM   555  C CB  . THR A 1 67  ? -1.059  6.388   0.201   1.00 7.87  ? 109 THR A CB  1 
ATOM   556  O OG1 . THR A 1 67  ? -0.025  7.354   -0.022  1.00 8.39  ? 109 THR A OG1 1 
ATOM   557  C CG2 . THR A 1 67  ? -2.236  6.662   -0.720  1.00 9.57  ? 109 THR A CG2 1 
ATOM   558  N N   . ILE A 1 68  ? -2.417  4.195   1.975   1.00 7.75  ? 110 ILE A N   1 
ATOM   559  C CA  . ILE A 1 68  ? -3.505  3.263   2.241   1.00 7.27  ? 110 ILE A CA  1 
ATOM   560  C C   . ILE A 1 68  ? -4.096  3.535   3.608   1.00 7.30  ? 110 ILE A C   1 
ATOM   561  O O   . ILE A 1 68  ? -5.312  3.546   3.780   1.00 8.13  ? 110 ILE A O   1 
ATOM   562  C CB  . ILE A 1 68  ? -3.032  1.803   2.113   1.00 7.45  ? 110 ILE A CB  1 
ATOM   563  C CG1 . ILE A 1 68  ? -2.611  1.487   0.674   1.00 7.70  ? 110 ILE A CG1 1 
ATOM   564  C CG2 . ILE A 1 68  ? -4.123  0.849   2.607   1.00 9.94  ? 110 ILE A CG2 1 
ATOM   565  C CD1 . ILE A 1 68  ? -1.816  0.218   0.449   1.00 7.32  ? 110 ILE A CD1 1 
ATOM   566  N N   . LYS A 1 69  ? -3.217  3.730   4.603   1.00 7.63  ? 111 LYS A N   1 
ATOM   567  C CA  . LYS A 1 69  ? -3.713  3.989   5.958   1.00 9.85  ? 111 LYS A CA  1 
ATOM   568  C C   . LYS A 1 69  ? -4.631  5.221   5.987   1.00 10.16 ? 111 LYS A C   1 
ATOM   569  O O   . LYS A 1 69  ? -5.723  5.195   6.562   1.00 9.67  ? 111 LYS A O   1 
ATOM   570  C CB  . LYS A 1 69  ? -2.539  4.188   6.906   1.00 10.03 ? 111 LYS A CB  1 
ATOM   571  C CG  . LYS A 1 69  ? -2.974  4.424   8.353   1.00 12.57 ? 111 LYS A CG  1 
ATOM   572  C CD  . LYS A 1 69  ? -1.786  4.383   9.287   1.00 14.86 ? 111 LYS A CD  1 
ATOM   573  C CE  . LYS A 1 69  ? -2.181  4.546   10.738  1.00 26.44 ? 111 LYS A CE  1 
ATOM   574  N NZ  . LYS A 1 69  ? -2.623  5.934   11.019  1.00 38.38 ? 111 LYS A NZ  1 
ATOM   575  N N   . LYS A 1 70  ? -4.191  6.297   5.352   1.00 9.56  ? 112 LYS A N   1 
ATOM   576  C CA  . LYS A 1 70  ? -4.987  7.527   5.309   1.00 10.09 ? 112 LYS A CA  1 
ATOM   577  C C   . LYS A 1 70  ? -6.285  7.347   4.557   1.00 10.21 ? 112 LYS A C   1 
ATOM   578  O O   . LYS A 1 70  ? -7.330  7.831   5.000   1.00 11.13 ? 112 LYS A O   1 
ATOM   579  C CB  . LYS A 1 70  ? -4.184  8.629   4.657   1.00 12.23 ? 112 LYS A CB  1 
ATOM   580  C CG  . LYS A 1 70  ? -3.101  9.121   5.530   1.00 14.53 ? 112 LYS A CG  1 
ATOM   581  C CD  . LYS A 1 70  ? -2.165  10.091  4.768   1.00 26.89 ? 112 LYS A CD  1 
ATOM   582  C CE  . LYS A 1 70  ? -0.995  10.554  5.655   1.00 40.46 ? 112 LYS A CE  1 
ATOM   583  N NZ  . LYS A 1 70  ? 0.041   11.335  4.898   1.00 39.44 ? 112 LYS A NZ  1 
ATOM   584  N N   . ARG A 1 71  ? -6.262  6.595   3.434   1.00 8.79  ? 113 ARG A N   1 
ATOM   585  C CA  . ARG A 1 71  ? -7.496  6.290   2.721   1.00 9.05  ? 113 ARG A CA  1 
ATOM   586  C C   . ARG A 1 71  ? -8.464  5.510   3.602   1.00 9.08  ? 113 ARG A C   1 
ATOM   587  O O   . ARG A 1 71  ? -9.665  5.798   3.625   1.00 9.65  ? 113 ARG A O   1 
ATOM   588  C CB  . ARG A 1 71  ? -7.178  5.495   1.451   1.00 9.38  ? 113 ARG A CB  1 
ATOM   589  C CG  . ARG A 1 71  ? -6.491  6.348   0.395   1.00 8.69  ? 113 ARG A CG  1 
ATOM   590  C CD  . ARG A 1 71  ? -6.147  5.560   -0.872  1.00 8.22  ? 113 ARG A CD  1 
ATOM   591  N NE  . ARG A 1 71  ? -5.684  6.467   -1.895  1.00 7.61  ? 113 ARG A NE  1 
ATOM   592  C CZ  . ARG A 1 71  ? -5.603  6.190   -3.186  1.00 7.51  ? 113 ARG A CZ  1 
ATOM   593  N NH1 . ARG A 1 71  ? -5.844  4.973   -3.646  1.00 8.78  ? 113 ARG A NH1 1 
ATOM   594  N NH2 . ARG A 1 71  ? -5.252  7.148   -4.050  1.00 9.85  ? 113 ARG A NH2 1 
ATOM   595  N N   . LEU A 1 72  ? -7.976  4.499   4.334   1.00 8.93  ? 114 LEU A N   1 
ATOM   596  C CA  . LEU A 1 72  ? -8.878  3.755   5.224   1.00 10.62 ? 114 LEU A CA  1 
ATOM   597  C C   . LEU A 1 72  ? -9.440  4.657   6.320   1.00 9.79  ? 114 LEU A C   1 
ATOM   598  O O   . LEU A 1 72  ? -10.637 4.615   6.636   1.00 12.32 ? 114 LEU A O   1 
ATOM   599  C CB  . LEU A 1 72  ? -8.107  2.602   5.848   1.00 9.15  ? 114 LEU A CB  1 
ATOM   600  C CG  . LEU A 1 72  ? -7.813  1.432   4.902   1.00 8.63  ? 114 LEU A CG  1 
ATOM   601  C CD1 . LEU A 1 72  ? -6.740  0.483   5.465   1.00 8.08  ? 114 LEU A CD1 1 
ATOM   602  C CD2 . LEU A 1 72  ? -9.069  0.623   4.635   1.00 9.87  ? 114 LEU A CD2 1 
ATOM   603  N N   . GLU A 1 73  ? -8.568  5.470   6.910   1.00 9.70  ? 115 GLU A N   1 
ATOM   604  C CA  . GLU A 1 73  ? -9.031  6.394   7.956   1.00 13.93 ? 115 GLU A CA  1 
ATOM   605  C C   . GLU A 1 73  ? -10.083 7.372   7.438   1.00 15.27 ? 115 GLU A C   1 
ATOM   606  O O   . GLU A 1 73  ? -10.969 7.802   8.195   1.00 17.87 ? 115 GLU A O   1 
ATOM   607  C CB  . GLU A 1 73  ? -7.837  7.129   8.544   1.00 14.76 ? 115 GLU A CB  1 
ATOM   608  C CG  . GLU A 1 73  ? -6.937  6.239   9.385   1.00 14.16 ? 115 GLU A CG  1 
ATOM   609  C CD  . GLU A 1 73  ? -5.610  6.872   9.746   1.00 18.92 ? 115 GLU A CD  1 
ATOM   610  O OE1 . GLU A 1 73  ? -5.189  7.851   9.104   1.00 23.35 ? 115 GLU A OE1 1 
ATOM   611  O OE2 . GLU A 1 73  ? -4.973  6.354   10.682  1.00 22.17 ? 115 GLU A OE2 1 
ATOM   612  N N   . ASN A 1 74  ? -10.051 7.715   6.156   1.00 12.22 ? 116 ASN A N   1 
ATOM   613  C CA  . ASN A 1 74  ? -11.003 8.657   5.547   1.00 11.96 ? 116 ASN A CA  1 
ATOM   614  C C   . ASN A 1 74  ? -12.236 7.986   4.940   1.00 18.05 ? 116 ASN A C   1 
ATOM   615  O O   . ASN A 1 74  ? -13.185 8.671   4.518   1.00 15.75 ? 116 ASN A O   1 
ATOM   616  C CB  . ASN A 1 74  ? -10.212 9.567   4.605   1.00 26.20 ? 116 ASN A CB  1 
ATOM   617  C CG  . ASN A 1 74  ? -9.295  10.511  5.381   1.00 41.69 ? 116 ASN A CG  1 
ATOM   618  O OD1 . ASN A 1 74  ? -8.070  10.435  5.291   1.00 52.66 ? 116 ASN A OD1 1 
ATOM   619  N ND2 . ASN A 1 74  ? -9.897  11.392  6.174   1.00 47.45 ? 116 ASN A ND2 1 
ATOM   620  N N   . ASN A 1 75  ? -12.335 6.677   5.004   1.00 12.54 ? 117 ASN A N   1 
ATOM   621  C CA  . ASN A 1 75  ? -13.410 5.934   4.360   1.00 14.42 ? 117 ASN A CA  1 
ATOM   622  C C   . ASN A 1 75  ? -13.428 6.169   2.852   1.00 13.06 ? 117 ASN A C   1 
ATOM   623  O O   . ASN A 1 75  ? -14.528 6.134   2.236   1.00 13.25 ? 117 ASN A O   1 
ATOM   624  C CB  . ASN A 1 75  ? -14.797 6.184   4.990   1.00 14.89 ? 117 ASN A CB  1 
ATOM   625  C CG  . ASN A 1 75  ? -14.840 5.777   6.449   1.00 14.02 ? 117 ASN A CG  1 
ATOM   626  O OD1 . ASN A 1 75  ? -14.346 4.711   6.845   1.00 21.20 ? 117 ASN A OD1 1 
ATOM   627  N ND2 . ASN A 1 75  ? -15.423 6.638   7.276   1.00 32.82 ? 117 ASN A ND2 1 
ATOM   628  N N   . TYR A 1 76  ? -12.209 6.348   2.284   1.00 11.87 ? 118 TYR A N   1 
ATOM   629  C CA  . TYR A 1 76  ? -12.002 6.702   0.874   1.00 10.35 ? 118 TYR A CA  1 
ATOM   630  C C   . TYR A 1 76  ? -12.508 5.610   -0.052  1.00 10.60 ? 118 TYR A C   1 
ATOM   631  O O   . TYR A 1 76  ? -12.910 5.878   -1.201  1.00 10.08 ? 118 TYR A O   1 
ATOM   632  C CB  . TYR A 1 76  ? -10.508 6.937   0.635   1.00 10.59 ? 118 TYR A CB  1 
ATOM   633  C CG  . TYR A 1 76  ? -10.098 7.161   -0.813  1.00 9.91  ? 118 TYR A CG  1 
ATOM   634  C CD1 . TYR A 1 76  ? -9.620  6.092   -1.609  1.00 9.38  ? 118 TYR A CD1 1 
ATOM   635  C CD2 . TYR A 1 76  ? -10.145 8.445   -1.379  1.00 10.97 ? 118 TYR A CD2 1 
ATOM   636  C CE1 . TYR A 1 76  ? -9.252  6.278   -2.892  1.00 9.40  ? 118 TYR A CE1 1 
ATOM   637  C CE2 . TYR A 1 76  ? -9.750  8.655   -2.675  1.00 10.59 ? 118 TYR A CE2 1 
ATOM   638  C CZ  . TYR A 1 76  ? -9.308  7.554   -3.423  1.00 9.49  ? 118 TYR A CZ  1 
ATOM   639  O OH  . TYR A 1 76  ? -8.905  7.725   -4.728  1.00 11.09 ? 118 TYR A OH  1 
ATOM   640  N N   . TYR A 1 77  ? -12.443 4.353   0.403   1.00 8.90  ? 119 TYR A N   1 
ATOM   641  C CA  . TYR A 1 77  ? -12.696 3.220   -0.453  1.00 9.54  ? 119 TYR A CA  1 
ATOM   642  C C   . TYR A 1 77  ? -14.188 2.890   -0.456  1.00 8.59  ? 119 TYR A C   1 
ATOM   643  O O   . TYR A 1 77  ? -14.886 3.060   0.559   1.00 12.00 ? 119 TYR A O   1 
ATOM   644  C CB  . TYR A 1 77  ? -11.962 1.990   0.089   1.00 7.77  ? 119 TYR A CB  1 
ATOM   645  C CG  . TYR A 1 77  ? -10.454 2.117   0.047   1.00 7.56  ? 119 TYR A CG  1 
ATOM   646  C CD1 . TYR A 1 77  ? -9.685  2.164   1.199   1.00 8.86  ? 119 TYR A CD1 1 
ATOM   647  C CD2 . TYR A 1 77  ? -9.821  2.146   -1.156  1.00 7.70  ? 119 TYR A CD2 1 
ATOM   648  C CE1 . TYR A 1 77  ? -8.280  2.196   1.120   1.00 7.65  ? 119 TYR A CE1 1 
ATOM   649  C CE2 . TYR A 1 77  ? -8.421  2.188   -1.251  1.00 7.25  ? 119 TYR A CE2 1 
ATOM   650  C CZ  . TYR A 1 77  ? -7.661  2.197   -0.100  1.00 6.92  ? 119 TYR A CZ  1 
ATOM   651  O OH  . TYR A 1 77  ? -6.275  2.202   -0.135  1.00 8.00  ? 119 TYR A OH  1 
ATOM   652  N N   . TRP A 1 78  ? -14.617 2.278   -1.567  1.00 8.14  ? 120 TRP A N   1 
ATOM   653  C CA  . TRP A 1 78  ? -15.962 1.706   -1.602  1.00 9.07  ? 120 TRP A CA  1 
ATOM   654  C C   . TRP A 1 78  ? -15.988 0.314   -0.968  1.00 7.72  ? 120 TRP A C   1 
ATOM   655  O O   . TRP A 1 78  ? -16.976 -0.076  -0.343  1.00 9.21  ? 120 TRP A O   1 
ATOM   656  C CB  . TRP A 1 78  ? -16.416 1.592   -3.067  1.00 10.86 ? 120 TRP A CB  1 
ATOM   657  C CG  . TRP A 1 78  ? -17.833 1.100   -3.205  1.00 9.38  ? 120 TRP A CG  1 
ATOM   658  C CD1 . TRP A 1 78  ? -18.221 -0.134  -3.583  1.00 11.97 ? 120 TRP A CD1 1 
ATOM   659  C CD2 . TRP A 1 78  ? -19.020 1.822   -2.921  1.00 8.37  ? 120 TRP A CD2 1 
ATOM   660  N NE1 . TRP A 1 78  ? -19.581 -0.226  -3.603  1.00 12.43 ? 120 TRP A NE1 1 
ATOM   661  C CE2 . TRP A 1 78  ? -20.102 0.968   -3.190  1.00 10.53 ? 120 TRP A CE2 1 
ATOM   662  C CE3 . TRP A 1 78  ? -19.279 3.120   -2.465  1.00 8.46  ? 120 TRP A CE3 1 
ATOM   663  C CZ2 . TRP A 1 78  ? -21.441 1.371   -3.043  1.00 11.42 ? 120 TRP A CZ2 1 
ATOM   664  C CZ3 . TRP A 1 78  ? -20.596 3.515   -2.331  1.00 10.86 ? 120 TRP A CZ3 1 
ATOM   665  C CH2 . TRP A 1 78  ? -21.658 2.627   -2.594  1.00 10.31 ? 120 TRP A CH2 1 
ATOM   666  N N   . ASN A 1 79  ? -14.954 -0.500  -1.181  1.00 8.36  ? 121 ASN A N   1 
ATOM   667  C CA  . ASN A 1 79  ? -15.003 -1.862  -0.672  1.00 7.87  ? 121 ASN A CA  1 
ATOM   668  C C   . ASN A 1 79  ? -13.579 -2.342  -0.420  1.00 8.33  ? 121 ASN A C   1 
ATOM   669  O O   . ASN A 1 79  ? -12.583 -1.690  -0.768  1.00 8.27  ? 121 ASN A O   1 
ATOM   670  C CB  . ASN A 1 79  ? -15.833 -2.805  -1.567  1.00 10.40 ? 121 ASN A CB  1 
ATOM   671  C CG  . ASN A 1 79  ? -15.237 -3.015  -2.936  1.00 10.35 ? 121 ASN A CG  1 
ATOM   672  O OD1 . ASN A 1 79  ? -14.052 -2.761  -3.208  1.00 11.43 ? 121 ASN A OD1 1 
ATOM   673  N ND2 . ASN A 1 79  ? -16.078 -3.479  -3.855  1.00 12.40 ? 121 ASN A ND2 1 
ATOM   674  N N   . ALA A 1 80  ? -13.509 -3.490  0.235   1.00 8.89  ? 122 ALA A N   1 
ATOM   675  C CA  . ALA A 1 80  ? -12.226 -4.086  0.618   1.00 7.58  ? 122 ALA A CA  1 
ATOM   676  C C   . ALA A 1 80  ? -11.398 -4.433  -0.610  1.00 7.27  ? 122 ALA A C   1 
ATOM   677  O O   . ALA A 1 80  ? -10.166 -4.289  -0.589  1.00 7.69  ? 122 ALA A O   1 
ATOM   678  C CB  . ALA A 1 80  ? -12.484 -5.360  1.430   1.00 10.55 ? 122 ALA A CB  1 
ATOM   679  N N   . GLN A 1 81  ? -12.029 -4.882  -1.698  1.00 8.08  ? 123 GLN A N   1 
ATOM   680  C CA  . GLN A 1 81  ? -11.265 -5.209  -2.901  1.00 9.13  ? 123 GLN A CA  1 
ATOM   681  C C   . GLN A 1 81  ? -10.507 -3.999  -3.448  1.00 7.88  ? 123 GLN A C   1 
ATOM   682  O O   . GLN A 1 81  ? -9.372  -4.145  -3.922  1.00 8.58  ? 123 GLN A O   1 
ATOM   683  C CB  . GLN A 1 81  ? -12.202 -5.780  -3.967  1.00 12.86 ? 123 GLN A CB  1 
ATOM   684  C CG  . GLN A 1 81  ? -11.446 -6.634  -4.986  1.00 28.79 ? 123 GLN A CG  1 
ATOM   685  C CD  . GLN A 1 81  ? -12.204 -6.966  -6.261  1.00 55.04 ? 123 GLN A CD  1 
ATOM   686  O OE1 . GLN A 1 81  ? -13.369 -6.607  -6.429  1.00 57.67 ? 123 GLN A OE1 1 
ATOM   687  N NE2 . GLN A 1 81  ? -11.530 -7.662  -7.177  1.00 49.12 ? 123 GLN A NE2 1 
ATOM   688  N N   . GLU A 1 82  ? -11.088 -2.808  -3.369  1.00 8.90  ? 124 GLU A N   1 
ATOM   689  C CA  . GLU A 1 82  ? -10.380 -1.607  -3.794  1.00 8.67  ? 124 GLU A CA  1 
ATOM   690  C C   . GLU A 1 82  ? -9.112  -1.396  -2.974  1.00 8.27  ? 124 GLU A C   1 
ATOM   691  O O   . GLU A 1 82  ? -8.078  -0.976  -3.515  1.00 8.15  ? 124 GLU A O   1 
ATOM   692  C CB  . GLU A 1 82  ? -11.292 -0.394  -3.646  1.00 9.38  ? 124 GLU A CB  1 
ATOM   693  C CG  . GLU A 1 82  ? -10.878 0.745   -4.459  1.00 11.73 ? 124 GLU A CG  1 
ATOM   694  C CD  . GLU A 1 82  ? -11.762 1.960   -4.213  1.00 13.23 ? 124 GLU A CD  1 
ATOM   695  O OE1 . GLU A 1 82  ? -12.898 1.819   -3.701  1.00 11.10 ? 124 GLU A OE1 1 
ATOM   696  O OE2 . GLU A 1 82  ? -11.343 3.083   -4.548  1.00 14.80 ? 124 GLU A OE2 1 
ATOM   697  N N   . CYS A 1 83  ? -9.218  -1.564  -1.656  1.00 7.46  ? 125 CYS A N   1 
ATOM   698  C CA  . CYS A 1 83  ? -8.048  -1.413  -0.786  1.00 7.65  ? 125 CYS A CA  1 
ATOM   699  C C   . CYS A 1 83  ? -7.005  -2.490  -1.058  1.00 6.60  ? 125 CYS A C   1 
ATOM   700  O O   . CYS A 1 83  ? -5.805  -2.209  -1.151  1.00 7.31  ? 125 CYS A O   1 
ATOM   701  C CB  . CYS A 1 83  ? -8.511  -1.379  0.673   1.00 7.47  ? 125 CYS A CB  1 
ATOM   702  S SG  . CYS A 1 83  ? -7.178  -1.426  1.850   1.00 9.11  ? 125 CYS A SG  1 
ATOM   703  N N   . ILE A 1 84  ? -7.454  -3.745  -1.191  1.00 7.03  ? 126 ILE A N   1 
ATOM   704  C CA  . ILE A 1 84  ? -6.555  -4.851  -1.523  1.00 7.38  ? 126 ILE A CA  1 
ATOM   705  C C   . ILE A 1 84  ? -5.799  -4.559  -2.824  1.00 6.44  ? 126 ILE A C   1 
ATOM   706  O O   . ILE A 1 84  ? -4.592  -4.821  -2.923  1.00 7.02  ? 126 ILE A O   1 
ATOM   707  C CB  . ILE A 1 84  ? -7.335  -6.183  -1.531  1.00 7.42  ? 126 ILE A CB  1 
ATOM   708  C CG1 . ILE A 1 84  ? -7.730  -6.542  -0.117  1.00 7.85  ? 126 ILE A CG1 1 
ATOM   709  C CG2 . ILE A 1 84  ? -6.542  -7.265  -2.285  1.00 8.34  ? 126 ILE A CG2 1 
ATOM   710  C CD1 . ILE A 1 84  ? -8.850  -7.562  -0.025  1.00 9.92  ? 126 ILE A CD1 1 
ATOM   711  N N   . GLN A 1 85  ? -6.488  -3.989  -3.831  1.00 6.45  ? 127 GLN A N   1 
ATOM   712  C CA  . GLN A 1 85  ? -5.811  -3.604  -5.053  1.00 8.19  ? 127 GLN A CA  1 
ATOM   713  C C   . GLN A 1 85  ? -4.693  -2.612  -4.798  1.00 6.90  ? 127 GLN A C   1 
ATOM   714  O O   . GLN A 1 85  ? -3.658  -2.716  -5.449  1.00 7.73  ? 127 GLN A O   1 
ATOM   715  C CB  . GLN A 1 85  ? -6.819  -3.028  -6.055  1.00 8.89  ? 127 GLN A CB  1 
ATOM   716  C CG  . GLN A 1 85  ? -7.830  -4.071  -6.484  1.00 21.84 ? 127 GLN A CG  1 
ATOM   717  C CD  . GLN A 1 85  ? -9.003  -3.549  -7.306  1.00 49.15 ? 127 GLN A CD  1 
ATOM   718  O OE1 . GLN A 1 85  ? -9.221  -2.340  -7.439  1.00 42.71 ? 127 GLN A OE1 1 
ATOM   719  N NE2 . GLN A 1 85  ? -9.761  -4.482  -7.878  1.00 40.71 ? 127 GLN A NE2 1 
ATOM   720  N N   . ASP A 1 86  ? -4.858  -1.655  -3.882  1.00 7.31  ? 128 ASP A N   1 
ATOM   721  C CA  . ASP A 1 86  ? -3.765  -0.739  -3.560  1.00 6.45  ? 128 ASP A CA  1 
ATOM   722  C C   . ASP A 1 86  ? -2.581  -1.484  -2.948  1.00 5.90  ? 128 ASP A C   1 
ATOM   723  O O   . ASP A 1 86  ? -1.431  -1.181  -3.294  1.00 6.20  ? 128 ASP A O   1 
ATOM   724  C CB  . ASP A 1 86  ? -4.242  0.400   -2.653  1.00 7.27  ? 128 ASP A CB  1 
ATOM   725  C CG  . ASP A 1 86  ? -5.002  1.510   -3.377  1.00 7.10  ? 128 ASP A CG  1 
ATOM   726  O OD1 . ASP A 1 86  ? -4.988  1.527   -4.602  1.00 8.03  ? 128 ASP A OD1 1 
ATOM   727  O OD2 . ASP A 1 86  ? -5.585  2.343   -2.648  1.00 8.36  ? 128 ASP A OD2 1 
ATOM   728  N N   . PHE A 1 87  ? -2.817  -2.412  -2.018  1.00 6.06  ? 129 PHE A N   1 
ATOM   729  C CA  . PHE A 1 87  ? -1.689  -3.206  -1.513  1.00 6.75  ? 129 PHE A CA  1 
ATOM   730  C C   . PHE A 1 87  ? -0.996  -3.943  -2.650  1.00 6.28  ? 129 PHE A C   1 
ATOM   731  O O   . PHE A 1 87  ? 0.242   -3.968  -2.719  1.00 6.98  ? 129 PHE A O   1 
ATOM   732  C CB  . PHE A 1 87  ? -2.147  -4.233  -0.471  1.00 8.10  ? 129 PHE A CB  1 
ATOM   733  C CG  . PHE A 1 87  ? -2.326  -3.701  0.911   1.00 6.20  ? 129 PHE A CG  1 
ATOM   734  C CD1 . PHE A 1 87  ? -1.239  -3.630  1.791   1.00 7.22  ? 129 PHE A CD1 1 
ATOM   735  C CD2 . PHE A 1 87  ? -3.578  -3.319  1.402   1.00 7.33  ? 129 PHE A CD2 1 
ATOM   736  C CE1 . PHE A 1 87  ? -1.413  -3.189  3.077   1.00 9.47  ? 129 PHE A CE1 1 
ATOM   737  C CE2 . PHE A 1 87  ? -3.690  -2.887  2.707   1.00 8.57  ? 129 PHE A CE2 1 
ATOM   738  C CZ  . PHE A 1 87  ? -2.624  -2.821  3.557   1.00 9.36  ? 129 PHE A CZ  1 
ATOM   739  N N   . ASN A 1 88  ? -1.784  -4.551  -3.557  1.00 6.60  ? 130 ASN A N   1 
ATOM   740  C CA  . ASN A 1 88  ? -1.156  -5.313  -4.629  1.00 7.76  ? 130 ASN A CA  1 
ATOM   741  C C   . ASN A 1 88  ? -0.349  -4.410  -5.542  1.00 6.98  ? 130 ASN A C   1 
ATOM   742  O O   . ASN A 1 88  ? 0.725   -4.787  -6.015  1.00 7.62  ? 130 ASN A O   1 
ATOM   743  C CB  . ASN A 1 88  ? -2.167  -6.149  -5.359  1.00 11.01 ? 130 ASN A CB  1 
ATOM   744  C CG  . ASN A 1 88  ? -2.540  -7.386  -4.528  1.00 11.81 ? 130 ASN A CG  1 
ATOM   745  O OD1 . ASN A 1 88  ? -1.686  -7.957  -3.831  1.00 16.47 ? 130 ASN A OD1 1 
ATOM   746  N ND2 . ASN A 1 88  ? -3.763  -7.870  -4.701  1.00 18.05 ? 130 ASN A ND2 1 
ATOM   747  N N   . THR A 1 89  ? -0.850  -3.203  -5.825  1.00 7.14  ? 131 THR A N   1 
ATOM   748  C CA  . THR A 1 89  ? -0.100  -2.234  -6.623  1.00 7.50  ? 131 THR A CA  1 
ATOM   749  C C   . THR A 1 89  ? 1.226   -1.887  -5.947  1.00 6.08  ? 131 THR A C   1 
ATOM   750  O O   . THR A 1 89  ? 2.277   -1.821  -6.607  1.00 7.22  ? 131 THR A O   1 
ATOM   751  C CB  . THR A 1 89  ? -0.924  -0.967  -6.844  1.00 7.79  ? 131 THR A CB  1 
ATOM   752  O OG1 . THR A 1 89  ? -2.071  -1.286  -7.669  1.00 9.99  ? 131 THR A OG1 1 
ATOM   753  C CG2 . THR A 1 89  ? -0.115  0.151   -7.457  1.00 9.44  ? 131 THR A CG2 1 
ATOM   754  N N   . MET A 1 90  ? 1.187   -1.672  -4.629  1.00 6.31  ? 132 MET A N   1 
ATOM   755  C CA  . MET A 1 90  ? 2.403   -1.373  -3.898  1.00 6.32  ? 132 MET A CA  1 
ATOM   756  C C   . MET A 1 90  ? 3.437   -2.482  -4.059  1.00 6.00  ? 132 MET A C   1 
ATOM   757  O O   . MET A 1 90  ? 4.604   -2.212  -4.329  1.00 6.20  ? 132 MET A O   1 
ATOM   758  C CB  . MET A 1 90  ? 2.070   -1.177  -2.429  1.00 6.60  ? 132 MET A CB  1 
ATOM   759  C CG  . MET A 1 90  ? 3.235   -0.927  -1.530  1.00 7.39  ? 132 MET A CG  1 
ATOM   760  S SD  . MET A 1 90  ? 2.797   -0.818  0.200   1.00 6.70  ? 132 MET A SD  1 
ATOM   761  C CE  . MET A 1 90  ? 2.691   -2.514  0.619   1.00 9.15  ? 132 MET A CE  1 
ATOM   762  N N   . PHE A 1 91  ? 3.055   -3.746  -3.864  1.00 5.64  ? 133 PHE A N   1 
ATOM   763  C CA  . PHE A 1 91  ? 4.006   -4.856  -3.999  1.00 5.91  ? 133 PHE A CA  1 
ATOM   764  C C   . PHE A 1 91  ? 4.503   -4.936  -5.425  1.00 5.82  ? 133 PHE A C   1 
ATOM   765  O O   . PHE A 1 91  ? 5.716   -5.058  -5.670  1.00 6.71  ? 133 PHE A O   1 
ATOM   766  C CB  . PHE A 1 91  ? 3.362   -6.176  -3.523  1.00 7.83  ? 133 PHE A CB  1 
ATOM   767  C CG  . PHE A 1 91  ? 2.999   -6.189  -2.073  1.00 6.54  ? 133 PHE A CG  1 
ATOM   768  C CD1 . PHE A 1 91  ? 3.981   -5.939  -1.117  1.00 8.33  ? 133 PHE A CD1 1 
ATOM   769  C CD2 . PHE A 1 91  ? 1.744   -6.518  -1.660  1.00 7.61  ? 133 PHE A CD2 1 
ATOM   770  C CE1 . PHE A 1 91  ? 3.684   -5.963  0.230   1.00 10.01 ? 133 PHE A CE1 1 
ATOM   771  C CE2 . PHE A 1 91  ? 1.439   -6.540  -0.267  1.00 8.36  ? 133 PHE A CE2 1 
ATOM   772  C CZ  . PHE A 1 91  ? 2.427   -6.270  0.639   1.00 12.17 ? 133 PHE A CZ  1 
ATOM   773  N N   . THR A 1 92  ? 3.587   -4.932  -6.390  1.00 6.81  ? 134 THR A N   1 
ATOM   774  C CA  . THR A 1 92  ? 4.004   -5.036  -7.785  1.00 8.66  ? 134 THR A CA  1 
ATOM   775  C C   . THR A 1 92  ? 4.925   -3.893  -8.207  1.00 7.22  ? 134 THR A C   1 
ATOM   776  O O   . THR A 1 92  ? 5.902   -4.133  -8.940  1.00 7.40  ? 134 THR A O   1 
ATOM   777  C CB  . THR A 1 92  ? 2.844   -5.226  -8.736  1.00 10.84 ? 134 THR A CB  1 
ATOM   778  O OG1 . THR A 1 92  ? 1.980   -4.160  -8.687  1.00 15.71 ? 134 THR A OG1 1 
ATOM   779  C CG2 . THR A 1 92  ? 1.996   -6.345  -8.383  1.00 11.06 ? 134 THR A CG2 1 
ATOM   780  N N   . ASN A 1 93  ? 4.687   -2.667  -7.727  1.00 6.30  ? 135 ASN A N   1 
ATOM   781  C CA  . ASN A 1 93  ? 5.616   -1.585  -8.045  1.00 7.50  ? 135 ASN A CA  1 
ATOM   782  C C   . ASN A 1 93  ? 7.030   -1.936  -7.590  1.00 6.88  ? 135 ASN A C   1 
ATOM   783  O O   . ASN A 1 93  ? 8.018   -1.636  -8.285  1.00 7.25  ? 135 ASN A O   1 
ATOM   784  C CB  . ASN A 1 93  ? 5.208   -0.310  -7.321  1.00 7.46  ? 135 ASN A CB  1 
ATOM   785  C CG  . ASN A 1 93  ? 3.993   0.360   -7.897  1.00 7.24  ? 135 ASN A CG  1 
ATOM   786  O OD1 . ASN A 1 93  ? 3.563   0.025   -8.983  1.00 7.99  ? 135 ASN A OD1 1 
ATOM   787  N ND2 . ASN A 1 93  ? 3.426   1.276   -7.161  1.00 7.84  ? 135 ASN A ND2 1 
ATOM   788  N N   . CYS A 1 94  ? 7.158   -2.539  -6.402  1.00 7.08  ? 136 CYS A N   1 
ATOM   789  C CA  . CYS A 1 94  ? 8.487   -2.890  -5.927  1.00 6.88  ? 136 CYS A CA  1 
ATOM   790  C C   . CYS A 1 94  ? 9.141   -3.901  -6.867  1.00 5.68  ? 136 CYS A C   1 
ATOM   791  O O   . CYS A 1 94  ? 10.327  -3.774  -7.204  1.00 6.86  ? 136 CYS A O   1 
ATOM   792  C CB  . CYS A 1 94  ? 8.367   -3.446  -4.507  1.00 6.45  ? 136 CYS A CB  1 
ATOM   793  S SG  . CYS A 1 94  ? 9.946   -3.705  -3.704  1.00 7.40  ? 136 CYS A SG  1 
ATOM   794  N N   . TYR A 1 95  ? 8.394   -4.908  -7.288  1.00 6.40  ? 137 TYR A N   1 
ATOM   795  C CA  . TYR A 1 95  ? 8.948   -5.908  -8.190  1.00 7.05  ? 137 TYR A CA  1 
ATOM   796  C C   . TYR A 1 95  ? 9.291   -5.274  -9.540  1.00 8.80  ? 137 TYR A C   1 
ATOM   797  O O   . TYR A 1 95  ? 10.315  -5.626  -10.158 1.00 10.07 ? 137 TYR A O   1 
ATOM   798  C CB  . TYR A 1 95  ? 7.999   -7.115  -8.310  1.00 8.60  ? 137 TYR A CB  1 
ATOM   799  C CG  . TYR A 1 95  ? 7.540   -7.678  -6.991  1.00 6.32  ? 137 TYR A CG  1 
ATOM   800  C CD1 . TYR A 1 95  ? 8.416   -7.819  -5.923  1.00 7.61  ? 137 TYR A CD1 1 
ATOM   801  C CD2 . TYR A 1 95  ? 6.201   -8.079  -6.790  1.00 7.12  ? 137 TYR A CD2 1 
ATOM   802  C CE1 . TYR A 1 95  ? 8.011   -8.289  -4.722  1.00 8.72  ? 137 TYR A CE1 1 
ATOM   803  C CE2 . TYR A 1 95  ? 5.782   -8.593  -5.566  1.00 7.15  ? 137 TYR A CE2 1 
ATOM   804  C CZ  . TYR A 1 95  ? 6.687   -8.699  -4.527  1.00 7.77  ? 137 TYR A CZ  1 
ATOM   805  O OH  . TYR A 1 95  ? 6.338   -9.134  -3.283  1.00 9.72  ? 137 TYR A OH  1 
ATOM   806  N N   . ILE A 1 96  ? 8.484   -4.344  -10.023 1.00 7.64  ? 138 ILE A N   1 
ATOM   807  C CA  . ILE A 1 96  ? 8.749   -3.685  -11.306 1.00 7.91  ? 138 ILE A CA  1 
ATOM   808  C C   . ILE A 1 96  ? 9.996   -2.803  -11.236 1.00 7.73  ? 138 ILE A C   1 
ATOM   809  O O   . ILE A 1 96  ? 10.841  -2.791  -12.154 1.00 9.42  ? 138 ILE A O   1 
ATOM   810  C CB  . ILE A 1 96  ? 7.522   -2.860  -11.721 1.00 8.97  ? 138 ILE A CB  1 
ATOM   811  C CG1 . ILE A 1 96  ? 6.387   -3.807  -12.119 1.00 9.99  ? 138 ILE A CG1 1 
ATOM   812  C CG2 . ILE A 1 96  ? 7.838   -1.938  -12.889 1.00 10.10 ? 138 ILE A CG2 1 
ATOM   813  C CD1 . ILE A 1 96  ? 5.007   -3.173  -12.263 1.00 15.63 ? 138 ILE A CD1 1 
ATOM   814  N N   . TYR A 1 97  ? 10.117  -1.987  -10.187 1.00 8.14  ? 139 TYR A N   1 
ATOM   815  C CA  . TYR A 1 97  ? 11.229  -1.027  -10.132 1.00 7.30  ? 139 TYR A CA  1 
ATOM   816  C C   . TYR A 1 97  ? 12.550  -1.708  -9.835  1.00 7.38  ? 139 TYR A C   1 
ATOM   817  O O   . TYR A 1 97  ? 13.604  -1.153  -10.179 1.00 7.88  ? 139 TYR A O   1 
ATOM   818  C CB  . TYR A 1 97  ? 10.916  0.091   -9.105  1.00 7.81  ? 139 TYR A CB  1 
ATOM   819  C CG  . TYR A 1 97  ? 12.040  1.084   -9.000  1.00 7.07  ? 139 TYR A CG  1 
ATOM   820  C CD1 . TYR A 1 97  ? 12.365  1.929   -10.085 1.00 8.10  ? 139 TYR A CD1 1 
ATOM   821  C CD2 . TYR A 1 97  ? 12.885  1.094   -7.863  1.00 8.06  ? 139 TYR A CD2 1 
ATOM   822  C CE1 . TYR A 1 97  ? 13.482  2.762   -10.010 1.00 7.94  ? 139 TYR A CE1 1 
ATOM   823  C CE2 . TYR A 1 97  ? 13.999  1.930   -7.810  1.00 7.77  ? 139 TYR A CE2 1 
ATOM   824  C CZ  . TYR A 1 97  ? 14.293  2.735   -8.891  1.00 7.55  ? 139 TYR A CZ  1 
ATOM   825  O OH  . TYR A 1 97  ? 15.402  3.523   -8.813  1.00 8.80  ? 139 TYR A OH  1 
ATOM   826  N N   . ASN A 1 98  ? 12.535  -2.892  -9.248  1.00 7.99  ? 140 ASN A N   1 
ATOM   827  C CA  . ASN A 1 98  ? 13.757  -3.556  -8.812  1.00 9.31  ? 140 ASN A CA  1 
ATOM   828  C C   . ASN A 1 98  ? 13.928  -4.847  -9.611  1.00 9.46  ? 140 ASN A C   1 
ATOM   829  O O   . ASN A 1 98  ? 13.555  -4.857  -10.813 1.00 12.45 ? 140 ASN A O   1 
ATOM   830  C CB  . ASN A 1 98  ? 13.696  -3.729  -7.300  1.00 8.14  ? 140 ASN A CB  1 
ATOM   831  C CG  . ASN A 1 98  ? 13.587  -2.389  -6.595  1.00 7.33  ? 140 ASN A CG  1 
ATOM   832  O OD1 . ASN A 1 98  ? 14.556  -1.644  -6.541  1.00 7.83  ? 140 ASN A OD1 1 
ATOM   833  N ND2 . ASN A 1 98  ? 12.397  -2.056  -6.088  1.00 7.56  ? 140 ASN A ND2 1 
ATOM   834  N N   . LYS A 1 99  ? 14.559  -5.870  -9.025  1.00 9.96  ? 141 LYS A N   1 
ATOM   835  C CA  . LYS A 1 99  ? 14.690  -7.140  -9.726  1.00 11.82 ? 141 LYS A CA  1 
ATOM   836  C C   . LYS A 1 99  ? 14.824  -8.256  -8.702  1.00 11.03 ? 141 LYS A C   1 
ATOM   837  O O   . LYS A 1 99  ? 15.070  -8.002  -7.518  1.00 9.92  ? 141 LYS A O   1 
ATOM   838  C CB  . LYS A 1 99  ? 15.895  -7.112  -10.674 1.00 21.40 ? 141 LYS A CB  1 
ATOM   839  C CG  . LYS A 1 99  ? 17.169  -6.988  -9.915  1.00 17.00 ? 141 LYS A CG  1 
ATOM   840  C CD  . LYS A 1 99  ? 18.195  -6.149  -10.645 1.00 35.31 ? 141 LYS A CD  1 
ATOM   841  C CE  . LYS A 1 99  ? 18.805  -6.925  -11.759 1.00 29.06 ? 141 LYS A CE  1 
ATOM   842  N NZ  . LYS A 1 99  ? 20.293  -6.653  -11.957 1.00 21.07 ? 141 LYS A NZ  1 
ATOM   843  N N   . PRO A 1 100 ? 14.640  -9.523  -9.117  1.00 10.71 ? 142 PRO A N   1 
ATOM   844  C CA  . PRO A 1 100 ? 14.651  -10.600 -8.137  1.00 9.71  ? 142 PRO A CA  1 
ATOM   845  C C   . PRO A 1 100 ? 15.970  -10.623 -7.399  1.00 10.84 ? 142 PRO A C   1 
ATOM   846  O O   . PRO A 1 100 ? 17.041  -10.385 -7.963  1.00 13.11 ? 142 PRO A O   1 
ATOM   847  C CB  . PRO A 1 100 ? 14.467  -11.872 -8.974  1.00 12.56 ? 142 PRO A CB  1 
ATOM   848  C CG  . PRO A 1 100 ? 13.713  -11.392 -10.159 1.00 13.42 ? 142 PRO A CG  1 
ATOM   849  C CD  . PRO A 1 100 ? 14.273  -10.029 -10.457 1.00 12.57 ? 142 PRO A CD  1 
ATOM   850  N N   . GLY A 1 101 ? 15.863  -10.940 -6.143  1.00 10.26 ? 143 GLY A N   1 
ATOM   851  C CA  . GLY A 1 101 ? 17.012  -11.096 -5.287  1.00 13.16 ? 143 GLY A CA  1 
ATOM   852  C C   . GLY A 1 101 ? 17.453  -9.827  -4.575  1.00 12.01 ? 143 GLY A C   1 
ATOM   853  O O   . GLY A 1 101 ? 18.235  -9.920  -3.608  1.00 13.93 ? 143 GLY A O   1 
ATOM   854  N N   . ASP A 1 102 ? 16.991  -8.656  -4.999  1.00 9.26  ? 144 ASP A N   1 
ATOM   855  C CA  . ASP A 1 102 ? 17.370  -7.418  -4.333  1.00 8.12  ? 144 ASP A CA  1 
ATOM   856  C C   . ASP A 1 102 ? 16.833  -7.415  -2.906  1.00 8.84  ? 144 ASP A C   1 
ATOM   857  O O   . ASP A 1 102 ? 15.754  -7.937  -2.640  1.00 8.17  ? 144 ASP A O   1 
ATOM   858  C CB  . ASP A 1 102 ? 16.762  -6.214  -5.068  1.00 9.39  ? 144 ASP A CB  1 
ATOM   859  C CG  . ASP A 1 102 ? 17.425  -5.894  -6.345  1.00 10.66 ? 144 ASP A CG  1 
ATOM   860  O OD1 . ASP A 1 102 ? 18.502  -6.484  -6.651  1.00 13.54 ? 144 ASP A OD1 1 
ATOM   861  O OD2 . ASP A 1 102 ? 16.871  -5.022  -7.058  1.00 11.16 ? 144 ASP A OD2 1 
ATOM   862  N N   . ASP A 1 103 ? 17.570  -6.772  -1.988  1.00 7.71  ? 145 ASP A N   1 
ATOM   863  C CA  . ASP A 1 103 ? 17.107  -6.650  -0.612  1.00 7.89  ? 145 ASP A CA  1 
ATOM   864  C C   . ASP A 1 103 ? 15.681  -6.101  -0.525  1.00 6.87  ? 145 ASP A C   1 
ATOM   865  O O   . ASP A 1 103 ? 14.883  -6.597  0.260   1.00 7.47  ? 145 ASP A O   1 
ATOM   866  C CB  . ASP A 1 103 ? 18.092  -5.833  0.227   1.00 7.50  ? 145 ASP A CB  1 
ATOM   867  C CG  . ASP A 1 103 ? 19.241  -6.626  0.779   1.00 8.00  ? 145 ASP A CG  1 
ATOM   868  O OD1 . ASP A 1 103 ? 19.283  -7.856  0.669   1.00 8.62  ? 145 ASP A OD1 1 
ATOM   869  O OD2 . ASP A 1 103 ? 20.163  -5.963  1.379   1.00 11.08 ? 145 ASP A OD2 1 
ATOM   870  N N   . ILE A 1 104 ? 15.382  -5.027  -1.267  1.00 6.68  ? 146 ILE A N   1 
ATOM   871  C CA  . ILE A 1 104 ? 14.037  -4.442  -1.153  1.00 6.51  ? 146 ILE A CA  1 
ATOM   872  C C   . ILE A 1 104 ? 12.962  -5.427  -1.614  1.00 5.72  ? 146 ILE A C   1 
ATOM   873  O O   . ILE A 1 104 ? 11.847  -5.468  -1.075  1.00 6.72  ? 146 ILE A O   1 
ATOM   874  C CB  . ILE A 1 104 ? 13.944  -3.098  -1.908  1.00 7.22  ? 146 ILE A CB  1 
ATOM   875  C CG1 . ILE A 1 104 ? 12.597  -2.406  -1.629  1.00 8.20  ? 146 ILE A CG1 1 
ATOM   876  C CG2 . ILE A 1 104 ? 14.099  -3.269  -3.388  1.00 9.32  ? 146 ILE A CG2 1 
ATOM   877  C CD1 . ILE A 1 104 ? 12.459  -1.888  -0.261  1.00 9.76  ? 146 ILE A CD1 1 
ATOM   878  N N   . VAL A 1 105 ? 13.292  -6.229  -2.620  1.00 6.09  ? 147 VAL A N   1 
ATOM   879  C CA  . VAL A 1 105 ? 12.371  -7.244  -3.136  1.00 7.61  ? 147 VAL A CA  1 
ATOM   880  C C   . VAL A 1 105 ? 12.148  -8.333  -2.108  1.00 6.93  ? 147 VAL A C   1 
ATOM   881  O O   . VAL A 1 105 ? 11.011  -8.793  -1.932  1.00 7.20  ? 147 VAL A O   1 
ATOM   882  C CB  . VAL A 1 105 ? 12.851  -7.749  -4.528  1.00 7.76  ? 147 VAL A CB  1 
ATOM   883  C CG1 . VAL A 1 105 ? 12.106  -9.031  -4.966  1.00 8.33  ? 147 VAL A CG1 1 
ATOM   884  C CG2 . VAL A 1 105 ? 12.694  -6.655  -5.559  1.00 8.44  ? 147 VAL A CG2 1 
ATOM   885  N N   . LEU A 1 106 ? 13.210  -8.797  -1.443  1.00 7.83  ? 148 LEU A N   1 
ATOM   886  C CA  . LEU A 1 106 ? 13.036  -9.773  -0.353  1.00 7.92  ? 148 LEU A CA  1 
ATOM   887  C C   . LEU A 1 106 ? 12.111  -9.233  0.722   1.00 7.27  ? 148 LEU A C   1 
ATOM   888  O O   . LEU A 1 106 ? 11.306  -9.978  1.318   1.00 8.18  ? 148 LEU A O   1 
ATOM   889  C CB  . LEU A 1 106 ? 14.401  -10.089 0.277   1.00 8.88  ? 148 LEU A CB  1 
ATOM   890  C CG  . LEU A 1 106 ? 15.444  -10.743 -0.633  1.00 11.06 ? 148 LEU A CG  1 
ATOM   891  C CD1 . LEU A 1 106 ? 16.755  -10.967 0.059   1.00 11.19 ? 148 LEU A CD1 1 
ATOM   892  C CD2 . LEU A 1 106 ? 14.949  -12.037 -1.226  1.00 14.97 ? 148 LEU A CD2 1 
ATOM   893  N N   . MET A 1 107 ? 12.192  -7.929  0.989   1.00 7.38  ? 149 MET A N   1 
ATOM   894  C CA  . MET A 1 107 ? 11.324  -7.317  1.985   1.00 7.21  ? 149 MET A CA  1 
ATOM   895  C C   . MET A 1 107 ? 9.872   -7.349  1.505   1.00 6.72  ? 149 MET A C   1 
ATOM   896  O O   . MET A 1 107 ? 8.955   -7.753  2.241   1.00 7.45  ? 149 MET A O   1 
ATOM   897  C CB  . MET A 1 107 ? 11.785  -5.883  2.243   1.00 6.38  ? 149 MET A CB  1 
ATOM   898  C CG  . MET A 1 107 ? 13.164  -5.799  2.899   1.00 6.35  ? 149 MET A CG  1 
ATOM   899  S SD  . MET A 1 107 ? 13.862  -4.190  3.044   1.00 8.94  ? 149 MET A SD  1 
ATOM   900  C CE  . MET A 1 107 ? 13.187  -3.657  4.562   1.00 10.23 ? 149 MET A CE  1 
ATOM   901  N N   . ALA A 1 108 ? 9.634   -6.903  0.278   1.00 6.73  ? 150 ALA A N   1 
ATOM   902  C CA  . ALA A 1 108 ? 8.285   -6.963  -0.274  1.00 6.58  ? 150 ALA A CA  1 
ATOM   903  C C   . ALA A 1 108 ? 7.737   -8.382  -0.284  1.00 6.39  ? 150 ALA A C   1 
ATOM   904  O O   . ALA A 1 108 ? 6.552   -8.577  0.008   1.00 7.96  ? 150 ALA A O   1 
ATOM   905  C CB  . ALA A 1 108 ? 8.252   -6.342  -1.670  1.00 8.22  ? 150 ALA A CB  1 
ATOM   906  N N   . GLU A 1 109 ? 8.546   -9.352  -0.705  1.00 7.66  ? 151 GLU A N   1 
ATOM   907  C CA  . GLU A 1 109 ? 8.078   -10.731 -0.788  1.00 8.25  ? 151 GLU A CA  1 
ATOM   908  C C   . GLU A 1 109 ? 7.562   -11.201 0.565   1.00 8.22  ? 151 GLU A C   1 
ATOM   909  O O   . GLU A 1 109 ? 6.521   -11.884 0.661   1.00 8.89  ? 151 GLU A O   1 
ATOM   910  C CB  . GLU A 1 109 ? 9.229   -11.639 -1.230  1.00 10.32 ? 151 GLU A CB  1 
ATOM   911  C CG  . GLU A 1 109 ? 9.614   -11.557 -2.713  1.00 11.53 ? 151 GLU A CG  1 
ATOM   912  C CD  . GLU A 1 109 ? 10.988  -12.170 -3.070  1.00 10.91 ? 151 GLU A CD  1 
ATOM   913  O OE1 . GLU A 1 109 ? 11.688  -12.619 -2.161  1.00 15.13 ? 151 GLU A OE1 1 
ATOM   914  O OE2 . GLU A 1 109 ? 11.264  -12.258 -4.298  1.00 13.04 ? 151 GLU A OE2 1 
ATOM   915  N N   . ALA A 1 110 ? 8.330   -10.927 1.623   1.00 8.37  ? 152 ALA A N   1 
ATOM   916  C CA  . ALA A 1 110 ? 7.912   -11.356 2.958   1.00 9.08  ? 152 ALA A CA  1 
ATOM   917  C C   . ALA A 1 110 ? 6.634   -10.656 3.392   1.00 8.19  ? 152 ALA A C   1 
ATOM   918  O O   . ALA A 1 110 ? 5.730   -11.284 3.963   1.00 9.69  ? 152 ALA A O   1 
ATOM   919  C CB  . ALA A 1 110 ? 9.048   -11.026 3.942   1.00 11.12 ? 152 ALA A CB  1 
ATOM   920  N N   . LEU A 1 111 ? 6.533   -9.345  3.151   1.00 8.62  ? 153 LEU A N   1 
ATOM   921  C CA  . LEU A 1 111 ? 5.338   -8.609  3.533   1.00 9.49  ? 153 LEU A CA  1 
ATOM   922  C C   . LEU A 1 111 ? 4.123   -9.076  2.737   1.00 8.32  ? 153 LEU A C   1 
ATOM   923  O O   . LEU A 1 111 ? 3.004   -9.140  3.273   1.00 8.79  ? 153 LEU A O   1 
ATOM   924  C CB  . LEU A 1 111 ? 5.574   -7.129  3.284   1.00 10.57 ? 153 LEU A CB  1 
ATOM   925  C CG  . LEU A 1 111 ? 6.419   -6.432  4.301   1.00 13.53 ? 153 LEU A CG  1 
ATOM   926  C CD1 . LEU A 1 111 ? 6.556   -5.002  3.882   1.00 16.24 ? 153 LEU A CD1 1 
ATOM   927  C CD2 . LEU A 1 111 ? 5.782   -6.478  5.683   1.00 15.50 ? 153 LEU A CD2 1 
ATOM   928  N N   . GLU A 1 112 ? 4.311   -9.357  1.454   1.00 7.59  ? 154 GLU A N   1 
ATOM   929  C CA  . GLU A 1 112 ? 3.212   -9.831  0.634   1.00 7.16  ? 154 GLU A CA  1 
ATOM   930  C C   . GLU A 1 112 ? 2.668   -11.155 1.170   1.00 7.37  ? 154 GLU A C   1 
ATOM   931  O O   . GLU A 1 112 ? 1.440   -11.391 1.197   1.00 7.08  ? 154 GLU A O   1 
ATOM   932  C CB  . GLU A 1 112 ? 3.672   -9.990  -0.812  1.00 8.30  ? 154 GLU A CB  1 
ATOM   933  C CG  . GLU A 1 112 ? 2.495   -10.378 -1.699  1.00 8.99  ? 154 GLU A CG  1 
ATOM   934  C CD  . GLU A 1 112 ? 2.882   -10.633 -3.106  1.00 11.44 ? 154 GLU A CD  1 
ATOM   935  O OE1 . GLU A 1 112 ? 4.067   -10.402 -3.492  1.00 14.11 ? 154 GLU A OE1 1 
ATOM   936  O OE2 . GLU A 1 112 ? 2.028   -11.100 -3.881  1.00 12.96 ? 154 GLU A OE2 1 
ATOM   937  N N   . LYS A 1 113 ? 3.564   -12.067 1.578   1.00 7.73  ? 155 LYS A N   1 
ATOM   938  C CA  . LYS A 1 113 ? 3.087   -13.324 2.161   1.00 8.24  ? 155 LYS A CA  1 
ATOM   939  C C   . LYS A 1 113 ? 2.269   -13.074 3.414   1.00 8.63  ? 155 LYS A C   1 
ATOM   940  O O   . LYS A 1 113 ? 1.221   -13.707 3.605   1.00 8.78  ? 155 LYS A O   1 
ATOM   941  C CB  . LYS A 1 113 ? 4.275   -14.220 2.502   1.00 9.59  ? 155 LYS A CB  1 
ATOM   942  C CG  . LYS A 1 113 ? 4.855   -14.889 1.355   1.00 11.26 ? 155 LYS A CG  1 
ATOM   943  C CD  . LYS A 1 113 ? 6.096   -15.662 1.831   1.00 14.70 ? 155 LYS A CD  1 
ATOM   944  C CE  . LYS A 1 113 ? 6.888   -16.273 0.689   1.00 17.58 ? 155 LYS A CE  1 
ATOM   945  N NZ  . LYS A 1 113 ? 8.068   -17.003 1.247   1.00 17.48 ? 155 LYS A NZ  1 
ATOM   946  N N   . LEU A 1 114 ? 2.723   -12.199 4.296   1.00 8.20  ? 156 LEU A N   1 
ATOM   947  C CA  . LEU A 1 114 ? 1.955   -11.901 5.489   1.00 9.41  ? 156 LEU A CA  1 
ATOM   948  C C   . LEU A 1 114 ? 0.622   -11.264 5.132   1.00 8.55  ? 156 LEU A C   1 
ATOM   949  O O   . LEU A 1 114 ? -0.402  -11.584 5.745   1.00 8.90  ? 156 LEU A O   1 
ATOM   950  C CB  . LEU A 1 114 ? 2.774   -10.988 6.390   1.00 11.38 ? 156 LEU A CB  1 
ATOM   951  C CG  . LEU A 1 114 ? 2.214   -10.725 7.773   1.00 14.98 ? 156 LEU A CG  1 
ATOM   952  C CD1 . LEU A 1 114 ? 2.053   -12.038 8.553   1.00 23.37 ? 156 LEU A CD1 1 
ATOM   953  C CD2 . LEU A 1 114 ? 3.125   -9.728  8.543   1.00 17.33 ? 156 LEU A CD2 1 
ATOM   954  N N   . PHE A 1 115 ? 0.609   -10.355 4.160   1.00 8.15  ? 157 PHE A N   1 
ATOM   955  C CA  . PHE A 1 115 ? -0.623  -9.725  3.708   1.00 6.22  ? 157 PHE A CA  1 
ATOM   956  C C   . PHE A 1 115 ? -1.609  -10.772 3.237   1.00 7.29  ? 157 PHE A C   1 
ATOM   957  O O   . PHE A 1 115 ? -2.772  -10.776 3.646   1.00 7.38  ? 157 PHE A O   1 
ATOM   958  C CB  . PHE A 1 115 ? -0.259  -8.791  2.542   1.00 7.57  ? 157 PHE A CB  1 
ATOM   959  C CG  . PHE A 1 115 ? -1.450  -8.195  1.847   1.00 6.76  ? 157 PHE A CG  1 
ATOM   960  C CD1 . PHE A 1 115 ? -2.280  -7.308  2.508   1.00 7.51  ? 157 PHE A CD1 1 
ATOM   961  C CD2 . PHE A 1 115 ? -1.761  -8.553  0.544   1.00 10.24 ? 157 PHE A CD2 1 
ATOM   962  C CE1 . PHE A 1 115 ? -3.387  -6.771  1.844   1.00 8.98  ? 157 PHE A CE1 1 
ATOM   963  C CE2 . PHE A 1 115 ? -2.857  -7.988  -0.109  1.00 11.10 ? 157 PHE A CE2 1 
ATOM   964  C CZ  . PHE A 1 115 ? -3.652  -7.121  0.572   1.00 10.05 ? 157 PHE A CZ  1 
ATOM   965  N N   . LEU A 1 116 ? -1.162  -11.687 2.374   1.00 6.71  ? 158 LEU A N   1 
ATOM   966  C CA  . LEU A 1 116 ? -2.066  -12.723 1.881   1.00 7.50  ? 158 LEU A CA  1 
ATOM   967  C C   . LEU A 1 116 ? -2.560  -13.619 2.991   1.00 7.67  ? 158 LEU A C   1 
ATOM   968  O O   . LEU A 1 116 ? -3.752  -13.983 3.031   1.00 7.84  ? 158 LEU A O   1 
ATOM   969  C CB  . LEU A 1 116 ? -1.376  -13.574 0.813   1.00 9.08  ? 158 LEU A CB  1 
ATOM   970  C CG  . LEU A 1 116 ? -1.133  -12.823 -0.476  1.00 10.03 ? 158 LEU A CG  1 
ATOM   971  C CD1 . LEU A 1 116 ? -0.192  -13.660 -1.386  1.00 13.47 ? 158 LEU A CD1 1 
ATOM   972  C CD2 . LEU A 1 116 ? -2.414  -12.444 -1.175  1.00 13.16 ? 158 LEU A CD2 1 
ATOM   973  N N   . GLN A 1 117 ? -1.701  -13.934 3.950   1.00 8.20  ? 159 GLN A N   1 
ATOM   974  C CA  . GLN A 1 117 ? -2.163  -14.735 5.076   1.00 10.18 ? 159 GLN A CA  1 
ATOM   975  C C   . GLN A 1 117 ? -3.312  -14.040 5.780   1.00 8.96  ? 159 GLN A C   1 
ATOM   976  O O   . GLN A 1 117 ? -4.284  -14.689 6.190   1.00 9.71  ? 159 GLN A O   1 
ATOM   977  C CB  . GLN A 1 117 ? -1.019  -14.851 6.063   1.00 12.64 ? 159 GLN A CB  1 
ATOM   978  C CG  . GLN A 1 117 ? -0.841  -16.083 6.870   1.00 30.63 ? 159 GLN A CG  1 
ATOM   979  C CD  . GLN A 1 117 ? 0.566   -16.066 7.491   1.00 27.02 ? 159 GLN A CD  1 
ATOM   980  O OE1 . GLN A 1 117 ? 1.560   -16.387 6.833   1.00 40.18 ? 159 GLN A OE1 1 
ATOM   981  N NE2 . GLN A 1 117 ? 0.650   -15.590 8.719   1.00 26.24 ? 159 GLN A NE2 1 
ATOM   982  N N   . LYS A 1 118 ? -3.183  -12.737 6.002   1.00 8.38  ? 160 LYS A N   1 
ATOM   983  C CA  . LYS A 1 118 ? -4.188  -11.990 6.735   1.00 9.01  ? 160 LYS A CA  1 
ATOM   984  C C   . LYS A 1 118 ? -5.478  -11.738 5.971   1.00 8.03  ? 160 LYS A C   1 
ATOM   985  O O   . LYS A 1 118 ? -6.539  -11.658 6.599   1.00 9.33  ? 160 LYS A O   1 
ATOM   986  C CB  . LYS A 1 118 ? -3.569  -10.737 7.314   1.00 12.83 ? 160 LYS A CB  1 
ATOM   987  C CG  . LYS A 1 118 ? -2.504  -11.125 8.375   1.00 14.68 ? 160 LYS A CG  1 
ATOM   988  C CD  . LYS A 1 118 ? -1.783  -9.942  9.013   1.00 17.26 ? 160 LYS A CD  1 
ATOM   989  C CE  . LYS A 1 118 ? -0.626  -10.416 9.909   1.00 20.16 ? 160 LYS A CE  1 
ATOM   990  N NZ  . LYS A 1 118 ? -0.997  -11.380 10.994  1.00 16.49 ? 160 LYS A NZ  1 
ATOM   991  N N   . ILE A 1 119 ? -5.425  -11.612 4.640   1.00 8.16  ? 161 ILE A N   1 
ATOM   992  C CA  . ILE A 1 119 ? -6.652  -11.398 3.892   1.00 8.56  ? 161 ILE A CA  1 
ATOM   993  C C   . ILE A 1 119 ? -7.276  -12.706 3.417   1.00 9.85  ? 161 ILE A C   1 
ATOM   994  O O   . ILE A 1 119 ? -8.357  -12.693 2.793   1.00 10.37 ? 161 ILE A O   1 
ATOM   995  C CB  . ILE A 1 119 ? -6.501  -10.400 2.730   1.00 8.69  ? 161 ILE A CB  1 
ATOM   996  C CG1 . ILE A 1 119 ? -5.649  -10.981 1.599   1.00 8.83  ? 161 ILE A CG1 1 
ATOM   997  C CG2 . ILE A 1 119 ? -5.978  -9.034  3.236   1.00 9.36  ? 161 ILE A CG2 1 
ATOM   998  C CD1 . ILE A 1 119 ? -5.810  -10.273 0.288   1.00 9.89  ? 161 ILE A CD1 1 
ATOM   999  N N   . ASN A 1 120 ? -6.655  -13.847 3.703   1.00 8.53  ? 162 ASN A N   1 
ATOM   1000 C CA  . ASN A 1 120 ? -7.210  -15.120 3.252   1.00 13.10 ? 162 ASN A CA  1 
ATOM   1001 C C   . ASN A 1 120 ? -8.637  -15.287 3.748   1.00 12.86 ? 162 ASN A C   1 
ATOM   1002 O O   . ASN A 1 120 ? -9.514  -15.740 2.988   1.00 15.70 ? 162 ASN A O   1 
ATOM   1003 C CB  . ASN A 1 120 ? -6.314  -16.239 3.758   1.00 12.43 ? 162 ASN A CB  1 
ATOM   1004 C CG  . ASN A 1 120 ? -6.700  -17.600 3.264   1.00 15.78 ? 162 ASN A CG  1 
ATOM   1005 O OD1 . ASN A 1 120 ? -7.467  -18.282 3.923   1.00 23.19 ? 162 ASN A OD1 1 
ATOM   1006 N ND2 . ASN A 1 120 ? -6.098  -18.058 2.151   1.00 18.71 ? 162 ASN A ND2 1 
ATOM   1007 N N   . GLU A 1 121 ? -8.895  -14.879 4.988   1.00 13.49 ? 163 GLU A N   1 
ATOM   1008 C CA  . GLU A 1 121 ? -10.226 -14.904 5.584   1.00 14.18 ? 163 GLU A CA  1 
ATOM   1009 C C   . GLU A 1 121 ? -10.513 -13.518 6.134   1.00 12.36 ? 163 GLU A C   1 
ATOM   1010 O O   . GLU A 1 121 ? -9.749  -13.008 6.974   1.00 11.92 ? 163 GLU A O   1 
ATOM   1011 C CB  . GLU A 1 121 ? -10.338 -15.919 6.716   1.00 17.03 ? 163 GLU A CB  1 
ATOM   1012 C CG  . GLU A 1 121 ? -10.558 -17.291 6.263   1.00 22.58 ? 163 GLU A CG  1 
ATOM   1013 C CD  . GLU A 1 121 ? -10.882 -18.173 7.426   1.00 27.01 ? 163 GLU A CD  1 
ATOM   1014 O OE1 . GLU A 1 121 ? -10.799 -17.648 8.578   1.00 27.02 ? 163 GLU A OE1 1 
ATOM   1015 O OE2 . GLU A 1 121 ? -11.227 -19.362 7.211   1.00 30.26 ? 163 GLU A OE2 1 
ATOM   1016 N N   . LEU A 1 122 ? -11.602 -12.930 5.665   1.00 13.66 ? 164 LEU A N   1 
ATOM   1017 C CA  . LEU A 1 122 ? -12.042 -11.622 6.081   1.00 14.57 ? 164 LEU A CA  1 
ATOM   1018 C C   . LEU A 1 122 ? -13.330 -11.787 6.846   1.00 14.87 ? 164 LEU A C   1 
ATOM   1019 O O   . LEU A 1 122 ? -14.034 -12.792 6.684   1.00 14.34 ? 164 LEU A O   1 
ATOM   1020 C CB  . LEU A 1 122 ? -12.281 -10.719 4.863   1.00 14.78 ? 164 LEU A CB  1 
ATOM   1021 C CG  . LEU A 1 122 ? -11.061 -10.405 4.010   1.00 14.70 ? 164 LEU A CG  1 
ATOM   1022 C CD1 . LEU A 1 122 ? -11.539 -9.540  2.831   1.00 17.09 ? 164 LEU A CD1 1 
ATOM   1023 C CD2 . LEU A 1 122 ? -9.977  -9.690  4.824   1.00 12.97 ? 164 LEU A CD2 1 
ATOM   1024 N N   . PRO A 1 123 ? -13.690 -10.845 7.700   1.00 14.34 ? 165 PRO A N   1 
ATOM   1025 C CA  . PRO A 1 123 ? -15.026 -10.944 8.310   1.00 16.97 ? 165 PRO A CA  1 
ATOM   1026 C C   . PRO A 1 123 ? -16.141 -10.822 7.270   1.00 19.19 ? 165 PRO A C   1 
ATOM   1027 O O   . PRO A 1 123 ? -15.949 -10.389 6.127   1.00 18.58 ? 165 PRO A O   1 
ATOM   1028 C CB  . PRO A 1 123 ? -15.046 -9.807  9.335   1.00 18.94 ? 165 PRO A CB  1 
ATOM   1029 C CG  . PRO A 1 123 ? -13.966 -8.891  8.911   1.00 18.99 ? 165 PRO A CG  1 
ATOM   1030 C CD  . PRO A 1 123 ? -12.951 -9.647  8.129   1.00 16.30 ? 165 PRO A CD  1 
ATOM   1031 N N   . THR A 1 124 ? -17.326 -11.255 7.672   1.00 22.53 ? 166 THR A N   1 
ATOM   1032 C CA  . THR A 1 124 ? -18.498 -11.183 6.807   1.00 26.81 ? 166 THR A CA  1 
ATOM   1033 C C   . THR A 1 124 ? -19.272 -9.893  7.079   1.00 31.16 ? 166 THR A C   1 
ATOM   1034 O O   . THR A 1 124 ? -19.079 -9.225  8.097   1.00 31.29 ? 166 THR A O   1 
ATOM   1035 C CB  . THR A 1 124 ? -19.422 -12.371 7.074   1.00 28.65 ? 166 THR A CB  1 
ATOM   1036 O OG1 . THR A 1 124 ? -19.805 -12.321 8.449   1.00 29.90 ? 166 THR A OG1 1 
ATOM   1037 C CG2 . THR A 1 124 ? -18.710 -13.680 6.801   1.00 28.96 ? 166 THR A CG2 1 
ATOM   1038 N N   . GLU A 1 125 ? -20.173 -9.560  6.162   1.00 35.85 ? 167 GLU A N   1 
ATOM   1039 C CA  . GLU A 1 125 ? -21.129 -8.476  6.400   1.00 39.78 ? 167 GLU A CA  1 
ATOM   1040 C C   . GLU A 1 125 ? -22.132 -8.915  7.457   1.00 40.79 ? 167 GLU A C   1 
ATOM   1041 O O   . GLU A 1 125 ? -22.731 -8.081  8.133   1.00 41.91 ? 167 GLU A O   1 
ATOM   1042 C CB  . GLU A 1 125 ? -21.888 -8.110  5.122   1.00 42.37 ? 167 GLU A CB  1 
ATOM   1043 C CG  . GLU A 1 125 ? -21.025 -8.017  3.890   1.00 43.67 ? 167 GLU A CG  1 
ATOM   1044 C CD  . GLU A 1 125 ? -19.921 -6.992  4.025   1.00 45.45 ? 167 GLU A CD  1 
ATOM   1045 O OE1 . GLU A 1 125 ? -20.108 -5.957  4.710   1.00 46.45 ? 167 GLU A OE1 1 
ATOM   1046 O OE2 . GLU A 1 125 ? -18.840 -7.223  3.452   1.00 46.38 ? 167 GLU A OE2 1 
HETATM 1047 C C1  . C6X B 2 .   ? 15.641  -0.212  0.861   1.00 10.18 ? 201 C6X A C1  1 
HETATM 1048 C C10 . C6X B 2 .   ? 16.024  2.260   0.305   1.00 8.04  ? 201 C6X A C10 1 
HETATM 1049 C C12 . C6X B 2 .   ? 14.492  2.186   -1.585  1.00 7.88  ? 201 C6X A C12 1 
HETATM 1050 C C13 . C6X B 2 .   ? 13.216  1.749   -2.035  1.00 6.96  ? 201 C6X A C13 1 
HETATM 1051 C C14 . C6X B 2 .   ? 13.100  1.082   -3.297  1.00 7.27  ? 201 C6X A C14 1 
HETATM 1052 C C15 . C6X B 2 .   ? 14.173  0.891   -4.131  1.00 7.83  ? 201 C6X A C15 1 
HETATM 1053 C C16 . C6X B 2 .   ? 15.423  1.353   -3.677  1.00 9.79  ? 201 C6X A C16 1 
HETATM 1054 C C17 . C6X B 2 .   ? 15.544  2.028   -2.468  1.00 7.99  ? 201 C6X A C17 1 
HETATM 1055 C C18 . C6X B 2 .   ? 13.828  3.355   0.533   1.00 8.57  ? 201 C6X A C18 1 
HETATM 1056 C C2  . C6X B 2 .   ? 16.395  0.778   0.243   1.00 8.04  ? 201 C6X A C2  1 
HETATM 1057 C C20 . C6X B 2 .   ? 13.855  4.701   2.475   1.00 10.62 ? 201 C6X A C20 1 
HETATM 1058 C C21 . C6X B 2 .   ? 12.482  4.598   2.586   1.00 11.63 ? 201 C6X A C21 1 
HETATM 1059 C C22 . C6X B 2 .   ? 11.739  3.917   1.588   1.00 8.62  ? 201 C6X A C22 1 
HETATM 1060 C C23 . C6X B 2 .   ? 12.372  3.224   0.576   1.00 7.66  ? 201 C6X A C23 1 
HETATM 1061 C C24 . C6X B 2 .   ? 11.896  1.772   -1.509  1.00 6.69  ? 201 C6X A C24 1 
HETATM 1062 C C26 . C6X B 2 .   ? 11.688  0.704   -3.386  1.00 6.67  ? 201 C6X A C26 1 
HETATM 1063 C C28 . C6X B 2 .   ? 9.555   0.956   -2.083  1.00 8.55  ? 201 C6X A C28 1 
HETATM 1064 C C29 . C6X B 2 .   ? 11.508  2.455   -0.324  1.00 7.69  ? 201 C6X A C29 1 
HETATM 1065 C C3  . C6X B 2 .   ? 17.536  0.401   -0.402  1.00 9.67  ? 201 C6X A C3  1 
HETATM 1066 C C4  . C6X B 2 .   ? 17.930  -0.947  -0.491  1.00 10.94 ? 201 C6X A C4  1 
HETATM 1067 C C5  . C6X B 2 .   ? 17.167  -1.911  0.116   1.00 10.84 ? 201 C6X A C5  1 
HETATM 1068 C C6  . C6X B 2 .   ? 16.052  -1.548  0.792   1.00 9.36  ? 201 C6X A C6  1 
HETATM 1069 C C7  . C6X B 2 .   ? 19.207  -1.345  -1.207  1.00 11.47 ? 201 C6X A C7  1 
HETATM 1070 N N11 . C6X B 2 .   ? 14.679  2.644   -0.286  1.00 8.82  ? 201 C6X A N11 1 
HETATM 1071 N N19 . C6X B 2 .   ? 14.471  4.092   1.473   1.00 8.42  ? 201 C6X A N19 1 
HETATM 1072 N N25 . C6X B 2 .   ? 11.015  1.146   -2.323  1.00 7.53  ? 201 C6X A N25 1 
HETATM 1073 N N9  . C6X B 2 .   ? 19.505  -0.872  -2.417  1.00 12.92 ? 201 C6X A N9  1 
HETATM 1074 O O27 . C6X B 2 .   ? 11.171  0.066   -4.409  1.00 8.07  ? 201 C6X A O27 1 
HETATM 1075 O O8  . C6X B 2 .   ? 19.978  -2.139  -0.640  1.00 14.54 ? 201 C6X A O8  1 
HETATM 1076 O O   . HOH C 3 .   ? -7.618  11.896  3.775   1.00 33.83 ? 301 HOH A O   1 
HETATM 1077 O O   . HOH C 3 .   ? 20.435  7.048   -7.964  1.00 18.18 ? 302 HOH A O   1 
HETATM 1078 O O   . HOH C 3 .   ? -7.760  -12.830 8.132   1.00 5.61  ? 303 HOH A O   1 
HETATM 1079 O O   . HOH C 3 .   ? -17.578 -6.028  4.954   1.00 17.09 ? 304 HOH A O   1 
HETATM 1080 O O   . HOH C 3 .   ? 11.829  12.095  -12.850 1.00 19.59 ? 305 HOH A O   1 
HETATM 1081 O O   . HOH C 3 .   ? 12.541  -4.156  -12.953 1.00 6.21  ? 306 HOH A O   1 
HETATM 1082 O O   . HOH C 3 .   ? -14.995 10.597  -1.258  1.00 6.37  ? 307 HOH A O   1 
HETATM 1083 O O   . HOH C 3 .   ? 19.080  1.047   -3.838  1.00 21.77 ? 308 HOH A O   1 
HETATM 1084 O O   . HOH C 3 .   ? 7.635   -18.447 3.156   1.00 34.98 ? 309 HOH A O   1 
HETATM 1085 O O   . HOH C 3 .   ? -9.292  -20.845 7.276   1.00 21.93 ? 310 HOH A O   1 
HETATM 1086 O O   . HOH C 3 .   ? 15.885  1.807   -12.666 1.00 32.17 ? 311 HOH A O   1 
HETATM 1087 O O   . HOH C 3 .   ? -13.904 15.113  -6.165  1.00 20.30 ? 312 HOH A O   1 
HETATM 1088 O O   . HOH C 3 .   ? -9.875  -19.701 9.675   1.00 18.82 ? 313 HOH A O   1 
HETATM 1089 O O   . HOH C 3 .   ? 10.018  -11.680 -6.449  1.00 19.29 ? 314 HOH A O   1 
HETATM 1090 O O   . HOH C 3 .   ? -15.193 -14.844 5.684   1.00 18.50 ? 315 HOH A O   1 
HETATM 1091 O O   . HOH C 3 .   ? 13.756  -12.319 -5.097  1.00 16.27 ? 316 HOH A O   1 
HETATM 1092 O O   . HOH C 3 .   ? 14.522  12.791  -12.060 1.00 25.73 ? 317 HOH A O   1 
HETATM 1093 O O   . HOH C 3 .   ? 10.792  12.695  2.762   1.00 24.81 ? 318 HOH A O   1 
HETATM 1094 O O   . HOH C 3 .   ? 2.753   0.694   14.868  1.00 24.33 ? 319 HOH A O   1 
HETATM 1095 O O   . HOH C 3 .   ? -1.728  14.621  -3.384  1.00 30.71 ? 320 HOH A O   1 
HETATM 1096 O O   . HOH C 3 .   ? 8.539   0.383   -5.354  1.00 6.90  ? 321 HOH A O   1 
HETATM 1097 O O   . HOH C 3 .   ? 8.833   4.968   7.992   1.00 19.41 ? 322 HOH A O   1 
HETATM 1098 O O   . HOH C 3 .   ? -9.272  -16.726 10.541  1.00 19.44 ? 323 HOH A O   1 
HETATM 1099 O O   . HOH C 3 .   ? 7.123   1.644   -16.557 1.00 21.58 ? 324 HOH A O   1 
HETATM 1100 O O   . HOH C 3 .   ? -8.060  -19.128 6.379   1.00 29.32 ? 325 HOH A O   1 
HETATM 1101 O O   . HOH C 3 .   ? 17.351  -3.167  -8.910  1.00 16.35 ? 326 HOH A O   1 
HETATM 1102 O O   . HOH C 3 .   ? -8.912  3.407   -5.605  1.00 22.45 ? 327 HOH A O   1 
HETATM 1103 O O   . HOH C 3 .   ? 20.287  -3.305  1.748   1.00 11.68 ? 328 HOH A O   1 
HETATM 1104 O O   . HOH C 3 .   ? 2.767   -15.697 10.353  1.00 29.13 ? 329 HOH A O   1 
HETATM 1105 O O   . HOH C 3 .   ? 5.271   17.924  -7.396  1.00 41.46 ? 330 HOH A O   1 
HETATM 1106 O O   . HOH C 3 .   ? -13.876 -8.495  -0.245  1.00 28.02 ? 331 HOH A O   1 
HETATM 1107 O O   . HOH C 3 .   ? -6.821  -14.735 7.075   1.00 10.38 ? 332 HOH A O   1 
HETATM 1108 O O   . HOH C 3 .   ? -8.059  14.636  -4.894  1.00 29.84 ? 333 HOH A O   1 
HETATM 1109 O O   . HOH C 3 .   ? -15.421 -4.875  -6.608  1.00 30.90 ? 334 HOH A O   1 
HETATM 1110 O O   . HOH C 3 .   ? -8.201  5.785   -6.461  1.00 23.37 ? 335 HOH A O   1 
HETATM 1111 O O   . HOH C 3 .   ? 19.358  -8.947  -7.338  1.00 20.16 ? 336 HOH A O   1 
HETATM 1112 O O   . HOH C 3 .   ? -1.199  6.224   -7.511  1.00 23.95 ? 337 HOH A O   1 
HETATM 1113 O O   . HOH C 3 .   ? 19.864  -9.324  -1.520  1.00 13.69 ? 338 HOH A O   1 
HETATM 1114 O O   . HOH C 3 .   ? -3.959  0.555   -7.091  1.00 17.32 ? 339 HOH A O   1 
HETATM 1115 O O   . HOH C 3 .   ? 21.420  -8.943  1.932   1.00 13.50 ? 340 HOH A O   1 
HETATM 1116 O O   . HOH C 3 .   ? -15.797 -4.186  1.820   1.00 10.45 ? 341 HOH A O   1 
HETATM 1117 O O   . HOH C 3 .   ? 5.794   1.889   -2.361  1.00 7.98  ? 342 HOH A O   1 
HETATM 1118 O O   . HOH C 3 .   ? 9.292   3.060   10.817  1.00 30.57 ? 343 HOH A O   1 
HETATM 1119 O O   . HOH C 3 .   ? -3.059  -10.549 12.566  1.00 20.68 ? 344 HOH A O   1 
HETATM 1120 O O   . HOH C 3 .   ? 1.837   -1.873  -10.158 1.00 17.65 ? 345 HOH A O   1 
HETATM 1121 O O   . HOH C 3 .   ? 3.800   7.661   6.872   1.00 31.00 ? 346 HOH A O   1 
HETATM 1122 O O   . HOH C 3 .   ? -7.538  0.862   -5.453  1.00 16.19 ? 347 HOH A O   1 
HETATM 1123 O O   . HOH C 3 .   ? -5.116  -14.606 0.753   1.00 9.66  ? 348 HOH A O   1 
HETATM 1124 O O   . HOH C 3 .   ? 2.378   9.851   -6.497  1.00 13.38 ? 349 HOH A O   1 
HETATM 1125 O O   . HOH C 3 .   ? -9.823  16.112  -1.604  1.00 33.69 ? 350 HOH A O   1 
HETATM 1126 O O   . HOH C 3 .   ? -0.565  10.028  -0.211  1.00 14.31 ? 351 HOH A O   1 
HETATM 1127 O O   . HOH C 3 .   ? 7.447   10.415  1.569   1.00 17.36 ? 352 HOH A O   1 
HETATM 1128 O O   . HOH C 3 .   ? -14.726 -5.520  11.122  1.00 32.18 ? 353 HOH A O   1 
HETATM 1129 O O   . HOH C 3 .   ? -15.804 4.823   -4.145  1.00 20.59 ? 354 HOH A O   1 
HETATM 1130 O O   . HOH C 3 .   ? -6.252  10.307  8.459   1.00 33.27 ? 355 HOH A O   1 
HETATM 1131 O O   . HOH C 3 .   ? 6.487   -13.405 5.548   1.00 15.22 ? 356 HOH A O   1 
HETATM 1132 O O   . HOH C 3 .   ? 11.934  -12.621 1.813   1.00 20.83 ? 357 HOH A O   1 
HETATM 1133 O O   . HOH C 3 .   ? -5.912  -7.112  -6.270  1.00 33.98 ? 358 HOH A O   1 
HETATM 1134 O O   . HOH C 3 .   ? -6.203  4.779   12.765  1.00 28.36 ? 359 HOH A O   1 
HETATM 1135 O O   . HOH C 3 .   ? -16.418 -4.204  12.538  1.00 35.32 ? 360 HOH A O   1 
HETATM 1136 O O   . HOH C 3 .   ? 7.432   11.588  -2.919  1.00 17.33 ? 361 HOH A O   1 
HETATM 1137 O O   . HOH C 3 .   ? 13.575  -2.783  10.613  1.00 25.11 ? 362 HOH A O   1 
HETATM 1138 O O   . HOH C 3 .   ? 2.954   6.328   -3.150  1.00 9.35  ? 363 HOH A O   1 
HETATM 1139 O O   . HOH C 3 .   ? 5.085   2.781   -5.099  1.00 9.49  ? 364 HOH A O   1 
HETATM 1140 O O   . HOH C 3 .   ? -12.166 4.672   8.956   1.00 29.00 ? 365 HOH A O   1 
HETATM 1141 O O   . HOH C 3 .   ? 6.957   3.227   -0.281  1.00 8.10  ? 366 HOH A O   1 
HETATM 1142 O O   . HOH C 3 .   ? -2.958  -8.636  14.536  1.00 16.96 ? 367 HOH A O   1 
HETATM 1143 O O   . HOH C 3 .   ? -21.683 -4.852  -0.626  1.00 29.53 ? 368 HOH A O   1 
HETATM 1144 O O   . HOH C 3 .   ? 9.203   5.660   1.130   1.00 14.34 ? 369 HOH A O   1 
HETATM 1145 O O   . HOH C 3 .   ? 18.608  3.319   -10.800 1.00 35.45 ? 370 HOH A O   1 
HETATM 1146 O O   . HOH C 3 .   ? 19.708  -5.258  -2.953  1.00 15.04 ? 371 HOH A O   1 
HETATM 1147 O O   . HOH C 3 .   ? 13.530  0.272   -12.587 1.00 12.24 ? 372 HOH A O   1 
HETATM 1148 O O   . HOH C 3 .   ? -1.035  -1.764  -10.227 1.00 33.15 ? 373 HOH A O   1 
HETATM 1149 O O   . HOH C 3 .   ? 16.969  -2.610  -5.492  1.00 12.70 ? 374 HOH A O   1 
HETATM 1150 O O   . HOH C 3 .   ? 3.052   1.652   -11.214 1.00 12.51 ? 375 HOH A O   1 
HETATM 1151 O O   . HOH C 3 .   ? -1.290  -14.037 10.113  1.00 16.52 ? 376 HOH A O   1 
HETATM 1152 O O   . HOH C 3 .   ? 16.074  11.191  7.170   1.00 19.06 ? 377 HOH A O   1 
HETATM 1153 O O   . HOH C 3 .   ? -2.423  8.390   9.058   1.00 30.85 ? 378 HOH A O   1 
HETATM 1154 O O   . HOH C 3 .   ? -0.750  -10.652 -4.080  1.00 21.80 ? 379 HOH A O   1 
HETATM 1155 O O   . HOH C 3 .   ? 5.319   15.782  -3.832  1.00 28.66 ? 380 HOH A O   1 
HETATM 1156 O O   . HOH C 3 .   ? 7.827   -0.836  11.571  1.00 22.53 ? 381 HOH A O   1 
HETATM 1157 O O   . HOH C 3 .   ? 11.451  9.876   -9.950  1.00 17.34 ? 382 HOH A O   1 
HETATM 1158 O O   . HOH C 3 .   ? 20.072  -9.169  -13.237 1.00 31.62 ? 383 HOH A O   1 
HETATM 1159 O O   . HOH C 3 .   ? 9.773   -14.792 1.746   1.00 30.75 ? 384 HOH A O   1 
HETATM 1160 O O   . HOH C 3 .   ? 6.672   -0.452  -3.492  1.00 7.21  ? 385 HOH A O   1 
HETATM 1161 O O   . HOH C 3 .   ? -5.544  3.779   -6.252  1.00 17.69 ? 386 HOH A O   1 
HETATM 1162 O O   . HOH C 3 .   ? -20.116 9.034   0.504   1.00 16.43 ? 387 HOH A O   1 
HETATM 1163 O O   . HOH C 3 .   ? 0.352   -0.205  13.680  1.00 26.09 ? 388 HOH A O   1 
HETATM 1164 O O   . HOH C 3 .   ? 20.659  -4.925  -7.673  1.00 34.17 ? 389 HOH A O   1 
HETATM 1165 O O   . HOH C 3 .   ? -13.230 -14.093 3.629   1.00 22.85 ? 390 HOH A O   1 
HETATM 1166 O O   . HOH C 3 .   ? -4.302  -17.532 5.929   1.00 21.19 ? 391 HOH A O   1 
HETATM 1167 O O   . HOH C 3 .   ? 17.954  -11.194 -10.551 1.00 30.65 ? 392 HOH A O   1 
HETATM 1168 O O   . HOH C 3 .   ? -12.214 2.092   9.875   1.00 30.60 ? 393 HOH A O   1 
HETATM 1169 O O   . HOH C 3 .   ? -14.433 2.431   -6.038  1.00 33.41 ? 394 HOH A O   1 
HETATM 1170 O O   . HOH C 3 .   ? -3.708  -3.850  -8.084  1.00 25.91 ? 395 HOH A O   1 
HETATM 1171 O O   . HOH C 3 .   ? 19.949  5.525   -4.097  1.00 21.50 ? 396 HOH A O   1 
HETATM 1172 O O   . HOH C 3 .   ? 9.795   -1.595  9.784   1.00 11.30 ? 397 HOH A O   1 
HETATM 1173 O O   . HOH C 3 .   ? 4.809   11.642  -3.968  1.00 14.76 ? 398 HOH A O   1 
HETATM 1174 O O   . HOH C 3 .   ? 10.813  7.808   0.876   1.00 13.40 ? 399 HOH A O   1 
HETATM 1175 O O   . HOH C 3 .   ? -17.509 -11.777 10.504  1.00 25.49 ? 400 HOH A O   1 
HETATM 1176 O O   . HOH C 3 .   ? 4.247   -15.530 6.220   1.00 34.12 ? 401 HOH A O   1 
HETATM 1177 O O   . HOH C 3 .   ? 5.001   4.554   12.682  1.00 26.21 ? 402 HOH A O   1 
HETATM 1178 O O   . HOH C 3 .   ? -12.716 -8.286  13.369  1.00 27.14 ? 403 HOH A O   1 
HETATM 1179 O O   . HOH C 3 .   ? 7.919   -12.539 7.885   1.00 21.17 ? 404 HOH A O   1 
HETATM 1180 O O   . HOH C 3 .   ? -17.183 11.682  5.921   1.00 23.52 ? 405 HOH A O   1 
HETATM 1181 O O   . HOH C 3 .   ? -5.833  14.020  -0.964  1.00 17.53 ? 406 HOH A O   1 
HETATM 1182 O O   . HOH C 3 .   ? -14.421 8.340   -1.509  1.00 14.25 ? 407 HOH A O   1 
HETATM 1183 O O   . HOH C 3 .   ? -25.348 -7.805  6.880   1.00 40.25 ? 408 HOH A O   1 
HETATM 1184 O O   . HOH C 3 .   ? 3.960   8.751   -4.444  1.00 10.34 ? 409 HOH A O   1 
HETATM 1185 O O   . HOH C 3 .   ? -11.166 1.276   7.512   1.00 18.74 ? 410 HOH A O   1 
HETATM 1186 O O   . HOH C 3 .   ? -4.220  9.971   -6.711  1.00 19.66 ? 411 HOH A O   1 
HETATM 1187 O O   . HOH C 3 .   ? 5.478   5.327   -3.264  1.00 10.67 ? 412 HOH A O   1 
HETATM 1188 O O   . HOH C 3 .   ? -0.686  7.558   7.086   1.00 25.41 ? 413 HOH A O   1 
HETATM 1189 O O   . HOH C 3 .   ? -12.198 -4.829  12.770  1.00 28.38 ? 414 HOH A O   1 
HETATM 1190 O O   . HOH C 3 .   ? -13.057 3.081   2.985   1.00 13.15 ? 415 HOH A O   1 
HETATM 1191 O O   . HOH C 3 .   ? 17.383  -3.520  -2.814  1.00 9.81  ? 416 HOH A O   1 
HETATM 1192 O O   . HOH C 3 .   ? 9.032   -8.587  12.013  1.00 13.36 ? 417 HOH A O   1 
HETATM 1193 O O   . HOH C 3 .   ? -10.847 -0.033  11.893  1.00 27.45 ? 418 HOH A O   1 
HETATM 1194 O O   . HOH C 3 .   ? -4.741  7.008   -6.950  1.00 34.22 ? 419 HOH A O   1 
HETATM 1195 O O   . HOH C 3 .   ? -14.708 -6.114  -1.514  1.00 11.73 ? 420 HOH A O   1 
HETATM 1196 O O   . HOH C 3 .   ? -12.777 2.505   5.632   1.00 20.41 ? 421 HOH A O   1 
HETATM 1197 O O   . HOH C 3 .   ? 4.199   1.746   -13.802 1.00 21.83 ? 422 HOH A O   1 
HETATM 1198 O O   . HOH C 3 .   ? -14.591 11.706  -8.029  1.00 28.94 ? 423 HOH A O   1 
HETATM 1199 O O   . HOH C 3 .   ? 1.749   9.042   4.024   1.00 29.81 ? 424 HOH A O   1 
HETATM 1200 O O   . HOH C 3 .   ? -21.094 3.169   4.498   1.00 23.79 ? 425 HOH A O   1 
HETATM 1201 O O   . HOH C 3 .   ? -18.759 -4.172  -2.491  1.00 24.69 ? 426 HOH A O   1 
HETATM 1202 O O   . HOH C 3 .   ? -13.476 -2.945  -6.169  1.00 29.38 ? 427 HOH A O   1 
HETATM 1203 O O   . HOH C 3 .   ? 22.129  7.393   -3.592  1.00 25.22 ? 428 HOH A O   1 
HETATM 1204 O O   . HOH C 3 .   ? -15.824 -13.146 4.218   1.00 26.40 ? 429 HOH A O   1 
HETATM 1205 O O   . HOH C 3 .   ? 18.818  6.074   -9.641  1.00 22.78 ? 430 HOH A O   1 
HETATM 1206 O O   . HOH C 3 .   ? -15.888 -15.030 7.821   1.00 32.17 ? 431 HOH A O   1 
HETATM 1207 O O   . HOH C 3 .   ? -0.931  -5.142  -9.336  1.00 35.70 ? 432 HOH A O   1 
HETATM 1208 O O   . HOH C 3 .   ? -8.523  -20.330 1.719   1.00 32.96 ? 433 HOH A O   1 
HETATM 1209 O O   . HOH C 3 .   ? 22.354  -6.370  -9.525  1.00 36.17 ? 434 HOH A O   1 
HETATM 1210 O O   . HOH C 3 .   ? -8.083  -14.225 10.473  1.00 22.65 ? 435 HOH A O   1 
HETATM 1211 O O   . HOH C 3 .   ? 6.909   -2.040  15.249  1.00 28.58 ? 436 HOH A O   1 
HETATM 1212 O O   . HOH C 3 .   ? -11.628 10.011  1.959   1.00 16.22 ? 437 HOH A O   1 
HETATM 1213 O O   . HOH C 3 .   ? -5.863  -13.494 9.793   1.00 19.68 ? 438 HOH A O   1 
HETATM 1214 O O   . HOH C 3 .   ? -21.898 -2.466  -4.296  1.00 24.49 ? 439 HOH A O   1 
HETATM 1215 O O   . HOH C 3 .   ? -12.364 -21.873 5.390   1.00 26.24 ? 440 HOH A O   1 
HETATM 1216 O O   . HOH C 3 .   ? -3.568  -15.016 9.399   1.00 23.42 ? 441 HOH A O   1 
HETATM 1217 O O   . HOH C 3 .   ? 6.935   16.409  -10.571 1.00 29.10 ? 442 HOH A O   1 
HETATM 1218 O O   . HOH C 3 .   ? -6.584  -21.556 3.785   1.00 35.52 ? 443 HOH A O   1 
HETATM 1219 O O   . HOH C 3 .   ? 20.325  4.934   -6.808  1.00 27.01 ? 444 HOH A O   1 
HETATM 1220 O O   . HOH C 3 .   ? -16.660 -5.519  0.602   1.00 18.38 ? 445 HOH A O   1 
HETATM 1221 O O   . HOH C 3 .   ? -15.788 -6.987  -3.938  1.00 25.97 ? 446 HOH A O   1 
HETATM 1222 O O   . HOH C 3 .   ? -13.038 -6.727  12.371  1.00 35.10 ? 447 HOH A O   1 
HETATM 1223 O O   . HOH C 3 .   ? -7.273  -17.169 8.568   1.00 23.65 ? 448 HOH A O   1 
HETATM 1224 O O   . HOH C 3 .   ? 9.504   17.616  -5.073  1.00 32.96 ? 449 HOH A O   1 
HETATM 1225 O O   . HOH C 3 .   ? 0.093   2.167   11.684  1.00 29.72 ? 450 HOH A O   1 
HETATM 1226 O O   . HOH C 3 .   ? 8.064   -11.186 11.863  1.00 25.71 ? 451 HOH A O   1 
HETATM 1227 O O   . HOH C 3 .   ? -6.209  -4.419  -8.648  1.00 38.19 ? 452 HOH A O   1 
HETATM 1228 O O   . HOH C 3 .   ? -10.929 15.879  -6.025  1.00 32.07 ? 453 HOH A O   1 
HETATM 1229 O O   . HOH C 3 .   ? 21.446  10.079  -8.570  1.00 38.94 ? 454 HOH A O   1 
HETATM 1230 O O   . HOH C 3 .   ? -4.778  -6.114  -7.865  1.00 33.01 ? 455 HOH A O   1 
HETATM 1231 O O   . HOH C 3 .   ? 18.752  1.616   -13.026 1.00 23.22 ? 456 HOH A O   1 
HETATM 1232 O O   . HOH C 3 .   ? 5.457   -11.883 10.649  1.00 24.82 ? 457 HOH A O   1 
HETATM 1233 O O   . HOH C 3 .   ? -13.376 -16.598 5.510   1.00 25.33 ? 458 HOH A O   1 
HETATM 1234 O O   . HOH C 3 .   ? 7.512   -11.342 -6.270  1.00 16.74 ? 459 HOH A O   1 
HETATM 1235 O O   . HOH C 3 .   ? 10.305  9.138   5.344   1.00 32.53 ? 460 HOH A O   1 
HETATM 1236 O O   . HOH C 3 .   ? 14.017  13.753  6.694   1.00 29.24 ? 461 HOH A O   1 
HETATM 1237 O O   . HOH C 3 .   ? 19.276  2.896   -8.354  1.00 35.93 ? 462 HOH A O   1 
HETATM 1238 O O   . HOH C 3 .   ? 5.626   0.167   14.338  1.00 27.89 ? 463 HOH A O   1 
HETATM 1239 O O   . HOH C 3 .   ? 9.865   10.034  2.850   1.00 24.96 ? 464 HOH A O   1 
HETATM 1240 O O   . HOH C 3 .   ? 14.929  -11.776 13.412  1.00 32.11 ? 465 HOH A O   1 
HETATM 1241 O O   . HOH C 3 .   ? 11.983  6.988   5.300   1.00 33.74 ? 466 HOH A O   1 
HETATM 1242 O O   . HOH C 3 .   ? 7.411   12.481  -0.246  1.00 29.88 ? 467 HOH A O   1 
HETATM 1243 O O   . HOH C 3 .   ? -3.127  -17.053 9.415   1.00 37.47 ? 468 HOH A O   1 
HETATM 1244 O O   . HOH C 3 .   ? 12.482  13.972  4.182   1.00 23.87 ? 469 HOH A O   1 
HETATM 1245 O O   . HOH C 3 .   ? 21.370  7.170   -10.100 1.00 33.09 ? 470 HOH A O   1 
HETATM 1246 O O   . HOH C 3 .   ? 4.993   12.945  -1.294  1.00 37.04 ? 471 HOH A O   1 
HETATM 1247 O O   . HOH C 3 .   ? 8.579   7.212   9.709   1.00 40.18 ? 472 HOH A O   1 
HETATM 1248 O O   . HOH C 3 .   ? 20.149  11.910  -8.138  1.00 39.56 ? 473 HOH A O   1 
HETATM 1249 O O   . HOH C 3 .   ? 8.753   -14.565 4.725   1.00 26.55 ? 474 HOH A O   1 
HETATM 1250 O O   . HOH C 3 .   ? 17.051  -15.157 -5.909  1.00 38.39 ? 475 HOH A O   1 
HETATM 1251 O O   . HOH C 3 .   ? 11.538  8.468   3.123   1.00 29.22 ? 476 HOH A O   1 
HETATM 1252 O O   . HOH C 3 .   ? 8.770   14.165  3.759   1.00 38.26 ? 477 HOH A O   1 
HETATM 1253 O O   . HOH C 3 .   ? 1.465   7.857   8.122   1.00 36.65 ? 478 HOH A O   1 
HETATM 1254 O O   . HOH C 3 .   ? 5.447   9.777   7.145   1.00 39.13 ? 479 HOH A O   1 
HETATM 1255 O O   . HOH C 3 .   ? -3.299  -19.058 7.728   1.00 33.30 ? 480 HOH A O   1 
HETATM 1256 O O   . HOH C 3 .   ? 23.178  4.316   -6.684  1.00 29.27 ? 481 HOH A O   1 
# 
loop_
_atom_site_anisotrop.id 
_atom_site_anisotrop.type_symbol 
_atom_site_anisotrop.pdbx_label_atom_id 
_atom_site_anisotrop.pdbx_label_alt_id 
_atom_site_anisotrop.pdbx_label_comp_id 
_atom_site_anisotrop.pdbx_label_asym_id 
_atom_site_anisotrop.pdbx_label_seq_id 
_atom_site_anisotrop.pdbx_PDB_ins_code 
_atom_site_anisotrop.U[1][1] 
_atom_site_anisotrop.U[2][2] 
_atom_site_anisotrop.U[3][3] 
_atom_site_anisotrop.U[1][2] 
_atom_site_anisotrop.U[1][3] 
_atom_site_anisotrop.U[2][3] 
_atom_site_anisotrop.pdbx_auth_seq_id 
_atom_site_anisotrop.pdbx_auth_comp_id 
_atom_site_anisotrop.pdbx_auth_asym_id 
_atom_site_anisotrop.pdbx_auth_atom_id 
1    N N   . MET A 1   ? 0.3253 0.5411 0.4071 0.0000  0.0447  0.0458 43  MET A N   
2    C CA  . MET A 1   ? 0.3077 0.5511 0.4193 -0.0026 0.0267  0.0525 43  MET A CA  
3    C C   . MET A 1   ? 0.2771 0.5544 0.3635 -0.0134 0.0099  0.0587 43  MET A C   
4    O O   . MET A 1   ? 0.3071 0.5904 0.3176 0.0137  0.0207  0.0930 43  MET A O   
5    C CB  . MET A 1   ? 0.3364 0.5419 0.4543 0.0000  0.0363  0.0610 43  MET A CB  
6    C CG  . MET A 1   ? 0.3877 0.5514 0.5187 0.0084  0.0239  0.0624 43  MET A CG  
7    S SD  . MET A 1   ? 0.4287 0.5801 0.5848 0.0232  0.0265  0.0514 43  MET A SD  
8    C CE  . MET A 1   ? 0.4153 0.5801 0.5721 0.0231  0.0304  0.0552 43  MET A CE  
1007 N N   . GLU A 121 ? 0.1323 0.1691 0.2110 -0.0468 -0.0028 0.0587 163 GLU A N   
1008 C CA  . GLU A 121 ? 0.1304 0.2132 0.1954 -0.0379 -0.0035 0.0753 163 GLU A CA  
1009 C C   . GLU A 121 ? 0.1095 0.1891 0.1710 -0.0403 -0.0266 0.0814 163 GLU A C   
1010 O O   . GLU A 121 ? 0.1096 0.1820 0.1613 -0.0182 -0.0221 0.0598 163 GLU A O   
1011 C CB  . GLU A 121 ? 0.1563 0.2458 0.2449 -0.0452 0.0044  0.0824 163 GLU A CB  
1012 C CG  . GLU A 121 ? 0.2657 0.2829 0.3094 -0.0007 0.0205  0.1120 163 GLU A CG  
1013 C CD  . GLU A 121 ? 0.3342 0.2850 0.4068 0.0140  0.0168  0.1037 163 GLU A CD  
1014 O OE1 . GLU A 121 ? 0.3687 0.2196 0.4385 0.0086  -0.0036 0.0856 163 GLU A OE1 
1015 O OE2 . GLU A 121 ? 0.3389 0.3531 0.4576 0.0347  0.0023  0.0566 163 GLU A OE2 
1016 N N   . LEU A 122 ? 0.1410 0.1913 0.1864 -0.0242 -0.0362 0.0753 164 LEU A N   
1017 C CA  . LEU A 122 ? 0.1131 0.2344 0.2061 -0.0271 -0.0296 0.0975 164 LEU A CA  
1018 C C   . LEU A 122 ? 0.1302 0.2349 0.2001 -0.0321 -0.0165 0.1172 164 LEU A C   
1019 O O   . LEU A 122 ? 0.1342 0.2153 0.1953 -0.0333 -0.0090 0.0896 164 LEU A O   
1020 C CB  . LEU A 122 ? 0.0933 0.2789 0.1896 -0.0325 -0.0193 0.1013 164 LEU A CB  
1021 C CG  . LEU A 122 ? 0.1490 0.2571 0.1525 -0.0147 -0.0113 0.0912 164 LEU A CG  
1022 C CD1 . LEU A 122 ? 0.1811 0.2858 0.1824 -0.0033 -0.0178 0.1184 164 LEU A CD1 
1023 C CD2 . LEU A 122 ? 0.1307 0.2276 0.1347 -0.0390 -0.0220 0.0359 164 LEU A CD2 
1024 N N   . PRO A 123 ? 0.1285 0.2185 0.1979 -0.0452 -0.0223 0.1042 165 PRO A N   
1025 C CA  . PRO A 123 ? 0.1227 0.2715 0.2508 -0.0471 -0.0025 0.1070 165 PRO A CA  
1026 C C   . PRO A 123 ? 0.1359 0.3009 0.2921 -0.0511 0.0071  0.1265 165 PRO A C   
1027 O O   . PRO A 123 ? 0.1324 0.2865 0.2870 -0.0663 -0.0338 0.1226 165 PRO A O   
1028 C CB  . PRO A 123 ? 0.1503 0.2721 0.2972 -0.0368 0.0356  0.0966 165 PRO A CB  
1029 C CG  . PRO A 123 ? 0.1728 0.2598 0.2889 -0.0209 0.0492  0.0988 165 PRO A CG  
1030 C CD  . PRO A 123 ? 0.1607 0.2242 0.2345 -0.0275 0.0023  0.1111 165 PRO A CD  
1031 N N   . THR A 124 ? 0.1451 0.3460 0.3647 -0.0650 0.0024  0.1168 166 THR A N   
1032 C CA  . THR A 124 ? 0.1720 0.3941 0.4523 -0.0716 -0.0123 0.1117 166 THR A CA  
1033 C C   . THR A 124 ? 0.2209 0.4402 0.5228 -0.0462 0.0005  0.1181 166 THR A C   
1034 O O   . THR A 124 ? 0.2207 0.4439 0.5244 -0.0371 0.0019  0.1176 166 THR A O   
1035 C CB  . THR A 124 ? 0.2014 0.4027 0.4844 -0.0773 -0.0077 0.1044 166 THR A CB  
1036 O OG1 . THR A 124 ? 0.2197 0.4217 0.4946 -0.0729 0.0096  0.1171 166 THR A OG1 
1037 C CG2 . THR A 124 ? 0.2134 0.3901 0.4970 -0.0840 -0.0260 0.0865 166 THR A CG2 
1038 N N   . GLU A 125 ? 0.2856 0.4859 0.5907 -0.0176 0.0002  0.1185 167 GLU A N   
1039 C CA  . GLU A 125 ? 0.3364 0.5258 0.6494 0.0022  0.0041  0.1221 167 GLU A CA  
1040 C C   . GLU A 125 ? 0.3456 0.5405 0.6636 0.0053  0.0139  0.1185 167 GLU A C   
1041 O O   . GLU A 125 ? 0.3647 0.5489 0.6785 0.0071  0.0154  0.1137 167 GLU A O   
1042 C CB  . GLU A 125 ? 0.3677 0.5497 0.6923 0.0120  0.0060  0.1262 167 GLU A CB  
1043 C CG  . GLU A 125 ? 0.3701 0.5660 0.7232 0.0091  0.0117  0.1373 167 GLU A CG  
1044 C CD  . GLU A 125 ? 0.3885 0.5854 0.7529 0.0188  0.0143  0.1334 167 GLU A CD  
1045 O OE1 . GLU A 125 ? 0.4033 0.5930 0.7685 0.0254  0.0176  0.1376 167 GLU A OE1 
1046 O OE2 . GLU A 125 ? 0.4007 0.5917 0.7701 0.0223  0.0162  0.1286 167 GLU A OE2 
# 
